data_4BHB
# 
_entry.id   4BHB 
# 
_audit_conform.dict_name       mmcif_pdbx.dic 
_audit_conform.dict_version    5.383 
_audit_conform.dict_location   http://mmcif.pdb.org/dictionaries/ascii/mmcif_pdbx.dic 
# 
loop_
_database_2.database_id 
_database_2.database_code 
_database_2.pdbx_database_accession 
_database_2.pdbx_DOI 
PDB   4BHB         pdb_00004bhb 10.2210/pdb4bhb/pdb 
PDBE  EBI-56364    ?            ?                   
WWPDB D_1290056364 ?            ?                   
# 
_pdbx_database_related.db_name        PDB 
_pdbx_database_related.db_id          4BHC 
_pdbx_database_related.content_type   unspecified 
_pdbx_database_related.details        'CRYSTAL STRUCTURE OF THE M. TUBERCULOSIS O6- METHYLGUANINE METHYLTRANSFERASE R37L VARIANT' 
# 
_pdbx_database_status.status_code                     REL 
_pdbx_database_status.entry_id                        4BHB 
_pdbx_database_status.deposit_site                    PDBE 
_pdbx_database_status.process_site                    PDBE 
_pdbx_database_status.SG_entry                        . 
_pdbx_database_status.recvd_initial_deposition_date   2013-04-02 
_pdbx_database_status.pdb_format_compatible           Y 
_pdbx_database_status.status_code_sf                  REL 
_pdbx_database_status.status_code_mr                  ? 
_pdbx_database_status.status_code_cs                  ? 
_pdbx_database_status.methods_development_category    ? 
_pdbx_database_status.status_code_nmr_data            ? 
# 
loop_
_audit_author.name 
_audit_author.pdbx_ordinal 
'Miggiano, R.'   1 
'Casazza, V.'    2 
'Garavaglia, S.' 3 
'Ciaramella, M.' 4 
'Perugino, G.'   5 
'Rizzii, M.'     6 
'Rossi, F.'      7 
# 
_citation.id                        primary 
_citation.title                     
'Biochemical and Structural Studies of the Mycobacterium Tuberculosis O6-Methylguanine Methyltransferase and Mutated Variants.' 
_citation.journal_abbrev            J.Bacteriol. 
_citation.journal_volume            195 
_citation.page_first                2728 
_citation.page_last                 ? 
_citation.year                      2013 
_citation.journal_id_ASTM           JOBAAY 
_citation.country                   US 
_citation.journal_id_ISSN           0021-9193 
_citation.journal_id_CSD            0767 
_citation.book_publisher            ? 
_citation.pdbx_database_id_PubMed   23564173 
_citation.pdbx_database_id_DOI      10.1128/JB.02298-12 
# 
loop_
_citation_author.citation_id 
_citation_author.name 
_citation_author.ordinal 
_citation_author.identifier_ORCID 
primary 'Miggiano, R.'   1 ? 
primary 'Casazza, V.'    2 ? 
primary 'Garavaglia, S.' 3 ? 
primary 'Ciaramella, M.' 4 ? 
primary 'Perugino, G.'   5 ? 
primary 'Rizzi, M.'      6 ? 
primary 'Rossi, F.'      7 ? 
# 
_cell.entry_id           4BHB 
_cell.length_a           59.134 
_cell.length_b           81.752 
_cell.length_c           38.165 
_cell.angle_alpha        90.00 
_cell.angle_beta         90.00 
_cell.angle_gamma        90.00 
_cell.Z_PDB              4 
_cell.pdbx_unique_axis   ? 
# 
_symmetry.entry_id                         4BHB 
_symmetry.space_group_name_H-M             'P 21 21 2' 
_symmetry.pdbx_full_space_group_name_H-M   ? 
_symmetry.cell_setting                     ? 
_symmetry.Int_Tables_number                18 
# 
loop_
_entity.id 
_entity.type 
_entity.src_method 
_entity.pdbx_description 
_entity.formula_weight 
_entity.pdbx_number_of_molecules 
_entity.pdbx_ec 
_entity.pdbx_mutation 
_entity.pdbx_fragment 
_entity.details 
1 polymer     man 'METHYLATED-DNA--PROTEIN-CYSTEINE METHYLTRANSFERASE' 17864.156 1   2.1.1.63 YES ? ? 
2 non-polymer syn GLYCEROL                                             92.094    2   ?        ?   ? ? 
3 water       nat water                                                18.015    118 ?        ?   ? ? 
# 
_entity_name_com.entity_id   1 
_entity_name_com.name        '6-O-METHYLGUANINE-DNA METHYLTRANSFERASE, MGMT, O-6-METHYLGUANINE-DNA-ALKYLTRANSFERASE' 
# 
_entity_poly.entity_id                      1 
_entity_poly.type                           'polypeptide(L)' 
_entity_poly.nstd_linkage                   no 
_entity_poly.nstd_monomer                   no 
_entity_poly.pdbx_seq_one_letter_code       
;MVHYRTIDSPIGPLTLAGHGSVLTNLRMLEQTYEPSRTHWTPDPGAFSGAVDQLNAYFAGELTEFDVELDLRGTDFQQRV
WKALLTIPYGETRSYGEIADQIGAPGAARAVGLANGHNPIAIIVPCHRVIGASGKLTGYGGGINRKRALLELEKSRAPAD
LTLFD
;
_entity_poly.pdbx_seq_one_letter_code_can   
;MVHYRTIDSPIGPLTLAGHGSVLTNLRMLEQTYEPSRTHWTPDPGAFSGAVDQLNAYFAGELTEFDVELDLRGTDFQQRV
WKALLTIPYGETRSYGEIADQIGAPGAARAVGLANGHNPIAIIVPCHRVIGASGKLTGYGGGINRKRALLELEKSRAPAD
LTLFD
;
_entity_poly.pdbx_strand_id                 A 
_entity_poly.pdbx_target_identifier         ? 
# 
loop_
_entity_poly_seq.entity_id 
_entity_poly_seq.num 
_entity_poly_seq.mon_id 
_entity_poly_seq.hetero 
1 1   MET n 
1 2   VAL n 
1 3   HIS n 
1 4   TYR n 
1 5   ARG n 
1 6   THR n 
1 7   ILE n 
1 8   ASP n 
1 9   SER n 
1 10  PRO n 
1 11  ILE n 
1 12  GLY n 
1 13  PRO n 
1 14  LEU n 
1 15  THR n 
1 16  LEU n 
1 17  ALA n 
1 18  GLY n 
1 19  HIS n 
1 20  GLY n 
1 21  SER n 
1 22  VAL n 
1 23  LEU n 
1 24  THR n 
1 25  ASN n 
1 26  LEU n 
1 27  ARG n 
1 28  MET n 
1 29  LEU n 
1 30  GLU n 
1 31  GLN n 
1 32  THR n 
1 33  TYR n 
1 34  GLU n 
1 35  PRO n 
1 36  SER n 
1 37  ARG n 
1 38  THR n 
1 39  HIS n 
1 40  TRP n 
1 41  THR n 
1 42  PRO n 
1 43  ASP n 
1 44  PRO n 
1 45  GLY n 
1 46  ALA n 
1 47  PHE n 
1 48  SER n 
1 49  GLY n 
1 50  ALA n 
1 51  VAL n 
1 52  ASP n 
1 53  GLN n 
1 54  LEU n 
1 55  ASN n 
1 56  ALA n 
1 57  TYR n 
1 58  PHE n 
1 59  ALA n 
1 60  GLY n 
1 61  GLU n 
1 62  LEU n 
1 63  THR n 
1 64  GLU n 
1 65  PHE n 
1 66  ASP n 
1 67  VAL n 
1 68  GLU n 
1 69  LEU n 
1 70  ASP n 
1 71  LEU n 
1 72  ARG n 
1 73  GLY n 
1 74  THR n 
1 75  ASP n 
1 76  PHE n 
1 77  GLN n 
1 78  GLN n 
1 79  ARG n 
1 80  VAL n 
1 81  TRP n 
1 82  LYS n 
1 83  ALA n 
1 84  LEU n 
1 85  LEU n 
1 86  THR n 
1 87  ILE n 
1 88  PRO n 
1 89  TYR n 
1 90  GLY n 
1 91  GLU n 
1 92  THR n 
1 93  ARG n 
1 94  SER n 
1 95  TYR n 
1 96  GLY n 
1 97  GLU n 
1 98  ILE n 
1 99  ALA n 
1 100 ASP n 
1 101 GLN n 
1 102 ILE n 
1 103 GLY n 
1 104 ALA n 
1 105 PRO n 
1 106 GLY n 
1 107 ALA n 
1 108 ALA n 
1 109 ARG n 
1 110 ALA n 
1 111 VAL n 
1 112 GLY n 
1 113 LEU n 
1 114 ALA n 
1 115 ASN n 
1 116 GLY n 
1 117 HIS n 
1 118 ASN n 
1 119 PRO n 
1 120 ILE n 
1 121 ALA n 
1 122 ILE n 
1 123 ILE n 
1 124 VAL n 
1 125 PRO n 
1 126 CYS n 
1 127 HIS n 
1 128 ARG n 
1 129 VAL n 
1 130 ILE n 
1 131 GLY n 
1 132 ALA n 
1 133 SER n 
1 134 GLY n 
1 135 LYS n 
1 136 LEU n 
1 137 THR n 
1 138 GLY n 
1 139 TYR n 
1 140 GLY n 
1 141 GLY n 
1 142 GLY n 
1 143 ILE n 
1 144 ASN n 
1 145 ARG n 
1 146 LYS n 
1 147 ARG n 
1 148 ALA n 
1 149 LEU n 
1 150 LEU n 
1 151 GLU n 
1 152 LEU n 
1 153 GLU n 
1 154 LYS n 
1 155 SER n 
1 156 ARG n 
1 157 ALA n 
1 158 PRO n 
1 159 ALA n 
1 160 ASP n 
1 161 LEU n 
1 162 THR n 
1 163 LEU n 
1 164 PHE n 
1 165 ASP n 
# 
_entity_src_gen.entity_id                          1 
_entity_src_gen.pdbx_src_id                        1 
_entity_src_gen.pdbx_alt_source_flag               sample 
_entity_src_gen.pdbx_seq_type                      ? 
_entity_src_gen.pdbx_beg_seq_num                   ? 
_entity_src_gen.pdbx_end_seq_num                   ? 
_entity_src_gen.gene_src_common_name               ? 
_entity_src_gen.gene_src_genus                     ? 
_entity_src_gen.pdbx_gene_src_gene                 ? 
_entity_src_gen.gene_src_species                   ? 
_entity_src_gen.gene_src_strain                    H37RV 
_entity_src_gen.gene_src_tissue                    ? 
_entity_src_gen.gene_src_tissue_fraction           ? 
_entity_src_gen.gene_src_details                   ? 
_entity_src_gen.pdbx_gene_src_fragment             ? 
_entity_src_gen.pdbx_gene_src_scientific_name      'MYCOBACTERIUM TUBERCULOSIS' 
_entity_src_gen.pdbx_gene_src_ncbi_taxonomy_id     83332 
_entity_src_gen.pdbx_gene_src_variant              ? 
_entity_src_gen.pdbx_gene_src_cell_line            ? 
_entity_src_gen.pdbx_gene_src_atcc                 ? 
_entity_src_gen.pdbx_gene_src_organ                ? 
_entity_src_gen.pdbx_gene_src_organelle            ? 
_entity_src_gen.pdbx_gene_src_cell                 ? 
_entity_src_gen.pdbx_gene_src_cellular_location    ? 
_entity_src_gen.host_org_common_name               ? 
_entity_src_gen.pdbx_host_org_scientific_name      'ESCHERICHIA COLI' 
_entity_src_gen.pdbx_host_org_ncbi_taxonomy_id     469008 
_entity_src_gen.host_org_genus                     ? 
_entity_src_gen.pdbx_host_org_gene                 ? 
_entity_src_gen.pdbx_host_org_organ                ? 
_entity_src_gen.host_org_species                   ? 
_entity_src_gen.pdbx_host_org_tissue               ? 
_entity_src_gen.pdbx_host_org_tissue_fraction      ? 
_entity_src_gen.pdbx_host_org_strain               'BL21(DE3)' 
_entity_src_gen.pdbx_host_org_variant              ? 
_entity_src_gen.pdbx_host_org_cell_line            ? 
_entity_src_gen.pdbx_host_org_atcc                 ? 
_entity_src_gen.pdbx_host_org_culture_collection   ? 
_entity_src_gen.pdbx_host_org_cell                 ? 
_entity_src_gen.pdbx_host_org_organelle            ? 
_entity_src_gen.pdbx_host_org_cellular_location    ? 
_entity_src_gen.pdbx_host_org_vector_type          PLASMID 
_entity_src_gen.pdbx_host_org_vector               PET16B 
_entity_src_gen.host_org_details                   ? 
_entity_src_gen.expression_system_id               ? 
_entity_src_gen.plasmid_name                       ? 
_entity_src_gen.plasmid_details                    ? 
_entity_src_gen.pdbx_description                   ? 
# 
_struct_ref.id                         1 
_struct_ref.db_name                    UNP 
_struct_ref.db_code                    OGT_MYCTU 
_struct_ref.entity_id                  1 
_struct_ref.pdbx_seq_one_letter_code   ? 
_struct_ref.pdbx_align_begin           ? 
_struct_ref.pdbx_db_accession          P0A696 
_struct_ref.pdbx_db_isoform            ? 
# 
_struct_ref_seq.align_id                      1 
_struct_ref_seq.ref_id                        1 
_struct_ref_seq.pdbx_PDB_id_code              4BHB 
_struct_ref_seq.pdbx_strand_id                A 
_struct_ref_seq.seq_align_beg                 1 
_struct_ref_seq.pdbx_seq_align_beg_ins_code   ? 
_struct_ref_seq.seq_align_end                 165 
_struct_ref_seq.pdbx_seq_align_end_ins_code   ? 
_struct_ref_seq.pdbx_db_accession             P0A696 
_struct_ref_seq.db_align_beg                  1 
_struct_ref_seq.pdbx_db_align_beg_ins_code    ? 
_struct_ref_seq.db_align_end                  165 
_struct_ref_seq.pdbx_db_align_end_ins_code    ? 
_struct_ref_seq.pdbx_auth_seq_align_beg       1 
_struct_ref_seq.pdbx_auth_seq_align_end       165 
# 
_struct_ref_seq_dif.align_id                     1 
_struct_ref_seq_dif.pdbx_pdb_id_code             4BHB 
_struct_ref_seq_dif.mon_id                       VAL 
_struct_ref_seq_dif.pdbx_pdb_strand_id           A 
_struct_ref_seq_dif.seq_num                      2 
_struct_ref_seq_dif.pdbx_pdb_ins_code            ? 
_struct_ref_seq_dif.pdbx_seq_db_name             UNP 
_struct_ref_seq_dif.pdbx_seq_db_accession_code   P0A696 
_struct_ref_seq_dif.db_mon_id                    ILE 
_struct_ref_seq_dif.pdbx_seq_db_seq_num          2 
_struct_ref_seq_dif.details                      'engineered mutation' 
_struct_ref_seq_dif.pdbx_auth_seq_num            2 
_struct_ref_seq_dif.pdbx_ordinal                 1 
# 
loop_
_chem_comp.id 
_chem_comp.type 
_chem_comp.mon_nstd_flag 
_chem_comp.name 
_chem_comp.pdbx_synonyms 
_chem_comp.formula 
_chem_comp.formula_weight 
ALA 'L-peptide linking' y ALANINE         ?                               'C3 H7 N O2'     89.093  
ARG 'L-peptide linking' y ARGININE        ?                               'C6 H15 N4 O2 1' 175.209 
ASN 'L-peptide linking' y ASPARAGINE      ?                               'C4 H8 N2 O3'    132.118 
ASP 'L-peptide linking' y 'ASPARTIC ACID' ?                               'C4 H7 N O4'     133.103 
CYS 'L-peptide linking' y CYSTEINE        ?                               'C3 H7 N O2 S'   121.158 
GLN 'L-peptide linking' y GLUTAMINE       ?                               'C5 H10 N2 O3'   146.144 
GLU 'L-peptide linking' y 'GLUTAMIC ACID' ?                               'C5 H9 N O4'     147.129 
GLY 'peptide linking'   y GLYCINE         ?                               'C2 H5 N O2'     75.067  
GOL non-polymer         . GLYCEROL        'GLYCERIN; PROPANE-1,2,3-TRIOL' 'C3 H8 O3'       92.094  
HIS 'L-peptide linking' y HISTIDINE       ?                               'C6 H10 N3 O2 1' 156.162 
HOH non-polymer         . WATER           ?                               'H2 O'           18.015  
ILE 'L-peptide linking' y ISOLEUCINE      ?                               'C6 H13 N O2'    131.173 
LEU 'L-peptide linking' y LEUCINE         ?                               'C6 H13 N O2'    131.173 
LYS 'L-peptide linking' y LYSINE          ?                               'C6 H15 N2 O2 1' 147.195 
MET 'L-peptide linking' y METHIONINE      ?                               'C5 H11 N O2 S'  149.211 
PHE 'L-peptide linking' y PHENYLALANINE   ?                               'C9 H11 N O2'    165.189 
PRO 'L-peptide linking' y PROLINE         ?                               'C5 H9 N O2'     115.130 
SER 'L-peptide linking' y SERINE          ?                               'C3 H7 N O3'     105.093 
THR 'L-peptide linking' y THREONINE       ?                               'C4 H9 N O3'     119.119 
TRP 'L-peptide linking' y TRYPTOPHAN      ?                               'C11 H12 N2 O2'  204.225 
TYR 'L-peptide linking' y TYROSINE        ?                               'C9 H11 N O3'    181.189 
VAL 'L-peptide linking' y VALINE          ?                               'C5 H11 N O2'    117.146 
# 
_exptl.entry_id          4BHB 
_exptl.method            'X-RAY DIFFRACTION' 
_exptl.crystals_number   1 
# 
_exptl_crystal.id                    1 
_exptl_crystal.density_meas          ? 
_exptl_crystal.density_Matthews      2.5 
_exptl_crystal.density_percent_sol   52 
_exptl_crystal.description           NONE 
# 
_exptl_crystal_grow.crystal_id      1 
_exptl_crystal_grow.method          ? 
_exptl_crystal_grow.temp            ? 
_exptl_crystal_grow.temp_details    ? 
_exptl_crystal_grow.pH              7.5 
_exptl_crystal_grow.pdbx_pH_range   ? 
_exptl_crystal_grow.pdbx_details    'pH 7.5' 
# 
_diffrn.id                     1 
_diffrn.ambient_temp           100 
_diffrn.ambient_temp_details   ? 
_diffrn.crystal_id             1 
# 
_diffrn_radiation.diffrn_id                        1 
_diffrn_radiation.wavelength_id                    1 
_diffrn_radiation.pdbx_monochromatic_or_laue_m_l   M 
_diffrn_radiation.monochromator                    ? 
_diffrn_radiation.pdbx_diffrn_protocol             'SINGLE WAVELENGTH' 
_diffrn_radiation.pdbx_scattering_type             x-ray 
# 
_diffrn_radiation_wavelength.id           1 
_diffrn_radiation_wavelength.wavelength   0.99 
_diffrn_radiation_wavelength.wt           1.0 
# 
_diffrn_source.diffrn_id                   1 
_diffrn_source.source                      SYNCHROTRON 
_diffrn_source.type                        'ESRF BEAMLINE ID23-1' 
_diffrn_source.pdbx_synchrotron_site       ESRF 
_diffrn_source.pdbx_synchrotron_beamline   ID23-1 
_diffrn_source.pdbx_wavelength             0.99 
_diffrn_source.pdbx_wavelength_list        ? 
# 
_reflns.pdbx_diffrn_id               1 
_reflns.pdbx_ordinal                 1 
_reflns.entry_id                     4BHB 
_reflns.observed_criterion_sigma_I   0.0 
_reflns.observed_criterion_sigma_F   ? 
_reflns.d_resolution_low             40.00 
_reflns.d_resolution_high            1.80 
_reflns.number_obs                   17690 
_reflns.number_all                   ? 
_reflns.percent_possible_obs         99.5 
_reflns.pdbx_Rmerge_I_obs            0.05 
_reflns.pdbx_Rsym_value              ? 
_reflns.pdbx_netI_over_sigmaI        15.80 
_reflns.B_iso_Wilson_estimate        31.39 
_reflns.pdbx_redundancy              4.0 
# 
_refine.pdbx_refine_id                           'X-RAY DIFFRACTION' 
_refine.entry_id                                 4BHB 
_refine.pdbx_diffrn_id                           1 
_refine.pdbx_TLS_residual_ADP_flag               ? 
_refine.ls_number_reflns_obs                     17648 
_refine.ls_number_reflns_all                     ? 
_refine.pdbx_ls_sigma_I                          ? 
_refine.pdbx_ls_sigma_F                          1.35 
_refine.pdbx_data_cutoff_high_absF               ? 
_refine.pdbx_data_cutoff_low_absF                ? 
_refine.pdbx_data_cutoff_high_rms_absF           ? 
_refine.ls_d_res_low                             27.896 
_refine.ls_d_res_high                            1.800 
_refine.ls_percent_reflns_obs                    99.29 
_refine.ls_R_factor_obs                          0.2280 
_refine.ls_R_factor_all                          ? 
_refine.ls_R_factor_R_work                       0.2268 
_refine.ls_R_factor_R_free                       0.2938 
_refine.ls_R_factor_R_free_error                 ? 
_refine.ls_R_factor_R_free_error_details         ? 
_refine.ls_percent_reflns_R_free                 2.0 
_refine.ls_number_reflns_R_free                  362 
_refine.ls_number_parameters                     ? 
_refine.ls_number_restraints                     ? 
_refine.occupancy_min                            ? 
_refine.occupancy_max                            ? 
_refine.correlation_coeff_Fo_to_Fc               ? 
_refine.correlation_coeff_Fo_to_Fc_free          ? 
_refine.B_iso_mean                               34.3 
_refine.aniso_B[1][1]                            ? 
_refine.aniso_B[2][2]                            ? 
_refine.aniso_B[3][3]                            ? 
_refine.aniso_B[1][2]                            ? 
_refine.aniso_B[1][3]                            ? 
_refine.aniso_B[2][3]                            ? 
_refine.solvent_model_details                    'FLAT BULK SOLVENT MODEL' 
_refine.solvent_model_param_ksol                 ? 
_refine.solvent_model_param_bsol                 ? 
_refine.pdbx_solvent_vdw_probe_radii             1.11 
_refine.pdbx_solvent_ion_probe_radii             ? 
_refine.pdbx_solvent_shrinkage_radii             0.90 
_refine.pdbx_ls_cross_valid_method               ? 
_refine.details                                  ? 
_refine.pdbx_starting_model                      'PDB ENTRY 1SFE' 
_refine.pdbx_method_to_determine_struct          'MOLECULAR REPLACEMENT' 
_refine.pdbx_isotropic_thermal_model             ? 
_refine.pdbx_stereochemistry_target_values       ML 
_refine.pdbx_stereochem_target_val_spec_case     ? 
_refine.pdbx_R_Free_selection_details            ? 
_refine.pdbx_overall_ESU_R                       ? 
_refine.pdbx_overall_ESU_R_Free                  ? 
_refine.overall_SU_ML                            0.26 
_refine.pdbx_overall_phase_error                 33.66 
_refine.overall_SU_B                             ? 
_refine.overall_SU_R_Cruickshank_DPI             ? 
_refine.pdbx_overall_SU_R_free_Cruickshank_DPI   ? 
_refine.pdbx_overall_SU_R_Blow_DPI               ? 
_refine.pdbx_overall_SU_R_free_Blow_DPI          ? 
# 
_refine_hist.pdbx_refine_id                   'X-RAY DIFFRACTION' 
_refine_hist.cycle_id                         LAST 
_refine_hist.pdbx_number_atoms_protein        1259 
_refine_hist.pdbx_number_atoms_nucleic_acid   0 
_refine_hist.pdbx_number_atoms_ligand         12 
_refine_hist.number_atoms_solvent             118 
_refine_hist.number_atoms_total               1389 
_refine_hist.d_res_high                       1.800 
_refine_hist.d_res_low                        27.896 
# 
loop_
_refine_ls_restr.type 
_refine_ls_restr.dev_ideal 
_refine_ls_restr.dev_ideal_target 
_refine_ls_restr.weight 
_refine_ls_restr.number 
_refine_ls_restr.pdbx_refine_id 
_refine_ls_restr.pdbx_restraint_function 
f_bond_d           0.007  ? ? 1300 'X-RAY DIFFRACTION' ? 
f_angle_d          1.119  ? ? 1765 'X-RAY DIFFRACTION' ? 
f_dihedral_angle_d 14.088 ? ? 472  'X-RAY DIFFRACTION' ? 
f_chiral_restr     0.073  ? ? 195  'X-RAY DIFFRACTION' ? 
f_plane_restr      0.005  ? ? 231  'X-RAY DIFFRACTION' ? 
# 
loop_
_refine_ls_shell.pdbx_refine_id 
_refine_ls_shell.pdbx_total_number_of_bins_used 
_refine_ls_shell.d_res_high 
_refine_ls_shell.d_res_low 
_refine_ls_shell.number_reflns_R_work 
_refine_ls_shell.R_factor_R_work 
_refine_ls_shell.percent_reflns_obs 
_refine_ls_shell.R_factor_R_free 
_refine_ls_shell.R_factor_R_free_error 
_refine_ls_shell.percent_reflns_R_free 
_refine_ls_shell.number_reflns_R_free 
_refine_ls_shell.number_reflns_all 
_refine_ls_shell.R_factor_all 
'X-RAY DIFFRACTION' . 1.8001 2.0605  5698 0.2720 100.00 0.3543 . . 108 . . 
'X-RAY DIFFRACTION' . 2.0605 2.5957  5724 0.2794 100.00 0.3065 . . 143 . . 
'X-RAY DIFFRACTION' . 2.5957 27.8995 5864 0.2033 98.00  0.2786 . . 111 . . 
# 
_struct.entry_id                  4BHB 
_struct.title                     'Crystal structure of Mycobacterium tuberculosis O6-METHYLGUANINE METHYLTRANSFERASE' 
_struct.pdbx_model_details        ? 
_struct.pdbx_CASP_flag            ? 
_struct.pdbx_model_type_details   ? 
# 
_struct_keywords.entry_id        4BHB 
_struct_keywords.pdbx_keywords   TRANSFERASE 
_struct_keywords.text            TRANSFERASE 
# 
loop_
_struct_asym.id 
_struct_asym.pdbx_blank_PDB_chainid_flag 
_struct_asym.pdbx_modified 
_struct_asym.entity_id 
_struct_asym.details 
A N N 1 ? 
B N N 2 ? 
C N N 2 ? 
D N N 3 ? 
# 
_struct_biol.id   1 
# 
loop_
_struct_conf.conf_type_id 
_struct_conf.id 
_struct_conf.pdbx_PDB_helix_id 
_struct_conf.beg_label_comp_id 
_struct_conf.beg_label_asym_id 
_struct_conf.beg_label_seq_id 
_struct_conf.pdbx_beg_PDB_ins_code 
_struct_conf.end_label_comp_id 
_struct_conf.end_label_asym_id 
_struct_conf.end_label_seq_id 
_struct_conf.pdbx_end_PDB_ins_code 
_struct_conf.beg_auth_comp_id 
_struct_conf.beg_auth_asym_id 
_struct_conf.beg_auth_seq_id 
_struct_conf.end_auth_comp_id 
_struct_conf.end_auth_asym_id 
_struct_conf.end_auth_seq_id 
_struct_conf.pdbx_PDB_helix_class 
_struct_conf.details 
_struct_conf.pdbx_PDB_helix_length 
HELX_P HELX_P1 1 GLU A 34  ? TRP A 40  ? GLU A 34  TRP A 40  5 ? 7  
HELX_P HELX_P2 2 PHE A 47  ? ALA A 59  ? PHE A 47  ALA A 59  1 ? 13 
HELX_P HELX_P3 3 THR A 74  ? LEU A 85  ? THR A 74  LEU A 85  1 ? 12 
HELX_P HELX_P4 4 SER A 94  ? ILE A 102 ? SER A 94  ILE A 102 1 ? 9  
HELX_P HELX_P5 5 ALA A 107 ? HIS A 117 ? ALA A 107 HIS A 117 1 ? 11 
HELX_P HELX_P6 6 PRO A 125 ? ARG A 128 ? PRO A 125 ARG A 128 5 ? 4  
HELX_P HELX_P7 7 GLY A 141 ? SER A 155 ? GLY A 141 SER A 155 1 ? 15 
HELX_P HELX_P8 8 ASP A 160 ? ASP A 165 ? ASP A 160 ASP A 165 5 ? 6  
# 
_struct_conf_type.id          HELX_P 
_struct_conf_type.criteria    ? 
_struct_conf_type.reference   ? 
# 
_struct_sheet.id               AA 
_struct_sheet.type             ? 
_struct_sheet.number_strands   4 
_struct_sheet.details          ? 
# 
loop_
_struct_sheet_order.sheet_id 
_struct_sheet_order.range_id_1 
_struct_sheet_order.range_id_2 
_struct_sheet_order.offset 
_struct_sheet_order.sense 
AA 1 2 ? anti-parallel 
AA 2 3 ? anti-parallel 
AA 3 4 ? parallel      
# 
loop_
_struct_sheet_range.sheet_id 
_struct_sheet_range.id 
_struct_sheet_range.beg_label_comp_id 
_struct_sheet_range.beg_label_asym_id 
_struct_sheet_range.beg_label_seq_id 
_struct_sheet_range.pdbx_beg_PDB_ins_code 
_struct_sheet_range.end_label_comp_id 
_struct_sheet_range.end_label_asym_id 
_struct_sheet_range.end_label_seq_id 
_struct_sheet_range.pdbx_end_PDB_ins_code 
_struct_sheet_range.beg_auth_comp_id 
_struct_sheet_range.beg_auth_asym_id 
_struct_sheet_range.beg_auth_seq_id 
_struct_sheet_range.end_auth_comp_id 
_struct_sheet_range.end_auth_asym_id 
_struct_sheet_range.end_auth_seq_id 
AA 1 VAL A 22 ? ARG A 27 ? VAL A 22 ARG A 27 
AA 2 LEU A 14 ? HIS A 19 ? LEU A 14 HIS A 19 
AA 3 HIS A 3  ? ILE A 7  ? HIS A 3  ILE A 7  
AA 4 THR A 41 ? PRO A 42 ? THR A 41 PRO A 42 
# 
loop_
_pdbx_struct_sheet_hbond.sheet_id 
_pdbx_struct_sheet_hbond.range_id_1 
_pdbx_struct_sheet_hbond.range_id_2 
_pdbx_struct_sheet_hbond.range_1_label_atom_id 
_pdbx_struct_sheet_hbond.range_1_label_comp_id 
_pdbx_struct_sheet_hbond.range_1_label_asym_id 
_pdbx_struct_sheet_hbond.range_1_label_seq_id 
_pdbx_struct_sheet_hbond.range_1_PDB_ins_code 
_pdbx_struct_sheet_hbond.range_1_auth_atom_id 
_pdbx_struct_sheet_hbond.range_1_auth_comp_id 
_pdbx_struct_sheet_hbond.range_1_auth_asym_id 
_pdbx_struct_sheet_hbond.range_1_auth_seq_id 
_pdbx_struct_sheet_hbond.range_2_label_atom_id 
_pdbx_struct_sheet_hbond.range_2_label_comp_id 
_pdbx_struct_sheet_hbond.range_2_label_asym_id 
_pdbx_struct_sheet_hbond.range_2_label_seq_id 
_pdbx_struct_sheet_hbond.range_2_PDB_ins_code 
_pdbx_struct_sheet_hbond.range_2_auth_atom_id 
_pdbx_struct_sheet_hbond.range_2_auth_comp_id 
_pdbx_struct_sheet_hbond.range_2_auth_asym_id 
_pdbx_struct_sheet_hbond.range_2_auth_seq_id 
AA 1 2 N ARG A 27 ? N ARG A 27 O THR A 15 ? O THR A 15 
AA 2 3 N GLY A 18 ? N GLY A 18 O HIS A 3  ? O HIS A 3  
AA 3 4 N TYR A 4  ? N TYR A 4  O THR A 41 ? O THR A 41 
# 
loop_
_struct_site.id 
_struct_site.pdbx_evidence_code 
_struct_site.pdbx_auth_asym_id 
_struct_site.pdbx_auth_comp_id 
_struct_site.pdbx_auth_seq_id 
_struct_site.pdbx_auth_ins_code 
_struct_site.pdbx_num_residues 
_struct_site.details 
AC1 Software A GOL 1166 ? 4 'BINDING SITE FOR RESIDUE GOL A 1166' 
AC2 Software A GOL 1167 ? 7 'BINDING SITE FOR RESIDUE GOL A 1167' 
# 
loop_
_struct_site_gen.id 
_struct_site_gen.site_id 
_struct_site_gen.pdbx_num_res 
_struct_site_gen.label_comp_id 
_struct_site_gen.label_asym_id 
_struct_site_gen.label_seq_id 
_struct_site_gen.pdbx_auth_ins_code 
_struct_site_gen.auth_comp_id 
_struct_site_gen.auth_asym_id 
_struct_site_gen.auth_seq_id 
_struct_site_gen.label_atom_id 
_struct_site_gen.label_alt_id 
_struct_site_gen.symmetry 
_struct_site_gen.details 
1  AC1 4 MET A 28  ? MET A 28   . ? 1_555 ? 
2  AC1 4 ARG A 145 ? ARG A 145  . ? 1_555 ? 
3  AC1 4 HOH D .   ? HOH A 2011 . ? 1_555 ? 
4  AC1 4 HOH D .   ? HOH A 2107 . ? 1_555 ? 
5  AC2 7 HIS A 39  ? HIS A 39   . ? 4_555 ? 
6  AC2 7 PHE A 65  ? PHE A 65   . ? 1_555 ? 
7  AC2 7 VAL A 67  ? VAL A 67   . ? 1_555 ? 
8  AC2 7 LEU A 69  ? LEU A 69   . ? 1_555 ? 
9  AC2 7 LEU A 85  ? LEU A 85   . ? 1_555 ? 
10 AC2 7 ILE A 123 ? ILE A 123  . ? 1_555 ? 
11 AC2 7 HOH D .   ? HOH A 2047 . ? 1_555 ? 
# 
_atom_sites.entry_id                    4BHB 
_atom_sites.fract_transf_matrix[1][1]   0.01630198 
_atom_sites.fract_transf_matrix[1][2]   -0.00173282 
_atom_sites.fract_transf_matrix[1][3]   0.00415026 
_atom_sites.fract_transf_matrix[2][1]   -0.00324891 
_atom_sites.fract_transf_matrix[2][2]   -0.00396484 
_atom_sites.fract_transf_matrix[2][3]   0.01110614 
_atom_sites.fract_transf_matrix[3][1]   -0.00035339 
_atom_sites.fract_transf_matrix[3][2]   -0.02464152 
_atom_sites.fract_transf_matrix[3][3]   -0.00890029 
_atom_sites.fract_transf_vector[1]      0.516770 
_atom_sites.fract_transf_vector[2]      0.242659 
_atom_sites.fract_transf_vector[3]      0.288124 
# 
loop_
_atom_type.symbol 
C 
N 
O 
S 
# 
loop_
_atom_site.group_PDB 
_atom_site.id 
_atom_site.type_symbol 
_atom_site.label_atom_id 
_atom_site.label_alt_id 
_atom_site.label_comp_id 
_atom_site.label_asym_id 
_atom_site.label_entity_id 
_atom_site.label_seq_id 
_atom_site.pdbx_PDB_ins_code 
_atom_site.Cartn_x 
_atom_site.Cartn_y 
_atom_site.Cartn_z 
_atom_site.occupancy 
_atom_site.B_iso_or_equiv 
_atom_site.pdbx_formal_charge 
_atom_site.auth_seq_id 
_atom_site.auth_comp_id 
_atom_site.auth_asym_id 
_atom_site.auth_atom_id 
_atom_site.pdbx_PDB_model_num 
ATOM   1    N N   . MET A 1 1   ? -15.087 16.479  2.031   1.00 56.00 ? 1    MET A N   1 
ATOM   2    C CA  . MET A 1 1   ? -14.893 16.755  0.607   1.00 59.89 ? 1    MET A CA  1 
ATOM   3    C C   . MET A 1 1   ? -13.678 16.016  0.027   1.00 58.82 ? 1    MET A C   1 
ATOM   4    O O   . MET A 1 1   ? -12.627 15.957  0.669   1.00 62.75 ? 1    MET A O   1 
ATOM   5    C CB  . MET A 1 1   ? -14.783 18.262  0.363   1.00 53.60 ? 1    MET A CB  1 
ATOM   6    C CG  . MET A 1 1   ? -15.825 18.793  -0.614  1.00 48.46 ? 1    MET A CG  1 
ATOM   7    S SD  . MET A 1 1   ? -15.744 17.975  -2.230  1.00 71.64 ? 1    MET A SD  1 
ATOM   8    C CE  . MET A 1 1   ? -17.094 16.783  -2.139  1.00 49.66 ? 1    MET A CE  1 
ATOM   9    N N   . VAL A 1 2   ? -13.831 15.450  -1.177  1.00 52.15 ? 2    VAL A N   1 
ATOM   10   C CA  . VAL A 1 2   ? -12.828 14.547  -1.762  1.00 49.46 ? 2    VAL A CA  1 
ATOM   11   C C   . VAL A 1 2   ? -12.694 14.646  -3.296  1.00 51.25 ? 2    VAL A C   1 
ATOM   12   O O   . VAL A 1 2   ? -13.690 14.554  -4.023  1.00 52.22 ? 2    VAL A O   1 
ATOM   13   C CB  . VAL A 1 2   ? -13.128 13.048  -1.405  1.00 49.30 ? 2    VAL A CB  1 
ATOM   14   C CG1 . VAL A 1 2   ? -12.104 12.125  -2.041  1.00 43.28 ? 2    VAL A CG1 1 
ATOM   15   C CG2 . VAL A 1 2   ? -13.171 12.821  0.104   1.00 45.32 ? 2    VAL A CG2 1 
ATOM   16   N N   . HIS A 1 3   ? -11.465 14.813  -3.790  1.00 45.97 ? 3    HIS A N   1 
ATOM   17   C CA  . HIS A 1 3   ? -11.204 14.680  -5.232  1.00 46.97 ? 3    HIS A CA  1 
ATOM   18   C C   . HIS A 1 3   ? -10.313 13.479  -5.576  1.00 42.62 ? 3    HIS A C   1 
ATOM   19   O O   . HIS A 1 3   ? -9.678  12.893  -4.697  1.00 41.62 ? 3    HIS A O   1 
ATOM   20   C CB  . HIS A 1 3   ? -10.639 15.973  -5.839  1.00 48.99 ? 3    HIS A CB  1 
ATOM   21   C CG  . HIS A 1 3   ? -9.565  16.614  -5.018  1.00 52.74 ? 3    HIS A CG  1 
ATOM   22   N ND1 . HIS A 1 3   ? -8.230  16.539  -5.351  1.00 53.96 ? 3    HIS A ND1 1 
ATOM   23   C CD2 . HIS A 1 3   ? -9.629  17.347  -3.880  1.00 54.68 ? 3    HIS A CD2 1 
ATOM   24   C CE1 . HIS A 1 3   ? -7.516  17.193  -4.451  1.00 52.60 ? 3    HIS A CE1 1 
ATOM   25   N NE2 . HIS A 1 3   ? -8.341  17.695  -3.550  1.00 58.07 ? 3    HIS A NE2 1 
ATOM   26   N N   . TYR A 1 4   ? -10.273 13.105  -6.850  1.00 40.64 ? 4    TYR A N   1 
ATOM   27   C CA  . TYR A 1 4   ? -9.547  11.900  -7.237  1.00 39.04 ? 4    TYR A CA  1 
ATOM   28   C C   . TYR A 1 4   ? -8.819  11.992  -8.568  1.00 42.91 ? 4    TYR A C   1 
ATOM   29   O O   . TYR A 1 4   ? -9.158  12.801  -9.429  1.00 48.04 ? 4    TYR A O   1 
ATOM   30   C CB  . TYR A 1 4   ? -10.472 10.674  -7.224  1.00 38.04 ? 4    TYR A CB  1 
ATOM   31   C CG  . TYR A 1 4   ? -11.355 10.510  -8.448  1.00 40.91 ? 4    TYR A CG  1 
ATOM   32   C CD1 . TYR A 1 4   ? -12.582 11.166  -8.543  1.00 43.65 ? 4    TYR A CD1 1 
ATOM   33   C CD2 . TYR A 1 4   ? -10.979 9.668   -9.493  1.00 39.41 ? 4    TYR A CD2 1 
ATOM   34   C CE1 . TYR A 1 4   ? -13.394 11.005  -9.649  1.00 41.58 ? 4    TYR A CE1 1 
ATOM   35   C CE2 . TYR A 1 4   ? -11.789 9.504   -10.608 1.00 41.32 ? 4    TYR A CE2 1 
ATOM   36   C CZ  . TYR A 1 4   ? -12.991 10.174  -10.677 1.00 43.85 ? 4    TYR A CZ  1 
ATOM   37   O OH  . TYR A 1 4   ? -13.791 10.004  -11.782 1.00 47.50 ? 4    TYR A OH  1 
ATOM   38   N N   . ARG A 1 5   ? -7.817  11.136  -8.724  1.00 40.04 ? 5    ARG A N   1 
ATOM   39   C CA  . ARG A 1 5   ? -7.035  11.066  -9.938  1.00 38.09 ? 5    ARG A CA  1 
ATOM   40   C C   . ARG A 1 5   ? -6.610  9.627   -10.158 1.00 35.33 ? 5    ARG A C   1 
ATOM   41   O O   . ARG A 1 5   ? -6.238  8.946   -9.217  1.00 36.30 ? 5    ARG A O   1 
ATOM   42   C CB  . ARG A 1 5   ? -5.814  11.967  -9.812  1.00 40.28 ? 5    ARG A CB  1 
ATOM   43   C CG  . ARG A 1 5   ? -4.835  11.848  -10.952 1.00 40.06 ? 5    ARG A CG  1 
ATOM   44   C CD  . ARG A 1 5   ? -3.742  12.876  -10.794 1.00 40.30 ? 5    ARG A CD  1 
ATOM   45   N NE  . ARG A 1 5   ? -2.739  12.755  -11.844 1.00 40.59 ? 5    ARG A NE  1 
ATOM   46   C CZ  . ARG A 1 5   ? -1.651  13.510  -11.908 1.00 41.18 ? 5    ARG A CZ  1 
ATOM   47   N NH1 . ARG A 1 5   ? -1.439  14.434  -10.984 1.00 39.81 ? 5    ARG A NH1 1 
ATOM   48   N NH2 . ARG A 1 5   ? -0.778  13.340  -12.894 1.00 44.96 ? 5    ARG A NH2 1 
ATOM   49   N N   . THR A 1 6   ? -6.680  9.161   -11.397 1.00 35.88 ? 6    THR A N   1 
ATOM   50   C CA  . THR A 1 6   ? -6.298  7.799   -11.715 1.00 38.07 ? 6    THR A CA  1 
ATOM   51   C C   . THR A 1 6   ? -5.079  7.803   -12.632 1.00 42.99 ? 6    THR A C   1 
ATOM   52   O O   . THR A 1 6   ? -5.012  8.606   -13.573 1.00 43.76 ? 6    THR A O   1 
ATOM   53   C CB  . THR A 1 6   ? -7.463  7.058   -12.390 1.00 37.17 ? 6    THR A CB  1 
ATOM   54   O OG1 . THR A 1 6   ? -8.569  7.004   -11.488 1.00 34.23 ? 6    THR A OG1 1 
ATOM   55   C CG2 . THR A 1 6   ? -7.066  5.641   -12.781 1.00 37.61 ? 6    THR A CG2 1 
ATOM   56   N N   . ILE A 1 7   ? -4.110  6.927   -12.350 1.00 33.50 ? 7    ILE A N   1 
ATOM   57   C CA  . ILE A 1 7   ? -2.916  6.820   -13.179 1.00 35.99 ? 7    ILE A CA  1 
ATOM   58   C C   . ILE A 1 7   ? -2.673  5.396   -13.620 1.00 37.81 ? 7    ILE A C   1 
ATOM   59   O O   . ILE A 1 7   ? -3.166  4.461   -12.996 1.00 35.93 ? 7    ILE A O   1 
ATOM   60   C CB  . ILE A 1 7   ? -1.672  7.333   -12.451 1.00 35.20 ? 7    ILE A CB  1 
ATOM   61   C CG1 . ILE A 1 7   ? -1.370  6.477   -11.224 1.00 36.68 ? 7    ILE A CG1 1 
ATOM   62   C CG2 . ILE A 1 7   ? -1.865  8.787   -12.037 1.00 39.74 ? 7    ILE A CG2 1 
ATOM   63   C CD1 . ILE A 1 7   ? -0.280  7.045   -10.353 1.00 41.25 ? 7    ILE A CD1 1 
ATOM   64   N N   . ASP A 1 8   ? -1.912  5.231   -14.696 1.00 37.20 ? 8    ASP A N   1 
ATOM   65   C CA  . ASP A 1 8   ? -1.545  3.897   -15.152 1.00 39.21 ? 8    ASP A CA  1 
ATOM   66   C C   . ASP A 1 8   ? -0.437  3.335   -14.267 1.00 39.56 ? 8    ASP A C   1 
ATOM   67   O O   . ASP A 1 8   ? 0.291   4.083   -13.618 1.00 39.02 ? 8    ASP A O   1 
ATOM   68   C CB  . ASP A 1 8   ? -1.111  3.921   -16.617 1.00 38.20 ? 8    ASP A CB  1 
ATOM   69   C CG  . ASP A 1 8   ? -2.275  4.130   -17.557 1.00 46.25 ? 8    ASP A CG  1 
ATOM   70   O OD1 . ASP A 1 8   ? -3.428  3.880   -17.140 1.00 52.27 ? 8    ASP A OD1 1 
ATOM   71   O OD2 . ASP A 1 8   ? -2.040  4.533   -18.712 1.00 50.83 ? 8    ASP A OD2 1 
ATOM   72   N N   . SER A 1 9   ? -0.323  2.015   -14.229 1.00 37.41 ? 9    SER A N   1 
ATOM   73   C CA  . SER A 1 9   ? 0.682   1.373   -13.393 1.00 33.96 ? 9    SER A CA  1 
ATOM   74   C C   . SER A 1 9   ? 0.808   -0.071  -13.815 1.00 36.55 ? 9    SER A C   1 
ATOM   75   O O   . SER A 1 9   ? -0.129  -0.635  -14.397 1.00 41.62 ? 9    SER A O   1 
ATOM   76   C CB  . SER A 1 9   ? 0.296   1.440   -11.914 1.00 37.08 ? 9    SER A CB  1 
ATOM   77   O OG  . SER A 1 9   ? -0.224  0.196   -11.470 1.00 38.56 ? 9    SER A OG  1 
ATOM   78   N N   . PRO A 1 10  ? 1.959   -0.686  -13.523 1.00 32.44 ? 10   PRO A N   1 
ATOM   79   C CA  . PRO A 1 10  ? 2.124   -2.083  -13.919 1.00 35.92 ? 10   PRO A CA  1 
ATOM   80   C C   . PRO A 1 10  ? 1.094   -3.020  -13.279 1.00 34.55 ? 10   PRO A C   1 
ATOM   81   O O   . PRO A 1 10  ? 0.924   -4.130  -13.777 1.00 35.29 ? 10   PRO A O   1 
ATOM   82   C CB  . PRO A 1 10  ? 3.528   -2.413  -13.426 1.00 35.43 ? 10   PRO A CB  1 
ATOM   83   C CG  . PRO A 1 10  ? 4.238   -1.096  -13.437 1.00 36.65 ? 10   PRO A CG  1 
ATOM   84   C CD  . PRO A 1 10  ? 3.218   -0.090  -13.035 1.00 32.88 ? 10   PRO A CD  1 
ATOM   85   N N   . ILE A 1 11  ? 0.426   -2.590  -12.210 1.00 32.83 ? 11   ILE A N   1 
ATOM   86   C CA  . ILE A 1 11  ? -0.531  -3.454  -11.518 1.00 33.85 ? 11   ILE A CA  1 
ATOM   87   C C   . ILE A 1 11  ? -1.967  -3.032  -11.765 1.00 37.73 ? 11   ILE A C   1 
ATOM   88   O O   . ILE A 1 11  ? -2.891  -3.552  -11.143 1.00 37.12 ? 11   ILE A O   1 
ATOM   89   C CB  . ILE A 1 11  ? -0.277  -3.546  -9.985  1.00 31.40 ? 11   ILE A CB  1 
ATOM   90   C CG1 . ILE A 1 11  ? -0.473  -2.202  -9.299  1.00 33.74 ? 11   ILE A CG1 1 
ATOM   91   C CG2 . ILE A 1 11  ? 1.120   -4.063  -9.696  1.00 32.18 ? 11   ILE A CG2 1 
ATOM   92   C CD1 . ILE A 1 11  ? -0.400  -2.309  -7.790  1.00 29.26 ? 11   ILE A CD1 1 
ATOM   93   N N   . GLY A 1 12  ? -2.156  -2.092  -12.688 1.00 37.11 ? 12   GLY A N   1 
ATOM   94   C CA  . GLY A 1 12  ? -3.488  -1.635  -13.040 1.00 34.46 ? 12   GLY A CA  1 
ATOM   95   C C   . GLY A 1 12  ? -3.681  -0.176  -12.699 1.00 34.40 ? 12   GLY A C   1 
ATOM   96   O O   . GLY A 1 12  ? -2.872  0.403   -11.972 1.00 34.29 ? 12   GLY A O   1 
ATOM   97   N N   . PRO A 1 13  ? -4.752  0.433   -13.228 1.00 29.29 ? 13   PRO A N   1 
ATOM   98   C CA  . PRO A 1 13  ? -5.081  1.821   -12.899 1.00 34.14 ? 13   PRO A CA  1 
ATOM   99   C C   . PRO A 1 13  ? -5.246  2.048   -11.393 1.00 33.54 ? 13   PRO A C   1 
ATOM   100  O O   . PRO A 1 13  ? -6.107  1.447   -10.748 1.00 33.59 ? 13   PRO A O   1 
ATOM   101  C CB  . PRO A 1 13  ? -6.407  2.045   -13.628 1.00 34.62 ? 13   PRO A CB  1 
ATOM   102  C CG  . PRO A 1 13  ? -6.371  1.100   -14.753 1.00 34.34 ? 13   PRO A CG  1 
ATOM   103  C CD  . PRO A 1 13  ? -5.660  -0.119  -14.248 1.00 32.45 ? 13   PRO A CD  1 
ATOM   104  N N   . LEU A 1 14  ? -4.415  2.928   -10.847 1.00 33.83 ? 14   LEU A N   1 
ATOM   105  C CA  . LEU A 1 14  ? -4.437  3.242   -9.427  1.00 33.55 ? 14   LEU A CA  1 
ATOM   106  C C   . LEU A 1 14  ? -5.212  4.521   -9.195  1.00 31.94 ? 14   LEU A C   1 
ATOM   107  O O   . LEU A 1 14  ? -4.857  5.567   -9.734  1.00 35.04 ? 14   LEU A O   1 
ATOM   108  C CB  . LEU A 1 14  ? -3.007  3.420   -8.907  1.00 32.02 ? 14   LEU A CB  1 
ATOM   109  C CG  . LEU A 1 14  ? -2.137  2.165   -8.954  1.00 30.04 ? 14   LEU A CG  1 
ATOM   110  C CD1 . LEU A 1 14  ? -0.703  2.473   -8.541  1.00 28.56 ? 14   LEU A CD1 1 
ATOM   111  C CD2 . LEU A 1 14  ? -2.737  1.105   -8.045  1.00 33.67 ? 14   LEU A CD2 1 
ATOM   112  N N   . THR A 1 15  ? -6.264  4.448   -8.392  1.00 29.20 ? 15   THR A N   1 
ATOM   113  C CA  . THR A 1 15  ? -7.016  5.644   -8.041  1.00 31.32 ? 15   THR A CA  1 
ATOM   114  C C   . THR A 1 15  ? -6.530  6.255   -6.735  1.00 33.54 ? 15   THR A C   1 
ATOM   115  O O   . THR A 1 15  ? -6.545  5.624   -5.678  1.00 33.98 ? 15   THR A O   1 
ATOM   116  C CB  . THR A 1 15  ? -8.527  5.363   -7.940  1.00 29.10 ? 15   THR A CB  1 
ATOM   117  O OG1 . THR A 1 15  ? -8.997  4.839   -9.186  1.00 35.00 ? 15   THR A OG1 1 
ATOM   118  C CG2 . THR A 1 15  ? -9.286  6.633   -7.603  1.00 31.64 ? 15   THR A CG2 1 
ATOM   119  N N   . LEU A 1 16  ? -6.093  7.503   -6.817  1.00 32.43 ? 16   LEU A N   1 
ATOM   120  C CA  . LEU A 1 16  ? -5.672  8.253   -5.656  1.00 30.91 ? 16   LEU A CA  1 
ATOM   121  C C   . LEU A 1 16  ? -6.790  9.222   -5.361  1.00 34.20 ? 16   LEU A C   1 
ATOM   122  O O   . LEU A 1 16  ? -7.278  9.890   -6.270  1.00 35.70 ? 16   LEU A O   1 
ATOM   123  C CB  . LEU A 1 16  ? -4.409  9.053   -5.985  1.00 30.60 ? 16   LEU A CB  1 
ATOM   124  C CG  . LEU A 1 16  ? -3.047  8.365   -5.965  1.00 24.72 ? 16   LEU A CG  1 
ATOM   125  C CD1 . LEU A 1 16  ? -2.834  7.431   -7.163  1.00 31.07 ? 16   LEU A CD1 1 
ATOM   126  C CD2 . LEU A 1 16  ? -1.981  9.418   -5.925  1.00 31.01 ? 16   LEU A CD2 1 
ATOM   127  N N   . ALA A 1 17  ? -7.211  9.296   -4.107  1.00 31.13 ? 17   ALA A N   1 
ATOM   128  C CA  . ALA A 1 17  ? -8.284  10.211  -3.745  1.00 30.75 ? 17   ALA A CA  1 
ATOM   129  C C   . ALA A 1 17  ? -8.028  10.790  -2.369  1.00 31.96 ? 17   ALA A C   1 
ATOM   130  O O   . ALA A 1 17  ? -7.259  10.243  -1.587  1.00 34.32 ? 17   ALA A O   1 
ATOM   131  C CB  . ALA A 1 17  ? -9.629  9.519   -3.789  1.00 35.24 ? 17   ALA A CB  1 
ATOM   132  N N   . GLY A 1 18  ? -8.662  11.920  -2.084  1.00 40.17 ? 18   GLY A N   1 
ATOM   133  C CA  . GLY A 1 18  ? -8.462  12.591  -0.814  1.00 33.68 ? 18   GLY A CA  1 
ATOM   134  C C   . GLY A 1 18  ? -8.867  14.046  -0.880  1.00 43.84 ? 18   GLY A C   1 
ATOM   135  O O   . GLY A 1 18  ? -9.526  14.478  -1.830  1.00 42.12 ? 18   GLY A O   1 
ATOM   136  N N   . HIS A 1 19  ? -8.466  14.792  0.143   1.00 45.76 ? 19   HIS A N   1 
ATOM   137  C CA  . HIS A 1 19  ? -8.770  16.209  0.269   1.00 48.04 ? 19   HIS A CA  1 
ATOM   138  C C   . HIS A 1 19  ? -7.486  17.051  0.273   1.00 50.64 ? 19   HIS A C   1 
ATOM   139  O O   . HIS A 1 19  ? -6.586  16.849  1.096   1.00 46.94 ? 19   HIS A O   1 
ATOM   140  C CB  . HIS A 1 19  ? -9.571  16.447  1.550   1.00 48.43 ? 19   HIS A CB  1 
ATOM   141  C CG  . HIS A 1 19  ? -9.005  15.752  2.746   1.00 51.13 ? 19   HIS A CG  1 
ATOM   142  N ND1 . HIS A 1 19  ? -7.783  16.085  3.291   1.00 54.32 ? 19   HIS A ND1 1 
ATOM   143  C CD2 . HIS A 1 19  ? -9.486  14.732  3.496   1.00 52.11 ? 19   HIS A CD2 1 
ATOM   144  C CE1 . HIS A 1 19  ? -7.540  15.306  4.331   1.00 49.77 ? 19   HIS A CE1 1 
ATOM   145  N NE2 . HIS A 1 19  ? -8.557  14.473  4.476   1.00 51.83 ? 19   HIS A NE2 1 
ATOM   146  N N   . GLY A 1 20  ? -7.402  17.997  -0.656  1.00 51.06 ? 20   GLY A N   1 
ATOM   147  C CA  . GLY A 1 20  ? -6.207  18.807  -0.780  1.00 48.95 ? 20   GLY A CA  1 
ATOM   148  C C   . GLY A 1 20  ? -5.028  17.984  -1.257  1.00 44.85 ? 20   GLY A C   1 
ATOM   149  O O   . GLY A 1 20  ? -5.105  17.313  -2.287  1.00 45.99 ? 20   GLY A O   1 
ATOM   150  N N   . SER A 1 21  ? -3.934  18.037  -0.503  1.00 42.48 ? 21   SER A N   1 
ATOM   151  C CA  . SER A 1 21  ? -2.722  17.307  -0.858  1.00 45.43 ? 21   SER A CA  1 
ATOM   152  C C   . SER A 1 21  ? -2.629  16.046  -0.014  1.00 45.78 ? 21   SER A C   1 
ATOM   153  O O   . SER A 1 21  ? -1.646  15.312  -0.087  1.00 42.48 ? 21   SER A O   1 
ATOM   154  C CB  . SER A 1 21  ? -1.489  18.170  -0.614  1.00 41.49 ? 21   SER A CB  1 
ATOM   155  O OG  . SER A 1 21  ? -1.452  18.578  0.746   1.00 48.74 ? 21   SER A OG  1 
ATOM   156  N N   . VAL A 1 22  ? -3.666  15.799  0.781   1.00 41.54 ? 22   VAL A N   1 
ATOM   157  C CA  . VAL A 1 22  ? -3.701  14.644  1.670   1.00 40.28 ? 22   VAL A CA  1 
ATOM   158  C C   . VAL A 1 22  ? -4.468  13.447  1.066   1.00 39.53 ? 22   VAL A C   1 
ATOM   159  O O   . VAL A 1 22  ? -5.635  13.567  0.707   1.00 41.30 ? 22   VAL A O   1 
ATOM   160  C CB  . VAL A 1 22  ? -4.303  15.036  3.017   1.00 42.34 ? 22   VAL A CB  1 
ATOM   161  C CG1 . VAL A 1 22  ? -4.149  13.915  4.007   1.00 44.05 ? 22   VAL A CG1 1 
ATOM   162  C CG2 . VAL A 1 22  ? -3.615  16.281  3.534   1.00 44.35 ? 22   VAL A CG2 1 
ATOM   163  N N   . LEU A 1 23  ? -3.783  12.309  0.940   1.00 37.33 ? 23   LEU A N   1 
ATOM   164  C CA  . LEU A 1 23  ? -4.379  11.066  0.460   1.00 36.51 ? 23   LEU A CA  1 
ATOM   165  C C   . LEU A 1 23  ? -5.250  10.434  1.529   1.00 35.09 ? 23   LEU A C   1 
ATOM   166  O O   . LEU A 1 23  ? -4.850  10.356  2.689   1.00 35.80 ? 23   LEU A O   1 
ATOM   167  C CB  . LEU A 1 23  ? -3.291  10.057  0.094   1.00 32.92 ? 23   LEU A CB  1 
ATOM   168  C CG  . LEU A 1 23  ? -2.604  10.153  -1.254  1.00 36.01 ? 23   LEU A CG  1 
ATOM   169  C CD1 . LEU A 1 23  ? -1.582  9.043   -1.356  1.00 36.64 ? 23   LEU A CD1 1 
ATOM   170  C CD2 . LEU A 1 23  ? -3.609  10.059  -2.400  1.00 35.90 ? 23   LEU A CD2 1 
ATOM   171  N N   . THR A 1 24  ? -6.440  9.994   1.128   1.00 35.46 ? 24   THR A N   1 
ATOM   172  C CA  . THR A 1 24  ? -7.304  9.194   1.985   1.00 36.62 ? 24   THR A CA  1 
ATOM   173  C C   . THR A 1 24  ? -7.410  7.785   1.419   1.00 32.35 ? 24   THR A C   1 
ATOM   174  O O   . THR A 1 24  ? -7.665  6.833   2.153   1.00 34.38 ? 24   THR A O   1 
ATOM   175  C CB  . THR A 1 24  ? -8.728  9.793   2.086   1.00 33.95 ? 24   THR A CB  1 
ATOM   176  O OG1 . THR A 1 24  ? -9.293  9.908   0.771   1.00 35.57 ? 24   THR A OG1 1 
ATOM   177  C CG2 . THR A 1 24  ? -8.685  11.149  2.745   1.00 36.09 ? 24   THR A CG2 1 
ATOM   178  N N   . ASN A 1 25  ? -7.207  7.663   0.112   1.00 35.29 ? 25   ASN A N   1 
ATOM   179  C CA  . ASN A 1 25  ? -7.398  6.401   -0.597  1.00 30.24 ? 25   ASN A CA  1 
ATOM   180  C C   . ASN A 1 25  ? -6.359  6.200   -1.687  1.00 33.54 ? 25   ASN A C   1 
ATOM   181  O O   . ASN A 1 25  ? -5.942  7.156   -2.352  1.00 33.01 ? 25   ASN A O   1 
ATOM   182  C CB  . ASN A 1 25  ? -8.783  6.351   -1.256  1.00 30.74 ? 25   ASN A CB  1 
ATOM   183  C CG  . ASN A 1 25  ? -9.914  6.421   -0.267  1.00 38.11 ? 25   ASN A CG  1 
ATOM   184  O OD1 . ASN A 1 25  ? -10.280 7.497   0.212   1.00 35.80 ? 25   ASN A OD1 1 
ATOM   185  N ND2 . ASN A 1 25  ? -10.512 5.268   0.023   1.00 35.32 ? 25   ASN A ND2 1 
ATOM   186  N N   . LEU A 1 26  ? -5.943  4.953   -1.871  1.00 29.99 ? 26   LEU A N   1 
ATOM   187  C CA  . LEU A 1 26  ? -5.125  4.558   -3.012  1.00 27.53 ? 26   LEU A CA  1 
ATOM   188  C C   . LEU A 1 26  ? -5.388  3.073   -3.294  1.00 30.35 ? 26   LEU A C   1 
ATOM   189  O O   . LEU A 1 26  ? -4.940  2.195   -2.561  1.00 27.69 ? 26   LEU A O   1 
ATOM   190  C CB  . LEU A 1 26  ? -3.638  4.868   -2.738  1.00 29.09 ? 26   LEU A CB  1 
ATOM   191  C CG  . LEU A 1 26  ? -2.458  4.230   -3.473  1.00 31.83 ? 26   LEU A CG  1 
ATOM   192  C CD1 . LEU A 1 26  ? -2.736  3.775   -4.882  1.00 27.30 ? 26   LEU A CD1 1 
ATOM   193  C CD2 . LEU A 1 26  ? -1.254  5.191   -3.469  1.00 30.24 ? 26   LEU A CD2 1 
ATOM   194  N N   . ARG A 1 27  ? -6.124  2.796   -4.365  1.00 28.49 ? 27   ARG A N   1 
ATOM   195  C CA  . ARG A 1 27  ? -6.476  1.423   -4.693  1.00 30.93 ? 27   ARG A CA  1 
ATOM   196  C C   . ARG A 1 27  ? -6.589  1.195   -6.186  1.00 28.82 ? 27   ARG A C   1 
ATOM   197  O O   . ARG A 1 27  ? -6.900  2.117   -6.939  1.00 32.69 ? 27   ARG A O   1 
ATOM   198  C CB  . ARG A 1 27  ? -7.794  1.039   -4.017  1.00 29.34 ? 27   ARG A CB  1 
ATOM   199  C CG  . ARG A 1 27  ? -7.617  0.530   -2.605  1.00 39.06 ? 27   ARG A CG  1 
ATOM   200  C CD  . ARG A 1 27  ? -8.677  -0.492  -2.209  1.00 37.51 ? 27   ARG A CD  1 
ATOM   201  N NE  . ARG A 1 27  ? -8.532  -0.822  -0.794  1.00 37.85 ? 27   ARG A NE  1 
ATOM   202  C CZ  . ARG A 1 27  ? -9.052  -1.890  -0.197  1.00 41.20 ? 27   ARG A CZ  1 
ATOM   203  N NH1 . ARG A 1 27  ? -9.762  -2.769  -0.895  1.00 41.55 ? 27   ARG A NH1 1 
ATOM   204  N NH2 . ARG A 1 27  ? -8.854  -2.082  1.102   1.00 32.60 ? 27   ARG A NH2 1 
ATOM   205  N N   . MET A 1 28  ? -6.311  -0.029  -6.618  1.00 30.51 ? 28   MET A N   1 
ATOM   206  C CA  . MET A 1 28  ? -6.678  -0.451  -7.955  1.00 28.68 ? 28   MET A CA  1 
ATOM   207  C C   . MET A 1 28  ? -8.173  -0.773  -7.911  1.00 34.32 ? 28   MET A C   1 
ATOM   208  O O   . MET A 1 28  ? -8.572  -1.882  -7.543  1.00 36.83 ? 28   MET A O   1 
ATOM   209  C CB  . MET A 1 28  ? -5.860  -1.669  -8.372  1.00 29.87 ? 28   MET A CB  1 
ATOM   210  C CG  . MET A 1 28  ? -5.615  -1.812  -9.866  1.00 29.70 ? 28   MET A CG  1 
ATOM   211  S SD  . MET A 1 28  ? -7.120  -1.924  -10.858 1.00 33.76 ? 28   MET A SD  1 
ATOM   212  C CE  . MET A 1 28  ? -7.718  -3.557  -10.408 1.00 34.36 ? 28   MET A CE  1 
ATOM   213  N N   . LEU A 1 29  ? -8.993  0.208   -8.279  1.00 35.35 ? 29   LEU A N   1 
ATOM   214  C CA  . LEU A 1 29  ? -10.440 0.180   -8.050  1.00 31.29 ? 29   LEU A CA  1 
ATOM   215  C C   . LEU A 1 29  ? -11.235 -0.486  -9.155  1.00 36.13 ? 29   LEU A C   1 
ATOM   216  O O   . LEU A 1 29  ? -12.437 -0.682  -9.020  1.00 39.42 ? 29   LEU A O   1 
ATOM   217  C CB  . LEU A 1 29  ? -10.973 1.604   -7.876  1.00 36.30 ? 29   LEU A CB  1 
ATOM   218  C CG  . LEU A 1 29  ? -10.620 2.287   -6.559  1.00 35.33 ? 29   LEU A CG  1 
ATOM   219  C CD1 . LEU A 1 29  ? -11.317 3.615   -6.435  1.00 38.61 ? 29   LEU A CD1 1 
ATOM   220  C CD2 . LEU A 1 29  ? -10.979 1.388   -5.402  1.00 36.64 ? 29   LEU A CD2 1 
ATOM   221  N N   . GLU A 1 30  ? -10.577 -0.817  -10.256 1.00 29.94 ? 30   GLU A N   1 
ATOM   222  C CA  . GLU A 1 30  ? -11.287 -1.290  -11.439 1.00 37.84 ? 30   GLU A CA  1 
ATOM   223  C C   . GLU A 1 30  ? -11.809 -2.710  -11.240 1.00 33.65 ? 30   GLU A C   1 
ATOM   224  O O   . GLU A 1 30  ? -11.197 -3.513  -10.543 1.00 34.16 ? 30   GLU A O   1 
ATOM   225  C CB  . GLU A 1 30  ? -10.381 -1.208  -12.666 1.00 36.83 ? 30   GLU A CB  1 
ATOM   226  C CG  . GLU A 1 30  ? -9.612  0.121   -12.766 1.00 42.75 ? 30   GLU A CG  1 
ATOM   227  C CD  . GLU A 1 30  ? -10.510 1.344   -12.855 1.00 46.93 ? 30   GLU A CD  1 
ATOM   228  O OE1 . GLU A 1 30  ? -11.463 1.328   -13.667 1.00 56.10 ? 30   GLU A OE1 1 
ATOM   229  O OE2 . GLU A 1 30  ? -10.262 2.325   -12.120 1.00 42.40 ? 30   GLU A OE2 1 
ATOM   230  N N   . GLN A 1 31  ? -12.954 -3.008  -11.842 1.00 34.66 ? 31   GLN A N   1 
ATOM   231  C CA  . GLN A 1 31  ? -13.597 -4.316  -11.685 1.00 28.51 ? 31   GLN A CA  1 
ATOM   232  C C   . GLN A 1 31  ? -14.040 -4.658  -10.248 1.00 30.42 ? 31   GLN A C   1 
ATOM   233  O O   . GLN A 1 31  ? -14.278 -5.827  -9.933  1.00 29.05 ? 31   GLN A O   1 
ATOM   234  C CB  . GLN A 1 31  ? -12.748 -5.437  -12.319 1.00 31.04 ? 31   GLN A CB  1 
ATOM   235  C CG  . GLN A 1 31  ? -12.492 -5.215  -13.830 1.00 37.33 ? 31   GLN A CG  1 
ATOM   236  C CD  . GLN A 1 31  ? -12.010 -6.451  -14.590 1.00 44.40 ? 31   GLN A CD  1 
ATOM   237  O OE1 . GLN A 1 31  ? -11.625 -7.464  -13.994 1.00 49.23 ? 31   GLN A OE1 1 
ATOM   238  N NE2 . GLN A 1 31  ? -12.033 -6.369  -15.923 1.00 41.29 ? 31   GLN A NE2 1 
ATOM   239  N N   . THR A 1 32  ? -14.184 -3.635  -9.405  1.00 27.86 ? 32   THR A N   1 
ATOM   240  C CA  . THR A 1 32  ? -14.713 -3.782  -8.052  1.00 29.84 ? 32   THR A CA  1 
ATOM   241  C C   . THR A 1 32  ? -15.847 -2.790  -7.835  1.00 33.33 ? 32   THR A C   1 
ATOM   242  O O   . THR A 1 32  ? -15.953 -1.805  -8.552  1.00 35.39 ? 32   THR A O   1 
ATOM   243  C CB  . THR A 1 32  ? -13.631 -3.485  -6.981  1.00 35.06 ? 32   THR A CB  1 
ATOM   244  O OG1 . THR A 1 32  ? -13.470 -2.069  -6.849  1.00 35.65 ? 32   THR A OG1 1 
ATOM   245  C CG2 . THR A 1 32  ? -12.308 -4.086  -7.360  1.00 36.68 ? 32   THR A CG2 1 
ATOM   246  N N   . TYR A 1 33  ? -16.700 -3.043  -6.846  1.00 31.65 ? 33   TYR A N   1 
ATOM   247  C CA  . TYR A 1 33  ? -17.771 -2.118  -6.520  1.00 32.66 ? 33   TYR A CA  1 
ATOM   248  C C   . TYR A 1 33  ? -17.247 -1.131  -5.492  1.00 36.79 ? 33   TYR A C   1 
ATOM   249  O O   . TYR A 1 33  ? -16.853 -1.513  -4.394  1.00 37.70 ? 33   TYR A O   1 
ATOM   250  C CB  . TYR A 1 33  ? -18.977 -2.876  -5.968  1.00 33.87 ? 33   TYR A CB  1 
ATOM   251  C CG  . TYR A 1 33  ? -20.106 -2.015  -5.422  1.00 33.31 ? 33   TYR A CG  1 
ATOM   252  C CD1 . TYR A 1 33  ? -20.788 -1.129  -6.235  1.00 31.29 ? 33   TYR A CD1 1 
ATOM   253  C CD2 . TYR A 1 33  ? -20.513 -2.127  -4.096  1.00 33.19 ? 33   TYR A CD2 1 
ATOM   254  C CE1 . TYR A 1 33  ? -21.819 -0.360  -5.743  1.00 35.40 ? 33   TYR A CE1 1 
ATOM   255  C CE2 . TYR A 1 33  ? -21.550 -1.357  -3.594  1.00 35.14 ? 33   TYR A CE2 1 
ATOM   256  C CZ  . TYR A 1 33  ? -22.201 -0.480  -4.425  1.00 32.62 ? 33   TYR A CZ  1 
ATOM   257  O OH  . TYR A 1 33  ? -23.228 0.291   -3.943  1.00 36.81 ? 33   TYR A OH  1 
ATOM   258  N N   . GLU A 1 34  ? -17.212 0.137   -5.865  1.00 38.10 ? 34   GLU A N   1 
ATOM   259  C CA  . GLU A 1 34  ? -16.751 1.175   -4.961  1.00 37.76 ? 34   GLU A CA  1 
ATOM   260  C C   . GLU A 1 34  ? -17.709 2.359   -5.039  1.00 41.46 ? 34   GLU A C   1 
ATOM   261  O O   . GLU A 1 34  ? -17.541 3.242   -5.883  1.00 39.86 ? 34   GLU A O   1 
ATOM   262  C CB  . GLU A 1 34  ? -15.326 1.597   -5.326  1.00 42.05 ? 34   GLU A CB  1 
ATOM   263  C CG  . GLU A 1 34  ? -14.748 2.693   -4.434  1.00 43.34 ? 34   GLU A CG  1 
ATOM   264  C CD  . GLU A 1 34  ? -14.445 2.206   -3.028  1.00 49.79 ? 34   GLU A CD  1 
ATOM   265  O OE1 . GLU A 1 34  ? -13.827 1.122   -2.888  1.00 46.53 ? 34   GLU A OE1 1 
ATOM   266  O OE2 . GLU A 1 34  ? -14.826 2.907   -2.063  1.00 52.25 ? 34   GLU A OE2 1 
ATOM   267  N N   . PRO A 1 35  ? -18.731 2.373   -4.162  1.00 42.17 ? 35   PRO A N   1 
ATOM   268  C CA  . PRO A 1 35  ? -19.801 3.378   -4.227  1.00 40.72 ? 35   PRO A CA  1 
ATOM   269  C C   . PRO A 1 35  ? -19.347 4.772   -3.790  1.00 45.96 ? 35   PRO A C   1 
ATOM   270  O O   . PRO A 1 35  ? -19.977 5.765   -4.155  1.00 48.57 ? 35   PRO A O   1 
ATOM   271  C CB  . PRO A 1 35  ? -20.854 2.833   -3.263  1.00 41.75 ? 35   PRO A CB  1 
ATOM   272  C CG  . PRO A 1 35  ? -20.092 2.012   -2.302  1.00 34.67 ? 35   PRO A CG  1 
ATOM   273  C CD  . PRO A 1 35  ? -18.922 1.432   -3.044  1.00 39.85 ? 35   PRO A CD  1 
ATOM   274  N N   . SER A 1 36  ? -18.271 4.846   -3.018  1.00 42.27 ? 36   SER A N   1 
ATOM   275  C CA  . SER A 1 36  ? -17.727 6.140   -2.636  1.00 44.88 ? 36   SER A CA  1 
ATOM   276  C C   . SER A 1 36  ? -17.337 6.970   -3.861  1.00 46.32 ? 36   SER A C   1 
ATOM   277  O O   . SER A 1 36  ? -17.568 8.174   -3.891  1.00 50.72 ? 36   SER A O   1 
ATOM   278  C CB  . SER A 1 36  ? -16.514 5.964   -1.725  1.00 43.43 ? 36   SER A CB  1 
ATOM   279  O OG  . SER A 1 36  ? -16.876 5.340   -0.514  1.00 47.48 ? 36   SER A OG  1 
ATOM   280  N N   . ARG A 1 37  ? -16.765 6.317   -4.871  1.00 44.27 ? 37   ARG A N   1 
ATOM   281  C CA  . ARG A 1 37  ? -16.184 7.020   -6.016  1.00 47.51 ? 37   ARG A CA  1 
ATOM   282  C C   . ARG A 1 37  ? -17.181 7.903   -6.775  1.00 52.26 ? 37   ARG A C   1 
ATOM   283  O O   . ARG A 1 37  ? -16.783 8.833   -7.471  1.00 52.52 ? 37   ARG A O   1 
ATOM   284  C CB  . ARG A 1 37  ? -15.497 6.040   -6.979  1.00 50.16 ? 37   ARG A CB  1 
ATOM   285  C CG  . ARG A 1 37  ? -14.376 6.674   -7.810  1.00 49.68 ? 37   ARG A CG  1 
ATOM   286  C CD  . ARG A 1 37  ? -14.586 6.525   -9.308  1.00 50.80 ? 37   ARG A CD  1 
ATOM   287  N NE  . ARG A 1 37  ? -14.379 5.163   -9.801  1.00 53.76 ? 37   ARG A NE  1 
ATOM   288  C CZ  . ARG A 1 37  ? -13.207 4.677   -10.209 1.00 55.93 ? 37   ARG A CZ  1 
ATOM   289  N NH1 . ARG A 1 37  ? -12.111 5.434   -10.172 1.00 48.23 ? 37   ARG A NH1 1 
ATOM   290  N NH2 . ARG A 1 37  ? -13.130 3.424   -10.653 1.00 52.65 ? 37   ARG A NH2 1 
ATOM   291  N N   . THR A 1 38  ? -18.473 7.622   -6.632  1.00 54.53 ? 38   THR A N   1 
ATOM   292  C CA  . THR A 1 38  ? -19.500 8.407   -7.320  1.00 54.39 ? 38   THR A CA  1 
ATOM   293  C C   . THR A 1 38  ? -19.666 9.782   -6.666  1.00 54.28 ? 38   THR A C   1 
ATOM   294  O O   . THR A 1 38  ? -20.095 10.744  -7.309  1.00 57.70 ? 38   THR A O   1 
ATOM   295  C CB  . THR A 1 38  ? -20.851 7.672   -7.338  1.00 52.05 ? 38   THR A CB  1 
ATOM   296  O OG1 . THR A 1 38  ? -20.645 6.296   -7.678  1.00 52.19 ? 38   THR A OG1 1 
ATOM   297  C CG2 . THR A 1 38  ? -21.790 8.300   -8.362  1.00 54.84 ? 38   THR A CG2 1 
ATOM   298  N N   . HIS A 1 39  ? -19.314 9.866   -5.387  1.00 56.71 ? 39   HIS A N   1 
ATOM   299  C CA  . HIS A 1 39  ? -19.315 11.126  -4.644  1.00 54.18 ? 39   HIS A CA  1 
ATOM   300  C C   . HIS A 1 39  ? -18.038 11.961  -4.813  1.00 55.42 ? 39   HIS A C   1 
ATOM   301  O O   . HIS A 1 39  ? -17.909 13.011  -4.186  1.00 55.03 ? 39   HIS A O   1 
ATOM   302  C CB  . HIS A 1 39  ? -19.502 10.851  -3.154  1.00 56.63 ? 39   HIS A CB  1 
ATOM   303  C CG  . HIS A 1 39  ? -20.932 10.744  -2.731  1.00 61.47 ? 39   HIS A CG  1 
ATOM   304  N ND1 . HIS A 1 39  ? -21.401 11.301  -1.559  1.00 58.80 ? 39   HIS A ND1 1 
ATOM   305  C CD2 . HIS A 1 39  ? -21.999 10.149  -3.317  1.00 63.18 ? 39   HIS A CD2 1 
ATOM   306  C CE1 . HIS A 1 39  ? -22.693 11.054  -1.442  1.00 53.42 ? 39   HIS A CE1 1 
ATOM   307  N NE2 . HIS A 1 39  ? -23.081 10.356  -2.495  1.00 60.49 ? 39   HIS A NE2 1 
ATOM   308  N N   . TRP A 1 40  ? -17.100 11.495  -5.641  1.00 51.18 ? 40   TRP A N   1 
ATOM   309  C CA  . TRP A 1 40  ? -15.778 12.128  -5.764  1.00 49.19 ? 40   TRP A CA  1 
ATOM   310  C C   . TRP A 1 40  ? -15.627 12.992  -7.027  1.00 48.85 ? 40   TRP A C   1 
ATOM   311  O O   . TRP A 1 40  ? -16.119 12.618  -8.096  1.00 48.49 ? 40   TRP A O   1 
ATOM   312  C CB  . TRP A 1 40  ? -14.673 11.059  -5.777  1.00 49.08 ? 40   TRP A CB  1 
ATOM   313  C CG  . TRP A 1 40  ? -14.456 10.298  -4.489  1.00 46.82 ? 40   TRP A CG  1 
ATOM   314  C CD1 . TRP A 1 40  ? -14.929 10.616  -3.248  1.00 47.87 ? 40   TRP A CD1 1 
ATOM   315  C CD2 . TRP A 1 40  ? -13.698 9.088   -4.330  1.00 44.57 ? 40   TRP A CD2 1 
ATOM   316  N NE1 . TRP A 1 40  ? -14.515 9.677   -2.328  1.00 45.24 ? 40   TRP A NE1 1 
ATOM   317  C CE2 . TRP A 1 40  ? -13.761 8.731   -2.968  1.00 42.74 ? 40   TRP A CE2 1 
ATOM   318  C CE3 . TRP A 1 40  ? -12.978 8.273   -5.210  1.00 42.98 ? 40   TRP A CE3 1 
ATOM   319  C CZ2 . TRP A 1 40  ? -13.128 7.592   -2.466  1.00 41.98 ? 40   TRP A CZ2 1 
ATOM   320  C CZ3 . TRP A 1 40  ? -12.352 7.141   -4.710  1.00 40.98 ? 40   TRP A CZ3 1 
ATOM   321  C CH2 . TRP A 1 40  ? -12.429 6.816   -3.350  1.00 41.52 ? 40   TRP A CH2 1 
ATOM   322  N N   . THR A 1 41  ? -14.913 14.116  -6.903  1.00 47.12 ? 41   THR A N   1 
ATOM   323  C CA  . THR A 1 41  ? -14.613 15.015  -8.034  1.00 44.88 ? 41   THR A CA  1 
ATOM   324  C C   . THR A 1 41  ? -13.307 14.677  -8.762  1.00 47.49 ? 41   THR A C   1 
ATOM   325  O O   . THR A 1 41  ? -12.257 14.639  -8.138  1.00 45.62 ? 41   THR A O   1 
ATOM   326  C CB  . THR A 1 41  ? -14.426 16.456  -7.551  1.00 48.04 ? 41   THR A CB  1 
ATOM   327  O OG1 . THR A 1 41  ? -15.463 16.802  -6.627  1.00 47.17 ? 41   THR A OG1 1 
ATOM   328  C CG2 . THR A 1 41  ? -14.436 17.414  -8.731  1.00 49.11 ? 41   THR A CG2 1 
ATOM   329  N N   . PRO A 1 42  ? -13.357 14.461  -10.090 1.00 40.83 ? 42   PRO A N   1 
ATOM   330  C CA  . PRO A 1 42  ? -12.099 14.196  -10.798 1.00 44.80 ? 42   PRO A CA  1 
ATOM   331  C C   . PRO A 1 42  ? -11.240 15.458  -10.859 1.00 47.11 ? 42   PRO A C   1 
ATOM   332  O O   . PRO A 1 42  ? -11.782 16.553  -10.994 1.00 49.94 ? 42   PRO A O   1 
ATOM   333  C CB  . PRO A 1 42  ? -12.559 13.796  -12.207 1.00 42.92 ? 42   PRO A CB  1 
ATOM   334  C CG  . PRO A 1 42  ? -14.038 13.589  -12.112 1.00 43.42 ? 42   PRO A CG  1 
ATOM   335  C CD  . PRO A 1 42  ? -14.502 14.482  -11.012 1.00 49.93 ? 42   PRO A CD  1 
ATOM   336  N N   . ASP A 1 43  ? -9.922  15.293  -10.759 1.00 48.25 ? 43   ASP A N   1 
ATOM   337  C CA  . ASP A 1 43  ? -8.973  16.405  -10.700 1.00 45.32 ? 43   ASP A CA  1 
ATOM   338  C C   . ASP A 1 43  ? -7.640  15.914  -11.249 1.00 48.50 ? 43   ASP A C   1 
ATOM   339  O O   . ASP A 1 43  ? -6.753  15.547  -10.473 1.00 50.71 ? 43   ASP A O   1 
ATOM   340  C CB  . ASP A 1 43  ? -8.793  16.852  -9.246  1.00 44.72 ? 43   ASP A CB  1 
ATOM   341  C CG  . ASP A 1 43  ? -7.867  18.055  -9.099  1.00 52.30 ? 43   ASP A CG  1 
ATOM   342  O OD1 . ASP A 1 43  ? -7.138  18.399  -10.059 1.00 50.23 ? 43   ASP A OD1 1 
ATOM   343  O OD2 . ASP A 1 43  ? -7.864  18.657  -8.002  1.00 47.78 ? 43   ASP A OD2 1 
ATOM   344  N N   . PRO A 1 44  ? -7.481  15.923  -12.585 1.00 49.51 ? 44   PRO A N   1 
ATOM   345  C CA  . PRO A 1 44  ? -6.343  15.293  -13.277 1.00 45.71 ? 44   PRO A CA  1 
ATOM   346  C C   . PRO A 1 44  ? -4.966  15.802  -12.854 1.00 45.07 ? 44   PRO A C   1 
ATOM   347  O O   . PRO A 1 44  ? -3.961  15.325  -13.381 1.00 45.97 ? 44   PRO A O   1 
ATOM   348  C CB  . PRO A 1 44  ? -6.604  15.623  -14.753 1.00 50.41 ? 44   PRO A CB  1 
ATOM   349  C CG  . PRO A 1 44  ? -8.081  15.798  -14.830 1.00 51.57 ? 44   PRO A CG  1 
ATOM   350  C CD  . PRO A 1 44  ? -8.463  16.468  -13.538 1.00 44.93 ? 44   PRO A CD  1 
ATOM   351  N N   . GLY A 1 45  ? -4.922  16.740  -11.915 1.00 44.60 ? 45   GLY A N   1 
ATOM   352  C CA  . GLY A 1 45  ? -3.665  17.304  -11.470 1.00 45.33 ? 45   GLY A CA  1 
ATOM   353  C C   . GLY A 1 45  ? -3.487  17.290  -9.964  1.00 46.32 ? 45   GLY A C   1 
ATOM   354  O O   . GLY A 1 45  ? -2.529  17.863  -9.436  1.00 45.76 ? 45   GLY A O   1 
ATOM   355  N N   . ALA A 1 46  ? -4.404  16.633  -9.264  1.00 44.75 ? 46   ALA A N   1 
ATOM   356  C CA  . ALA A 1 46  ? -4.277  16.487  -7.820  1.00 41.79 ? 46   ALA A CA  1 
ATOM   357  C C   . ALA A 1 46  ? -3.150  15.508  -7.492  1.00 38.07 ? 46   ALA A C   1 
ATOM   358  O O   . ALA A 1 46  ? -2.764  14.689  -8.335  1.00 41.75 ? 46   ALA A O   1 
ATOM   359  C CB  . ALA A 1 46  ? -5.577  16.014  -7.221  1.00 41.27 ? 46   ALA A CB  1 
ATOM   360  N N   . PHE A 1 47  ? -2.627  15.621  -6.275  1.00 35.08 ? 47   PHE A N   1 
ATOM   361  C CA  . PHE A 1 47  ? -1.610  14.709  -5.757  1.00 38.75 ? 47   PHE A CA  1 
ATOM   362  C C   . PHE A 1 47  ? -0.446  14.565  -6.721  1.00 42.68 ? 47   PHE A C   1 
ATOM   363  O O   . PHE A 1 47  ? -0.099  13.455  -7.119  1.00 40.81 ? 47   PHE A O   1 
ATOM   364  C CB  . PHE A 1 47  ? -2.227  13.338  -5.426  1.00 39.07 ? 47   PHE A CB  1 
ATOM   365  C CG  . PHE A 1 47  ? -3.470  13.426  -4.587  1.00 33.16 ? 47   PHE A CG  1 
ATOM   366  C CD1 . PHE A 1 47  ? -3.406  13.861  -3.272  1.00 37.30 ? 47   PHE A CD1 1 
ATOM   367  C CD2 . PHE A 1 47  ? -4.706  13.114  -5.119  1.00 37.40 ? 47   PHE A CD2 1 
ATOM   368  C CE1 . PHE A 1 47  ? -4.546  13.964  -2.508  1.00 38.42 ? 47   PHE A CE1 1 
ATOM   369  C CE2 . PHE A 1 47  ? -5.844  13.217  -4.358  1.00 36.48 ? 47   PHE A CE2 1 
ATOM   370  C CZ  . PHE A 1 47  ? -5.765  13.645  -3.050  1.00 36.60 ? 47   PHE A CZ  1 
ATOM   371  N N   . SER A 1 48  ? 0.138   15.699  -7.099  1.00 40.71 ? 48   SER A N   1 
ATOM   372  C CA  . SER A 1 48  ? 1.269   15.732  -8.020  1.00 43.05 ? 48   SER A CA  1 
ATOM   373  C C   . SER A 1 48  ? 2.463   14.962  -7.481  1.00 38.49 ? 48   SER A C   1 
ATOM   374  O O   . SER A 1 48  ? 3.144   14.244  -8.220  1.00 41.07 ? 48   SER A O   1 
ATOM   375  C CB  . SER A 1 48  ? 1.687   17.184  -8.287  1.00 36.93 ? 48   SER A CB  1 
ATOM   376  O OG  . SER A 1 48  ? 0.637   17.916  -8.891  1.00 56.82 ? 48   SER A OG  1 
ATOM   377  N N   . GLY A 1 49  ? 2.719   15.121  -6.189  1.00 40.15 ? 49   GLY A N   1 
ATOM   378  C CA  . GLY A 1 49  ? 3.863   14.486  -5.566  1.00 41.81 ? 49   GLY A CA  1 
ATOM   379  C C   . GLY A 1 49  ? 3.699   12.983  -5.501  1.00 42.80 ? 49   GLY A C   1 
ATOM   380  O O   . GLY A 1 49  ? 4.578   12.235  -5.941  1.00 42.24 ? 49   GLY A O   1 
ATOM   381  N N   . ALA A 1 50  ? 2.564   12.546  -4.960  1.00 38.07 ? 50   ALA A N   1 
ATOM   382  C CA  . ALA A 1 50  ? 2.283   11.129  -4.806  1.00 37.59 ? 50   ALA A CA  1 
ATOM   383  C C   . ALA A 1 50  ? 2.381   10.388  -6.132  1.00 37.65 ? 50   ALA A C   1 
ATOM   384  O O   . ALA A 1 50  ? 2.896   9.279   -6.177  1.00 37.34 ? 50   ALA A O   1 
ATOM   385  C CB  . ALA A 1 50  ? 0.925   10.918  -4.169  1.00 30.95 ? 50   ALA A CB  1 
ATOM   386  N N   . VAL A 1 51  ? 1.911   11.000  -7.214  1.00 34.02 ? 51   VAL A N   1 
ATOM   387  C CA  . VAL A 1 51  ? 1.991   10.372  -8.528  1.00 36.06 ? 51   VAL A CA  1 
ATOM   388  C C   . VAL A 1 51  ? 3.442   10.221  -8.981  1.00 35.94 ? 51   VAL A C   1 
ATOM   389  O O   . VAL A 1 51  ? 3.814   9.217   -9.599  1.00 33.75 ? 51   VAL A O   1 
ATOM   390  C CB  . VAL A 1 51  ? 1.200   11.166  -9.594  1.00 35.90 ? 51   VAL A CB  1 
ATOM   391  C CG1 . VAL A 1 51  ? 1.427   10.590  -10.976 1.00 39.69 ? 51   VAL A CG1 1 
ATOM   392  C CG2 . VAL A 1 51  ? -0.276  11.155  -9.259  1.00 38.14 ? 51   VAL A CG2 1 
ATOM   393  N N   . ASP A 1 52  ? 4.264   11.222  -8.680  1.00 39.17 ? 52   ASP A N   1 
ATOM   394  C CA  . ASP A 1 52  ? 5.671   11.180  -9.082  1.00 38.70 ? 52   ASP A CA  1 
ATOM   395  C C   . ASP A 1 52  ? 6.381   10.099  -8.312  1.00 33.59 ? 52   ASP A C   1 
ATOM   396  O O   . ASP A 1 52  ? 7.180   9.352   -8.869  1.00 34.04 ? 52   ASP A O   1 
ATOM   397  C CB  . ASP A 1 52  ? 6.372   12.504  -8.795  1.00 40.59 ? 52   ASP A CB  1 
ATOM   398  C CG  . ASP A 1 52  ? 5.967   13.598  -9.757  1.00 43.87 ? 52   ASP A CG  1 
ATOM   399  O OD1 . ASP A 1 52  ? 5.644   13.283  -10.929 1.00 37.62 ? 52   ASP A OD1 1 
ATOM   400  O OD2 . ASP A 1 52  ? 5.977   14.771  -9.324  1.00 46.74 ? 52   ASP A OD2 1 
ATOM   401  N N   . GLN A 1 53  ? 6.095   10.042  -7.018  1.00 33.98 ? 53   GLN A N   1 
ATOM   402  C CA  . GLN A 1 53  ? 6.707   9.044   -6.157  1.00 34.50 ? 53   GLN A CA  1 
ATOM   403  C C   . GLN A 1 53  ? 6.265   7.634   -6.542  1.00 35.39 ? 53   GLN A C   1 
ATOM   404  O O   . GLN A 1 53  ? 7.072   6.692   -6.507  1.00 35.08 ? 53   GLN A O   1 
ATOM   405  C CB  . GLN A 1 53  ? 6.385   9.332   -4.698  1.00 34.98 ? 53   GLN A CB  1 
ATOM   406  C CG  . GLN A 1 53  ? 6.849   10.701  -4.239  1.00 37.33 ? 53   GLN A CG  1 
ATOM   407  C CD  . GLN A 1 53  ? 6.774   10.861  -2.737  1.00 34.84 ? 53   GLN A CD  1 
ATOM   408  O OE1 . GLN A 1 53  ? 7.064   9.926   -1.995  1.00 37.30 ? 53   GLN A OE1 1 
ATOM   409  N NE2 . GLN A 1 53  ? 6.393   12.049  -2.278  1.00 38.10 ? 53   GLN A NE2 1 
ATOM   410  N N   . LEU A 1 54  ? 4.996   7.487   -6.924  1.00 36.80 ? 54   LEU A N   1 
ATOM   411  C CA  . LEU A 1 54  ? 4.484   6.180   -7.332  1.00 29.59 ? 54   LEU A CA  1 
ATOM   412  C C   . LEU A 1 54  ? 5.177   5.759   -8.603  1.00 35.89 ? 54   LEU A C   1 
ATOM   413  O O   . LEU A 1 54  ? 5.643   4.630   -8.721  1.00 32.92 ? 54   LEU A O   1 
ATOM   414  C CB  . LEU A 1 54  ? 2.967   6.203   -7.540  1.00 32.53 ? 54   LEU A CB  1 
ATOM   415  C CG  . LEU A 1 54  ? 2.090   6.039   -6.298  1.00 28.00 ? 54   LEU A CG  1 
ATOM   416  C CD1 . LEU A 1 54  ? 0.650   6.281   -6.646  1.00 31.65 ? 54   LEU A CD1 1 
ATOM   417  C CD2 . LEU A 1 54  ? 2.238   4.637   -5.729  1.00 27.92 ? 54   LEU A CD2 1 
ATOM   418  N N   . ASN A 1 55  ? 5.257   6.681   -9.558  1.00 34.50 ? 55   ASN A N   1 
ATOM   419  C CA  . ASN A 1 55  ? 5.975   6.415   -10.794 1.00 34.10 ? 55   ASN A CA  1 
ATOM   420  C C   . ASN A 1 55  ? 7.429   6.025   -10.546 1.00 29.46 ? 55   ASN A C   1 
ATOM   421  O O   . ASN A 1 55  ? 7.969   5.144   -11.217 1.00 35.44 ? 55   ASN A O   1 
ATOM   422  C CB  . ASN A 1 55  ? 5.899   7.636   -11.710 1.00 37.56 ? 55   ASN A CB  1 
ATOM   423  C CG  . ASN A 1 55  ? 4.499   7.872   -12.247 1.00 42.78 ? 55   ASN A CG  1 
ATOM   424  O OD1 . ASN A 1 55  ? 3.693   6.936   -12.356 1.00 42.00 ? 55   ASN A OD1 1 
ATOM   425  N ND2 . ASN A 1 55  ? 4.200   9.128   -12.591 1.00 39.31 ? 55   ASN A ND2 1 
ATOM   426  N N   . ALA A 1 56  ? 8.049   6.674   -9.568  1.00 32.36 ? 56   ALA A N   1 
ATOM   427  C CA  . ALA A 1 56  ? 9.453   6.421   -9.247  1.00 34.67 ? 56   ALA A CA  1 
ATOM   428  C C   . ALA A 1 56  ? 9.602   5.072   -8.568  1.00 34.15 ? 56   ALA A C   1 
ATOM   429  O O   . ALA A 1 56  ? 10.537  4.326   -8.840  1.00 34.28 ? 56   ALA A O   1 
ATOM   430  C CB  . ALA A 1 56  ? 9.986   7.506   -8.365  1.00 32.10 ? 56   ALA A CB  1 
ATOM   431  N N   . TYR A 1 57  ? 8.669   4.782   -7.669  1.00 36.05 ? 57   TYR A N   1 
ATOM   432  C CA  . TYR A 1 57  ? 8.583   3.479   -7.021  1.00 30.83 ? 57   TYR A CA  1 
ATOM   433  C C   . TYR A 1 57  ? 8.593   2.368   -8.064  1.00 30.88 ? 57   TYR A C   1 
ATOM   434  O O   . TYR A 1 57  ? 9.461   1.505   -8.051  1.00 30.64 ? 57   TYR A O   1 
ATOM   435  C CB  . TYR A 1 57  ? 7.322   3.421   -6.155  1.00 30.46 ? 57   TYR A CB  1 
ATOM   436  C CG  . TYR A 1 57  ? 6.997   2.052   -5.612  1.00 26.25 ? 57   TYR A CG  1 
ATOM   437  C CD1 . TYR A 1 57  ? 7.547   1.613   -4.422  1.00 30.32 ? 57   TYR A CD1 1 
ATOM   438  C CD2 . TYR A 1 57  ? 6.135   1.206   -6.292  1.00 30.31 ? 57   TYR A CD2 1 
ATOM   439  C CE1 . TYR A 1 57  ? 7.256   0.371   -3.925  1.00 27.73 ? 57   TYR A CE1 1 
ATOM   440  C CE2 . TYR A 1 57  ? 5.841   -0.045  -5.804  1.00 29.04 ? 57   TYR A CE2 1 
ATOM   441  C CZ  . TYR A 1 57  ? 6.396   -0.450  -4.617  1.00 28.51 ? 57   TYR A CZ  1 
ATOM   442  O OH  . TYR A 1 57  ? 6.096   -1.702  -4.138  1.00 29.45 ? 57   TYR A OH  1 
ATOM   443  N N   . PHE A 1 58  ? 7.652   2.410   -9.000  1.00 32.07 ? 58   PHE A N   1 
ATOM   444  C CA  . PHE A 1 58  ? 7.562   1.361   -10.010 1.00 31.93 ? 58   PHE A CA  1 
ATOM   445  C C   . PHE A 1 58  ? 8.787   1.286   -10.918 1.00 36.34 ? 58   PHE A C   1 
ATOM   446  O O   . PHE A 1 58  ? 9.064   0.241   -11.508 1.00 31.26 ? 58   PHE A O   1 
ATOM   447  C CB  . PHE A 1 58  ? 6.287   1.510   -10.825 1.00 36.86 ? 58   PHE A CB  1 
ATOM   448  C CG  . PHE A 1 58  ? 5.051   1.142   -10.067 1.00 32.57 ? 58   PHE A CG  1 
ATOM   449  C CD1 . PHE A 1 58  ? 4.851   -0.160  -9.644  1.00 36.58 ? 58   PHE A CD1 1 
ATOM   450  C CD2 . PHE A 1 58  ? 4.097   2.092   -9.774  1.00 32.97 ? 58   PHE A CD2 1 
ATOM   451  C CE1 . PHE A 1 58  ? 3.704   -0.512  -8.939  1.00 32.76 ? 58   PHE A CE1 1 
ATOM   452  C CE2 . PHE A 1 58  ? 2.954   1.754   -9.070  1.00 35.67 ? 58   PHE A CE2 1 
ATOM   453  C CZ  . PHE A 1 58  ? 2.757   0.445   -8.653  1.00 32.85 ? 58   PHE A CZ  1 
ATOM   454  N N   . ALA A 1 59  ? 9.520   2.393   -11.010 1.00 32.12 ? 59   ALA A N   1 
ATOM   455  C CA  . ALA A 1 59  ? 10.736  2.449   -11.823 1.00 39.06 ? 59   ALA A CA  1 
ATOM   456  C C   . ALA A 1 59  ? 12.014  2.070   -11.053 1.00 42.94 ? 59   ALA A C   1 
ATOM   457  O O   . ALA A 1 59  ? 13.117  2.159   -11.594 1.00 43.56 ? 59   ALA A O   1 
ATOM   458  C CB  . ALA A 1 59  ? 10.881  3.830   -12.460 1.00 36.70 ? 59   ALA A CB  1 
ATOM   459  N N   . GLY A 1 60  ? 11.870  1.643   -9.801  1.00 39.45 ? 60   GLY A N   1 
ATOM   460  C CA  . GLY A 1 60  ? 13.022  1.249   -9.001  1.00 37.14 ? 60   GLY A CA  1 
ATOM   461  C C   . GLY A 1 60  ? 13.746  2.401   -8.327  1.00 37.08 ? 60   GLY A C   1 
ATOM   462  O O   . GLY A 1 60  ? 14.652  2.191   -7.527  1.00 40.91 ? 60   GLY A O   1 
ATOM   463  N N   . GLU A 1 61  ? 13.340  3.628   -8.640  1.00 41.66 ? 61   GLU A N   1 
ATOM   464  C CA  . GLU A 1 61  ? 14.081  4.820   -8.225  1.00 39.93 ? 61   GLU A CA  1 
ATOM   465  C C   . GLU A 1 61  ? 13.615  5.377   -6.888  1.00 43.81 ? 61   GLU A C   1 
ATOM   466  O O   . GLU A 1 61  ? 14.121  6.405   -6.429  1.00 42.67 ? 61   GLU A O   1 
ATOM   467  C CB  . GLU A 1 61  ? 13.950  5.924   -9.280  1.00 39.63 ? 61   GLU A CB  1 
ATOM   468  C CG  . GLU A 1 61  ? 14.340  5.524   -10.698 1.00 44.99 ? 61   GLU A CG  1 
ATOM   469  C CD  . GLU A 1 61  ? 13.741  6.459   -11.749 1.00 53.84 ? 61   GLU A CD  1 
ATOM   470  O OE1 . GLU A 1 61  ? 12.838  7.254   -11.398 1.00 47.70 ? 61   GLU A OE1 1 
ATOM   471  O OE2 . GLU A 1 61  ? 14.173  6.398   -12.924 1.00 53.65 ? 61   GLU A OE2 1 
ATOM   472  N N   . LEU A 1 62  ? 12.634  4.725   -6.269  1.00 36.65 ? 62   LEU A N   1 
ATOM   473  C CA  . LEU A 1 62  ? 12.128  5.204   -4.990  1.00 31.01 ? 62   LEU A CA  1 
ATOM   474  C C   . LEU A 1 62  ? 11.898  4.064   -3.999  1.00 35.76 ? 62   LEU A C   1 
ATOM   475  O O   . LEU A 1 62  ? 11.453  2.976   -4.366  1.00 33.72 ? 62   LEU A O   1 
ATOM   476  C CB  . LEU A 1 62  ? 10.855  6.040   -5.180  1.00 30.28 ? 62   LEU A CB  1 
ATOM   477  C CG  . LEU A 1 62  ? 10.256  6.643   -3.906  1.00 30.92 ? 62   LEU A CG  1 
ATOM   478  C CD1 . LEU A 1 62  ? 9.635   7.987   -4.195  1.00 33.03 ? 62   LEU A CD1 1 
ATOM   479  C CD2 . LEU A 1 62  ? 9.196   5.719   -3.315  1.00 31.09 ? 62   LEU A CD2 1 
ATOM   480  N N   . THR A 1 63  ? 12.198  4.335   -2.738  1.00 35.48 ? 63   THR A N   1 
ATOM   481  C CA  . THR A 1 63  ? 12.170  3.307   -1.719  1.00 28.38 ? 63   THR A CA  1 
ATOM   482  C C   . THR A 1 63  ? 11.400  3.757   -0.491  1.00 34.59 ? 63   THR A C   1 
ATOM   483  O O   . THR A 1 63  ? 10.794  2.935   0.198   1.00 38.79 ? 63   THR A O   1 
ATOM   484  C CB  . THR A 1 63  ? 13.614  2.869   -1.378  1.00 35.59 ? 63   THR A CB  1 
ATOM   485  O OG1 . THR A 1 63  ? 13.863  1.586   -1.966  1.00 36.41 ? 63   THR A OG1 1 
ATOM   486  C CG2 . THR A 1 63  ? 13.862  2.827   0.117   1.00 38.40 ? 63   THR A CG2 1 
ATOM   487  N N   . GLU A 1 64  ? 11.406  5.062   -0.230  1.00 31.60 ? 64   GLU A N   1 
ATOM   488  C CA  . GLU A 1 64  ? 10.666  5.641   0.888   1.00 35.96 ? 64   GLU A CA  1 
ATOM   489  C C   . GLU A 1 64  ? 9.739   6.722   0.355   1.00 37.08 ? 64   GLU A C   1 
ATOM   490  O O   . GLU A 1 64  ? 10.164  7.572   -0.430  1.00 34.40 ? 64   GLU A O   1 
ATOM   491  C CB  . GLU A 1 64  ? 11.619  6.248   1.920   1.00 37.27 ? 64   GLU A CB  1 
ATOM   492  C CG  . GLU A 1 64  ? 12.491  5.244   2.643   1.00 40.39 ? 64   GLU A CG  1 
ATOM   493  C CD  . GLU A 1 64  ? 13.655  5.895   3.388   1.00 49.06 ? 64   GLU A CD  1 
ATOM   494  O OE1 . GLU A 1 64  ? 13.604  7.116   3.654   1.00 52.36 ? 64   GLU A OE1 1 
ATOM   495  O OE2 . GLU A 1 64  ? 14.630  5.185   3.703   1.00 54.74 ? 64   GLU A OE2 1 
ATOM   496  N N   . PHE A 1 65  ? 8.469   6.678   0.755   1.00 33.23 ? 65   PHE A N   1 
ATOM   497  C CA  . PHE A 1 65  ? 7.514   7.722   0.383   1.00 33.12 ? 65   PHE A CA  1 
ATOM   498  C C   . PHE A 1 65  ? 7.537   8.916   1.333   1.00 35.37 ? 65   PHE A C   1 
ATOM   499  O O   . PHE A 1 65  ? 7.764   8.776   2.530   1.00 36.66 ? 65   PHE A O   1 
ATOM   500  C CB  . PHE A 1 65  ? 6.084   7.166   0.303   1.00 33.13 ? 65   PHE A CB  1 
ATOM   501  C CG  . PHE A 1 65  ? 5.873   6.238   -0.837  1.00 27.59 ? 65   PHE A CG  1 
ATOM   502  C CD1 . PHE A 1 65  ? 5.529   6.720   -2.087  1.00 28.21 ? 65   PHE A CD1 1 
ATOM   503  C CD2 . PHE A 1 65  ? 6.047   4.881   -0.670  1.00 31.96 ? 65   PHE A CD2 1 
ATOM   504  C CE1 . PHE A 1 65  ? 5.352   5.865   -3.158  1.00 27.04 ? 65   PHE A CE1 1 
ATOM   505  C CE2 . PHE A 1 65  ? 5.861   4.016   -1.729  1.00 25.41 ? 65   PHE A CE2 1 
ATOM   506  C CZ  . PHE A 1 65  ? 5.517   4.507   -2.978  1.00 30.99 ? 65   PHE A CZ  1 
ATOM   507  N N   . ASP A 1 66  ? 7.304   10.095  0.769   1.00 37.72 ? 66   ASP A N   1 
ATOM   508  C CA  . ASP A 1 66  ? 7.066   11.299  1.545   1.00 40.65 ? 66   ASP A CA  1 
ATOM   509  C C   . ASP A 1 66  ? 5.743   11.846  1.030   1.00 41.74 ? 66   ASP A C   1 
ATOM   510  O O   . ASP A 1 66  ? 5.722   12.646  0.097   1.00 39.82 ? 66   ASP A O   1 
ATOM   511  C CB  . ASP A 1 66  ? 8.200   12.309  1.322   1.00 38.91 ? 66   ASP A CB  1 
ATOM   512  C CG  . ASP A 1 66  ? 8.240   13.408  2.384   1.00 45.57 ? 66   ASP A CG  1 
ATOM   513  O OD1 . ASP A 1 66  ? 7.173   13.799  2.898   1.00 43.19 ? 66   ASP A OD1 1 
ATOM   514  O OD2 . ASP A 1 66  ? 9.352   13.888  2.703   1.00 51.06 ? 66   ASP A OD2 1 
ATOM   515  N N   . VAL A 1 67  ? 4.637   11.354  1.597   1.00 40.99 ? 67   VAL A N   1 
ATOM   516  C CA  . VAL A 1 67  ? 3.287   11.771  1.203   1.00 40.24 ? 67   VAL A CA  1 
ATOM   517  C C   . VAL A 1 67  ? 2.419   12.010  2.450   1.00 37.55 ? 67   VAL A C   1 
ATOM   518  O O   . VAL A 1 67  ? 2.550   11.306  3.447   1.00 44.82 ? 67   VAL A O   1 
ATOM   519  C CB  . VAL A 1 67  ? 2.594   10.730  0.270   1.00 36.41 ? 67   VAL A CB  1 
ATOM   520  C CG1 A VAL A 1 67  ? 3.411   10.499  -0.992  0.31 36.57 ? 67   VAL A CG1 1 
ATOM   521  C CG1 B VAL A 1 67  ? 1.222   11.213  -0.181  0.69 34.49 ? 67   VAL A CG1 1 
ATOM   522  C CG2 A VAL A 1 67  ? 2.349   9.429   1.002   0.31 37.63 ? 67   VAL A CG2 1 
ATOM   523  C CG2 B VAL A 1 67  ? 3.458   10.427  -0.939  0.69 36.60 ? 67   VAL A CG2 1 
ATOM   524  N N   . GLU A 1 68  ? 1.553   13.023  2.397   1.00 40.38 ? 68   GLU A N   1 
ATOM   525  C CA  . GLU A 1 68  ? 0.633   13.329  3.492   1.00 38.76 ? 68   GLU A CA  1 
ATOM   526  C C   . GLU A 1 68  ? -0.558  12.374  3.489   1.00 35.76 ? 68   GLU A C   1 
ATOM   527  O O   . GLU A 1 68  ? -1.276  12.297  2.499   1.00 37.16 ? 68   GLU A O   1 
ATOM   528  C CB  . GLU A 1 68  ? 0.103   14.758  3.346   1.00 47.26 ? 68   GLU A CB  1 
ATOM   529  C CG  . GLU A 1 68  ? 0.948   15.846  4.005   1.00 49.37 ? 68   GLU A CG  1 
ATOM   530  C CD  . GLU A 1 68  ? 0.365   17.235  3.780   1.00 50.82 ? 68   GLU A CD  1 
ATOM   531  O OE1 . GLU A 1 68  ? 0.373   17.701  2.617   1.00 45.46 ? 68   GLU A OE1 1 
ATOM   532  O OE2 . GLU A 1 68  ? -0.112  17.849  4.763   1.00 56.27 ? 68   GLU A OE2 1 
ATOM   533  N N   . LEU A 1 69  ? -0.777  11.669  4.594   1.00 34.28 ? 69   LEU A N   1 
ATOM   534  C CA  . LEU A 1 69  ? -1.832  10.659  4.663   1.00 35.19 ? 69   LEU A CA  1 
ATOM   535  C C   . LEU A 1 69  ? -2.903  10.998  5.701   1.00 36.82 ? 69   LEU A C   1 
ATOM   536  O O   . LEU A 1 69  ? -2.595  11.533  6.761   1.00 39.85 ? 69   LEU A O   1 
ATOM   537  C CB  . LEU A 1 69  ? -1.221  9.300   5.031   1.00 35.13 ? 69   LEU A CB  1 
ATOM   538  C CG  . LEU A 1 69  ? -0.148  8.727   4.109   1.00 32.59 ? 69   LEU A CG  1 
ATOM   539  C CD1 . LEU A 1 69  ? 0.378   7.418   4.651   1.00 31.24 ? 69   LEU A CD1 1 
ATOM   540  C CD2 . LEU A 1 69  ? -0.716  8.543   2.727   1.00 39.35 ? 69   LEU A CD2 1 
ATOM   541  N N   . ASP A 1 70  ? -4.155  10.659  5.408   1.00 36.91 ? 70   ASP A N   1 
ATOM   542  C CA  . ASP A 1 70  ? -5.223  10.712  6.413   1.00 36.48 ? 70   ASP A CA  1 
ATOM   543  C C   . ASP A 1 70  ? -5.944  9.359   6.473   1.00 37.30 ? 70   ASP A C   1 
ATOM   544  O O   . ASP A 1 70  ? -6.861  9.090   5.686   1.00 35.21 ? 70   ASP A O   1 
ATOM   545  C CB  . ASP A 1 70  ? -6.214  11.838  6.095   1.00 38.64 ? 70   ASP A CB  1 
ATOM   546  C CG  . ASP A 1 70  ? -7.384  11.906  7.082   1.00 47.32 ? 70   ASP A CG  1 
ATOM   547  O OD1 . ASP A 1 70  ? -7.274  11.385  8.214   1.00 45.73 ? 70   ASP A OD1 1 
ATOM   548  O OD2 . ASP A 1 70  ? -8.423  12.510  6.717   1.00 48.63 ? 70   ASP A OD2 1 
ATOM   549  N N   . LEU A 1 71  ? -5.521  8.516   7.411   1.00 41.67 ? 71   LEU A N   1 
ATOM   550  C CA  . LEU A 1 71  ? -6.057  7.157   7.522   1.00 39.99 ? 71   LEU A CA  1 
ATOM   551  C C   . LEU A 1 71  ? -7.287  7.102   8.406   1.00 39.00 ? 71   LEU A C   1 
ATOM   552  O O   . LEU A 1 71  ? -7.245  7.500   9.563   1.00 44.03 ? 71   LEU A O   1 
ATOM   553  C CB  . LEU A 1 71  ? -4.998  6.202   8.074   1.00 41.35 ? 71   LEU A CB  1 
ATOM   554  C CG  . LEU A 1 71  ? -3.838  5.859   7.135   1.00 36.22 ? 71   LEU A CG  1 
ATOM   555  C CD1 . LEU A 1 71  ? -2.742  5.086   7.857   1.00 34.81 ? 71   LEU A CD1 1 
ATOM   556  C CD2 . LEU A 1 71  ? -4.361  5.065   5.946   1.00 35.57 ? 71   LEU A CD2 1 
ATOM   557  N N   . ARG A 1 72  ? -8.382  6.592   7.861   1.00 40.98 ? 72   ARG A N   1 
ATOM   558  C CA  . ARG A 1 72  ? -9.592  6.446   8.647   1.00 40.80 ? 72   ARG A CA  1 
ATOM   559  C C   . ARG A 1 72  ? -9.986  4.984   8.795   1.00 37.82 ? 72   ARG A C   1 
ATOM   560  O O   . ARG A 1 72  ? -10.102 4.251   7.809   1.00 35.57 ? 72   ARG A O   1 
ATOM   561  C CB  . ARG A 1 72  ? -10.738 7.251   8.033   1.00 39.25 ? 72   ARG A CB  1 
ATOM   562  C CG  . ARG A 1 72  ? -10.438 8.737   7.932   1.00 45.83 ? 72   ARG A CG  1 
ATOM   563  C CD  . ARG A 1 72  ? -11.611 9.481   7.326   1.00 54.36 ? 72   ARG A CD  1 
ATOM   564  N NE  . ARG A 1 72  ? -11.216 10.782  6.800   1.00 56.01 ? 72   ARG A NE  1 
ATOM   565  C CZ  . ARG A 1 72  ? -12.037 11.607  6.160   1.00 53.25 ? 72   ARG A CZ  1 
ATOM   566  N NH1 . ARG A 1 72  ? -13.307 11.268  5.968   1.00 54.71 ? 72   ARG A NH1 1 
ATOM   567  N NH2 . ARG A 1 72  ? -11.589 12.772  5.712   1.00 52.40 ? 72   ARG A NH2 1 
ATOM   568  N N   . GLY A 1 73  ? -10.181 4.579   10.043  1.00 37.52 ? 73   GLY A N   1 
ATOM   569  C CA  . GLY A 1 73  ? -10.624 3.238   10.371  1.00 34.25 ? 73   GLY A CA  1 
ATOM   570  C C   . GLY A 1 73  ? -10.682 3.102   11.876  1.00 34.67 ? 73   GLY A C   1 
ATOM   571  O O   . GLY A 1 73  ? -10.417 4.065   12.604  1.00 36.96 ? 73   GLY A O   1 
ATOM   572  N N   . THR A 1 74  ? -11.013 1.904   12.350  1.00 32.48 ? 74   THR A N   1 
ATOM   573  C CA  . THR A 1 74  ? -11.159 1.634   13.778  1.00 32.26 ? 74   THR A CA  1 
ATOM   574  C C   . THR A 1 74  ? -9.833  1.730   14.533  1.00 33.29 ? 74   THR A C   1 
ATOM   575  O O   . THR A 1 74  ? -8.782  1.799   13.911  1.00 34.46 ? 74   THR A O   1 
ATOM   576  C CB  . THR A 1 74  ? -11.743 0.240   13.984  1.00 34.53 ? 74   THR A CB  1 
ATOM   577  O OG1 . THR A 1 74  ? -10.772 -0.738  13.594  1.00 33.11 ? 74   THR A OG1 1 
ATOM   578  C CG2 . THR A 1 74  ? -12.984 0.073   13.123  1.00 31.56 ? 74   THR A CG2 1 
ATOM   579  N N   . ASP A 1 75  ? -9.878  1.756   15.865  1.00 33.31 ? 75   ASP A N   1 
ATOM   580  C CA  . ASP A 1 75  ? -8.651  1.805   16.661  1.00 35.08 ? 75   ASP A CA  1 
ATOM   581  C C   . ASP A 1 75  ? -7.741  0.660   16.249  1.00 32.76 ? 75   ASP A C   1 
ATOM   582  O O   . ASP A 1 75  ? -6.566  0.875   15.976  1.00 29.80 ? 75   ASP A O   1 
ATOM   583  C CB  . ASP A 1 75  ? -8.927  1.759   18.182  1.00 37.60 ? 75   ASP A CB  1 
ATOM   584  C CG  . ASP A 1 75  ? -7.655  2.008   19.038  1.00 44.58 ? 75   ASP A CG  1 
ATOM   585  O OD1 . ASP A 1 75  ? -7.229  3.179   19.159  1.00 49.79 ? 75   ASP A OD1 1 
ATOM   586  O OD2 . ASP A 1 75  ? -7.074  1.050   19.605  1.00 43.54 ? 75   ASP A OD2 1 
ATOM   587  N N   . PHE A 1 76  ? -8.295  -0.549  16.175  1.00 32.12 ? 76   PHE A N   1 
ATOM   588  C CA  . PHE A 1 76  ? -7.494  -1.725  15.825  1.00 31.20 ? 76   PHE A CA  1 
ATOM   589  C C   . PHE A 1 76  ? -6.898  -1.615  14.414  1.00 31.39 ? 76   PHE A C   1 
ATOM   590  O O   . PHE A 1 76  ? -5.741  -1.982  14.198  1.00 31.67 ? 76   PHE A O   1 
ATOM   591  C CB  . PHE A 1 76  ? -8.302  -3.025  15.988  1.00 29.84 ? 76   PHE A CB  1 
ATOM   592  C CG  . PHE A 1 76  ? -7.462  -4.282  15.912  1.00 26.45 ? 76   PHE A CG  1 
ATOM   593  C CD1 . PHE A 1 76  ? -6.765  -4.737  17.019  1.00 25.41 ? 76   PHE A CD1 1 
ATOM   594  C CD2 . PHE A 1 76  ? -7.369  -5.002  14.733  1.00 30.17 ? 76   PHE A CD2 1 
ATOM   595  C CE1 . PHE A 1 76  ? -6.003  -5.883  16.959  1.00 27.69 ? 76   PHE A CE1 1 
ATOM   596  C CE2 . PHE A 1 76  ? -6.595  -6.150  14.661  1.00 26.57 ? 76   PHE A CE2 1 
ATOM   597  C CZ  . PHE A 1 76  ? -5.907  -6.593  15.776  1.00 23.61 ? 76   PHE A CZ  1 
ATOM   598  N N   . GLN A 1 77  ? -7.669  -1.106  13.457  1.00 27.47 ? 77   GLN A N   1 
ATOM   599  C CA  . GLN A 1 77  ? -7.153  -0.935  12.097  1.00 27.16 ? 77   GLN A CA  1 
ATOM   600  C C   . GLN A 1 77  ? -6.004  0.069   12.064  1.00 30.47 ? 77   GLN A C   1 
ATOM   601  O O   . GLN A 1 77  ? -5.002  -0.163  11.398  1.00 26.71 ? 77   GLN A O   1 
ATOM   602  C CB  . GLN A 1 77  ? -8.263  -0.518  11.128  1.00 29.24 ? 77   GLN A CB  1 
ATOM   603  C CG  . GLN A 1 77  ? -9.177  -1.677  10.778  1.00 28.40 ? 77   GLN A CG  1 
ATOM   604  C CD  . GLN A 1 77  ? -10.483 -1.258  10.174  1.00 30.60 ? 77   GLN A CD  1 
ATOM   605  O OE1 . GLN A 1 77  ? -10.850 -0.080  10.198  1.00 33.14 ? 77   GLN A OE1 1 
ATOM   606  N NE2 . GLN A 1 77  ? -11.202 -2.220  9.618   1.00 29.45 ? 77   GLN A NE2 1 
ATOM   607  N N   . GLN A 1 78  ? -6.153  1.169   12.801  1.00 30.12 ? 78   GLN A N   1 
ATOM   608  C CA  . GLN A 1 78  ? -5.119  2.202   12.850  1.00 29.34 ? 78   GLN A CA  1 
ATOM   609  C C   . GLN A 1 78  ? -3.817  1.661   13.415  1.00 28.68 ? 78   GLN A C   1 
ATOM   610  O O   . GLN A 1 78  ? -2.742  1.965   12.912  1.00 29.96 ? 78   GLN A O   1 
ATOM   611  C CB  . GLN A 1 78  ? -5.583  3.393   13.684  1.00 31.77 ? 78   GLN A CB  1 
ATOM   612  C CG  . GLN A 1 78  ? -6.810  4.110   13.138  1.00 35.44 ? 78   GLN A CG  1 
ATOM   613  C CD  . GLN A 1 78  ? -6.484  5.128   12.058  1.00 41.51 ? 78   GLN A CD  1 
ATOM   614  O OE1 . GLN A 1 78  ? -5.389  5.132   11.488  1.00 38.83 ? 78   GLN A OE1 1 
ATOM   615  N NE2 . GLN A 1 78  ? -7.438  6.002   11.772  1.00 42.91 ? 78   GLN A NE2 1 
ATOM   616  N N   . ARG A 1 79  ? -3.909  0.866   14.472  1.00 28.23 ? 79   ARG A N   1 
ATOM   617  C CA  . ARG A 1 79  ? -2.726  0.255   15.065  1.00 29.30 ? 79   ARG A CA  1 
ATOM   618  C C   . ARG A 1 79  ? -2.036  -0.650  14.067  1.00 29.21 ? 79   ARG A C   1 
ATOM   619  O O   . ARG A 1 79  ? -0.814  -0.663  13.971  1.00 30.68 ? 79   ARG A O   1 
ATOM   620  C CB  . ARG A 1 79  ? -3.105  -0.580  16.285  1.00 32.18 ? 79   ARG A CB  1 
ATOM   621  C CG  . ARG A 1 79  ? -3.230  0.213   17.551  1.00 31.88 ? 79   ARG A CG  1 
ATOM   622  C CD  . ARG A 1 79  ? -3.800  -0.644  18.642  1.00 37.20 ? 79   ARG A CD  1 
ATOM   623  N NE  . ARG A 1 79  ? -4.002  0.105   19.873  1.00 39.16 ? 79   ARG A NE  1 
ATOM   624  C CZ  . ARG A 1 79  ? -3.050  0.288   20.782  1.00 43.13 ? 79   ARG A CZ  1 
ATOM   625  N NH1 . ARG A 1 79  ? -1.836  -0.225  20.589  1.00 46.33 ? 79   ARG A NH1 1 
ATOM   626  N NH2 . ARG A 1 79  ? -3.306  0.982   21.883  1.00 47.52 ? 79   ARG A NH2 1 
ATOM   627  N N   . VAL A 1 80  ? -2.825  -1.424  13.334  1.00 30.06 ? 80   VAL A N   1 
ATOM   628  C CA  . VAL A 1 80  ? -2.260  -2.317  12.338  1.00 22.71 ? 80   VAL A CA  1 
ATOM   629  C C   . VAL A 1 80  ? -1.581  -1.553  11.213  1.00 29.90 ? 80   VAL A C   1 
ATOM   630  O O   . VAL A 1 80  ? -0.448  -1.867  10.833  1.00 26.83 ? 80   VAL A O   1 
ATOM   631  C CB  . VAL A 1 80  ? -3.321  -3.268  11.761  1.00 25.68 ? 80   VAL A CB  1 
ATOM   632  C CG1 . VAL A 1 80  ? -2.779  -3.964  10.540  1.00 23.55 ? 80   VAL A CG1 1 
ATOM   633  C CG2 . VAL A 1 80  ? -3.758  -4.277  12.817  1.00 24.72 ? 80   VAL A CG2 1 
ATOM   634  N N   . TRP A 1 81  ? -2.269  -0.542  10.686  1.00 26.77 ? 81   TRP A N   1 
ATOM   635  C CA  . TRP A 1 81  ? -1.750  0.262   9.584   1.00 28.34 ? 81   TRP A CA  1 
ATOM   636  C C   . TRP A 1 81  ? -0.498  1.068   9.984   1.00 28.89 ? 81   TRP A C   1 
ATOM   637  O O   . TRP A 1 81  ? 0.435   1.232   9.192   1.00 28.79 ? 81   TRP A O   1 
ATOM   638  C CB  . TRP A 1 81  ? -2.844  1.184   9.041   1.00 25.22 ? 81   TRP A CB  1 
ATOM   639  C CG  . TRP A 1 81  ? -4.043  0.425   8.517   1.00 27.13 ? 81   TRP A CG  1 
ATOM   640  C CD1 . TRP A 1 81  ? -4.064  -0.858  8.058   1.00 25.95 ? 81   TRP A CD1 1 
ATOM   641  C CD2 . TRP A 1 81  ? -5.387  0.910   8.415   1.00 30.38 ? 81   TRP A CD2 1 
ATOM   642  N NE1 . TRP A 1 81  ? -5.346  -1.212  7.680   1.00 25.05 ? 81   TRP A NE1 1 
ATOM   643  C CE2 . TRP A 1 81  ? -6.175  -0.139  7.891   1.00 30.32 ? 81   TRP A CE2 1 
ATOM   644  C CE3 . TRP A 1 81  ? -6.006  2.124   8.730   1.00 31.53 ? 81   TRP A CE3 1 
ATOM   645  C CZ2 . TRP A 1 81  ? -7.538  -0.006  7.667   1.00 29.48 ? 81   TRP A CZ2 1 
ATOM   646  C CZ3 . TRP A 1 81  ? -7.356  2.259   8.493   1.00 32.36 ? 81   TRP A CZ3 1 
ATOM   647  C CH2 . TRP A 1 81  ? -8.111  1.199   7.967   1.00 29.92 ? 81   TRP A CH2 1 
ATOM   648  N N   . LYS A 1 82  ? -0.487  1.572   11.209  1.00 26.88 ? 82   LYS A N   1 
ATOM   649  C CA  . LYS A 1 82  ? 0.707   2.201   11.753  1.00 29.05 ? 82   LYS A CA  1 
ATOM   650  C C   . LYS A 1 82  ? 1.900   1.238   11.747  1.00 32.05 ? 82   LYS A C   1 
ATOM   651  O O   . LYS A 1 82  ? 3.009   1.615   11.370  1.00 29.81 ? 82   LYS A O   1 
ATOM   652  C CB  . LYS A 1 82  ? 0.434   2.701   13.172  1.00 31.22 ? 82   LYS A CB  1 
ATOM   653  C CG  . LYS A 1 82  ? 1.663   3.199   13.926  1.00 35.14 ? 82   LYS A CG  1 
ATOM   654  C CD  . LYS A 1 82  ? 1.341   3.331   15.413  1.00 40.91 ? 82   LYS A CD  1 
ATOM   655  C CE  . LYS A 1 82  ? 2.416   4.088   16.169  1.00 46.31 ? 82   LYS A CE  1 
ATOM   656  N NZ  . LYS A 1 82  ? 1.818   5.235   16.938  1.00 49.38 ? 82   LYS A NZ  1 
ATOM   657  N N   . ALA A 1 83  ? 1.672   -0.007  12.152  1.00 28.36 ? 83   ALA A N   1 
ATOM   658  C CA  . ALA A 1 83  ? 2.737   -1.009  12.175  1.00 26.93 ? 83   ALA A CA  1 
ATOM   659  C C   . ALA A 1 83  ? 3.177   -1.392  10.774  1.00 26.21 ? 83   ALA A C   1 
ATOM   660  O O   . ALA A 1 83  ? 4.362   -1.630  10.531  1.00 25.94 ? 83   ALA A O   1 
ATOM   661  C CB  . ALA A 1 83  ? 2.304   -2.225  12.935  1.00 28.52 ? 83   ALA A CB  1 
ATOM   662  N N   . LEU A 1 84  ? 2.224   -1.454  9.852   1.00 26.12 ? 84   LEU A N   1 
ATOM   663  C CA  . LEU A 1 84  ? 2.528   -1.676  8.451   1.00 23.20 ? 84   LEU A CA  1 
ATOM   664  C C   . LEU A 1 84  ? 3.552   -0.665  7.948   1.00 25.98 ? 84   LEU A C   1 
ATOM   665  O O   . LEU A 1 84  ? 4.491   -1.011  7.258   1.00 24.85 ? 84   LEU A O   1 
ATOM   666  C CB  . LEU A 1 84  ? 1.256   -1.545  7.618   1.00 27.34 ? 84   LEU A CB  1 
ATOM   667  C CG  . LEU A 1 84  ? 0.262   -2.686  7.771   1.00 21.28 ? 84   LEU A CG  1 
ATOM   668  C CD1 . LEU A 1 84  ? -0.881  -2.490  6.777   1.00 23.03 ? 84   LEU A CD1 1 
ATOM   669  C CD2 . LEU A 1 84  ? 0.991   -3.986  7.538   1.00 26.99 ? 84   LEU A CD2 1 
ATOM   670  N N   . LEU A 1 85  ? 3.354   0.590   8.311   1.00 25.39 ? 85   LEU A N   1 
ATOM   671  C CA  . LEU A 1 85  ? 4.276   1.659   7.921   1.00 27.73 ? 85   LEU A CA  1 
ATOM   672  C C   . LEU A 1 85  ? 5.722   1.500   8.425   1.00 32.20 ? 85   LEU A C   1 
ATOM   673  O O   . LEU A 1 85  ? 6.605   2.238   7.994   1.00 35.73 ? 85   LEU A O   1 
ATOM   674  C CB  . LEU A 1 85  ? 3.717   3.013   8.370   1.00 30.91 ? 85   LEU A CB  1 
ATOM   675  C CG  . LEU A 1 85  ? 2.549   3.571   7.561   1.00 32.28 ? 85   LEU A CG  1 
ATOM   676  C CD1 . LEU A 1 85  ? 1.872   4.699   8.304   1.00 34.00 ? 85   LEU A CD1 1 
ATOM   677  C CD2 . LEU A 1 85  ? 3.021   4.034   6.192   1.00 27.59 ? 85   LEU A CD2 1 
ATOM   678  N N   . THR A 1 86  ? 5.962   0.554   9.331   1.00 29.28 ? 86   THR A N   1 
ATOM   679  C CA  . THR A 1 86  ? 7.295   0.344   9.888   1.00 28.26 ? 86   THR A CA  1 
ATOM   680  C C   . THR A 1 86  ? 8.040   -0.750  9.143   1.00 30.31 ? 86   THR A C   1 
ATOM   681  O O   . THR A 1 86  ? 9.193   -1.044  9.465   1.00 29.66 ? 86   THR A O   1 
ATOM   682  C CB  . THR A 1 86  ? 7.260   -0.031  11.388  1.00 28.01 ? 86   THR A CB  1 
ATOM   683  O OG1 . THR A 1 86  ? 6.789   -1.378  11.545  1.00 28.25 ? 86   THR A OG1 1 
ATOM   684  C CG2 . THR A 1 86  ? 6.371   0.916   12.176  1.00 31.35 ? 86   THR A CG2 1 
ATOM   685  N N   . ILE A 1 87  ? 7.374   -1.371  8.168   1.00 27.15 ? 87   ILE A N   1 
ATOM   686  C CA  . ILE A 1 87  ? 7.993   -2.432  7.371   1.00 26.62 ? 87   ILE A CA  1 
ATOM   687  C C   . ILE A 1 87  ? 8.790   -1.868  6.189   1.00 26.21 ? 87   ILE A C   1 
ATOM   688  O O   . ILE A 1 87  ? 8.229   -1.290  5.270   1.00 29.93 ? 87   ILE A O   1 
ATOM   689  C CB  . ILE A 1 87  ? 6.953   -3.423  6.826   1.00 22.98 ? 87   ILE A CB  1 
ATOM   690  C CG1 . ILE A 1 87  ? 6.073   -3.970  7.940   1.00 26.18 ? 87   ILE A CG1 1 
ATOM   691  C CG2 . ILE A 1 87  ? 7.642   -4.578  6.132   1.00 27.07 ? 87   ILE A CG2 1 
ATOM   692  C CD1 . ILE A 1 87  ? 5.006   -4.930  7.429   1.00 23.81 ? 87   ILE A CD1 1 
ATOM   693  N N   . PRO A 1 88  ? 10.117  -2.042  6.205   1.00 28.99 ? 88   PRO A N   1 
ATOM   694  C CA  . PRO A 1 88  ? 10.941  -1.432  5.159   1.00 28.98 ? 88   PRO A CA  1 
ATOM   695  C C   . PRO A 1 88  ? 10.740  -2.067  3.788   1.00 27.36 ? 88   PRO A C   1 
ATOM   696  O O   . PRO A 1 88  ? 10.353  -3.227  3.677   1.00 26.37 ? 88   PRO A O   1 
ATOM   697  C CB  . PRO A 1 88  ? 12.377  -1.701  5.641   1.00 30.28 ? 88   PRO A CB  1 
ATOM   698  C CG  . PRO A 1 88  ? 12.246  -2.024  7.088   1.00 32.00 ? 88   PRO A CG  1 
ATOM   699  C CD  . PRO A 1 88  ? 10.935  -2.729  7.213   1.00 28.11 ? 88   PRO A CD  1 
ATOM   700  N N   . TYR A 1 89  ? 11.004  -1.287  2.750   1.00 27.36 ? 89   TYR A N   1 
ATOM   701  C CA  . TYR A 1 89  ? 11.015  -1.764  1.377   1.00 22.66 ? 89   TYR A CA  1 
ATOM   702  C C   . TYR A 1 89  ? 11.873  -3.018  1.257   1.00 28.95 ? 89   TYR A C   1 
ATOM   703  O O   . TYR A 1 89  ? 12.958  -3.092  1.849   1.00 26.95 ? 89   TYR A O   1 
ATOM   704  C CB  . TYR A 1 89  ? 11.590  -0.662  0.492   1.00 27.03 ? 89   TYR A CB  1 
ATOM   705  C CG  . TYR A 1 89  ? 11.617  -0.913  -0.998  1.00 28.49 ? 89   TYR A CG  1 
ATOM   706  C CD1 . TYR A 1 89  ? 12.610  -1.685  -1.581  1.00 29.26 ? 89   TYR A CD1 1 
ATOM   707  C CD2 . TYR A 1 89  ? 10.695  -0.305  -1.834  1.00 27.71 ? 89   TYR A CD2 1 
ATOM   708  C CE1 . TYR A 1 89  ? 12.653  -1.883  -2.945  1.00 28.93 ? 89   TYR A CE1 1 
ATOM   709  C CE2 . TYR A 1 89  ? 10.742  -0.495  -3.201  1.00 28.17 ? 89   TYR A CE2 1 
ATOM   710  C CZ  . TYR A 1 89  ? 11.724  -1.275  -3.750  1.00 30.23 ? 89   TYR A CZ  1 
ATOM   711  O OH  . TYR A 1 89  ? 11.759  -1.453  -5.117  1.00 27.72 ? 89   TYR A OH  1 
ATOM   712  N N   . GLY A 1 90  ? 11.381  -3.991  0.491   1.00 28.37 ? 90   GLY A N   1 
ATOM   713  C CA  . GLY A 1 90  ? 12.079  -5.255  0.285   1.00 27.16 ? 90   GLY A CA  1 
ATOM   714  C C   . GLY A 1 90  ? 12.024  -6.264  1.420   1.00 30.09 ? 90   GLY A C   1 
ATOM   715  O O   . GLY A 1 90  ? 12.570  -7.364  1.294   1.00 27.87 ? 90   GLY A O   1 
ATOM   716  N N   . GLU A 1 91  ? 11.387  -5.899  2.531   1.00 27.22 ? 91   GLU A N   1 
ATOM   717  C CA  . GLU A 1 91  ? 11.228  -6.819  3.648   1.00 25.64 ? 91   GLU A CA  1 
ATOM   718  C C   . GLU A 1 91  ? 9.786   -7.320  3.735   1.00 27.58 ? 91   GLU A C   1 
ATOM   719  O O   . GLU A 1 91  ? 8.885   -6.813  3.060   1.00 23.11 ? 91   GLU A O   1 
ATOM   720  C CB  . GLU A 1 91  ? 11.626  -6.156  4.962   1.00 29.12 ? 91   GLU A CB  1 
ATOM   721  C CG  . GLU A 1 91  ? 13.071  -5.662  4.989   1.00 33.53 ? 91   GLU A CG  1 
ATOM   722  C CD  . GLU A 1 91  ? 13.532  -5.275  6.377   1.00 35.21 ? 91   GLU A CD  1 
ATOM   723  O OE1 . GLU A 1 91  ? 12.825  -5.583  7.360   1.00 33.49 ? 91   GLU A OE1 1 
ATOM   724  O OE2 . GLU A 1 91  ? 14.615  -4.665  6.491   1.00 32.32 ? 91   GLU A OE2 1 
ATOM   725  N N   . THR A 1 92  ? 9.574   -8.353  4.533   1.00 24.31 ? 92   THR A N   1 
ATOM   726  C CA  . THR A 1 92  ? 8.221   -8.789  4.836   1.00 22.41 ? 92   THR A CA  1 
ATOM   727  C C   . THR A 1 92  ? 8.098   -8.980  6.344   1.00 25.42 ? 92   THR A C   1 
ATOM   728  O O   . THR A 1 92  ? 9.092   -8.907  7.058   1.00 29.61 ? 92   THR A O   1 
ATOM   729  C CB  . THR A 1 92  ? 7.884   -10.105 4.143   1.00 24.48 ? 92   THR A CB  1 
ATOM   730  O OG1 . THR A 1 92  ? 8.800   -11.111 4.583   1.00 26.91 ? 92   THR A OG1 1 
ATOM   731  C CG2 . THR A 1 92  ? 7.974   -9.957  2.630   1.00 28.27 ? 92   THR A CG2 1 
ATOM   732  N N   . ARG A 1 93  ? 6.873   -9.194  6.825   1.00 24.46 ? 93   ARG A N   1 
ATOM   733  C CA  . ARG A 1 93  ? 6.615   -9.614  8.206   1.00 22.98 ? 93   ARG A CA  1 
ATOM   734  C C   . ARG A 1 93  ? 5.510   -10.661 8.144   1.00 22.11 ? 93   ARG A C   1 
ATOM   735  O O   . ARG A 1 93  ? 4.824   -10.787 7.129   1.00 24.54 ? 93   ARG A O   1 
ATOM   736  C CB  . ARG A 1 93  ? 6.140   -8.445  9.076   1.00 27.19 ? 93   ARG A CB  1 
ATOM   737  C CG  . ARG A 1 93  ? 7.120   -7.292  9.174   1.00 26.81 ? 93   ARG A CG  1 
ATOM   738  C CD  . ARG A 1 93  ? 8.280   -7.619  10.094  1.00 30.11 ? 93   ARG A CD  1 
ATOM   739  N NE  . ARG A 1 93  ? 9.128   -6.438  10.279  1.00 33.18 ? 93   ARG A NE  1 
ATOM   740  C CZ  . ARG A 1 93  ? 10.160  -6.119  9.500   1.00 34.42 ? 93   ARG A CZ  1 
ATOM   741  N NH1 . ARG A 1 93  ? 10.500  -6.902  8.485   1.00 29.03 ? 93   ARG A NH1 1 
ATOM   742  N NH2 . ARG A 1 93  ? 10.861  -5.016  9.742   1.00 32.62 ? 93   ARG A NH2 1 
ATOM   743  N N   . SER A 1 94  ? 5.322   -11.425 9.217   1.00 25.09 ? 94   SER A N   1 
ATOM   744  C CA  . SER A 1 94  ? 4.186   -12.341 9.248   1.00 24.30 ? 94   SER A CA  1 
ATOM   745  C C   . SER A 1 94  ? 3.040   -11.616 9.928   1.00 21.40 ? 94   SER A C   1 
ATOM   746  O O   . SER A 1 94  ? 3.281   -10.626 10.604  1.00 23.81 ? 94   SER A O   1 
ATOM   747  C CB  . SER A 1 94  ? 4.525   -13.586 10.048  1.00 24.60 ? 94   SER A CB  1 
ATOM   748  O OG  . SER A 1 94  ? 4.788   -13.248 11.394  1.00 23.53 ? 94   SER A OG  1 
ATOM   749  N N   . TYR A 1 95  ? 1.811   -12.113 9.791   1.00 21.23 ? 95   TYR A N   1 
ATOM   750  C CA  . TYR A 1 95  ? 0.694   -11.542 10.550  1.00 22.15 ? 95   TYR A CA  1 
ATOM   751  C C   . TYR A 1 95  ? 0.923   -11.661 12.063  1.00 25.24 ? 95   TYR A C   1 
ATOM   752  O O   . TYR A 1 95  ? 0.533   -10.779 12.834  1.00 23.36 ? 95   TYR A O   1 
ATOM   753  C CB  . TYR A 1 95  ? -0.642  -12.190 10.158  1.00 19.06 ? 95   TYR A CB  1 
ATOM   754  C CG  . TYR A 1 95  ? -1.036  -11.897 8.736   1.00 22.86 ? 95   TYR A CG  1 
ATOM   755  C CD1 . TYR A 1 95  ? -1.662  -10.698 8.389   1.00 20.06 ? 95   TYR A CD1 1 
ATOM   756  C CD2 . TYR A 1 95  ? -0.764  -12.806 7.719   1.00 21.47 ? 95   TYR A CD2 1 
ATOM   757  C CE1 . TYR A 1 95  ? -2.011  -10.425 7.056   1.00 20.64 ? 95   TYR A CE1 1 
ATOM   758  C CE2 . TYR A 1 95  ? -1.118  -12.532 6.389   1.00 24.90 ? 95   TYR A CE2 1 
ATOM   759  C CZ  . TYR A 1 95  ? -1.743  -11.345 6.073   1.00 24.08 ? 95   TYR A CZ  1 
ATOM   760  O OH  . TYR A 1 95  ? -2.083  -11.093 4.744   1.00 26.02 ? 95   TYR A OH  1 
ATOM   761  N N   . GLY A 1 96  ? 1.572   -12.746 12.481  1.00 21.56 ? 96   GLY A N   1 
ATOM   762  C CA  . GLY A 1 96  ? 1.817   -12.971 13.895  1.00 21.31 ? 96   GLY A CA  1 
ATOM   763  C C   . GLY A 1 96  ? 2.801   -11.962 14.445  1.00 24.73 ? 96   GLY A C   1 
ATOM   764  O O   . GLY A 1 96  ? 2.656   -11.478 15.567  1.00 26.40 ? 96   GLY A O   1 
ATOM   765  N N   . GLU A 1 97  ? 3.817   -11.652 13.651  1.00 23.73 ? 97   GLU A N   1 
ATOM   766  C CA  . GLU A 1 97  ? 4.798   -10.655 14.030  1.00 25.86 ? 97   GLU A CA  1 
ATOM   767  C C   . GLU A 1 97  ? 4.120   -9.316  14.211  1.00 22.72 ? 97   GLU A C   1 
ATOM   768  O O   . GLU A 1 97  ? 4.391   -8.609  15.183  1.00 27.44 ? 97   GLU A O   1 
ATOM   769  C CB  . GLU A 1 97  ? 5.887   -10.535 12.973  1.00 26.26 ? 97   GLU A CB  1 
ATOM   770  C CG  . GLU A 1 97  ? 7.082   -11.424 13.222  1.00 28.06 ? 97   GLU A CG  1 
ATOM   771  C CD  . GLU A 1 97  ? 8.092   -11.372 12.083  1.00 36.55 ? 97   GLU A CD  1 
ATOM   772  O OE1 . GLU A 1 97  ? 7.678   -11.108 10.938  1.00 27.29 ? 97   GLU A OE1 1 
ATOM   773  O OE2 . GLU A 1 97  ? 9.297   -11.603 12.327  1.00 34.12 ? 97   GLU A OE2 1 
ATOM   774  N N   . ILE A 1 98  ? 3.228   -8.969  13.286  1.00 20.65 ? 98   ILE A N   1 
ATOM   775  C CA  . ILE A 1 98  ? 2.509   -7.711  13.392  1.00 20.36 ? 98   ILE A CA  1 
ATOM   776  C C   . ILE A 1 98  ? 1.592   -7.665  14.617  1.00 25.51 ? 98   ILE A C   1 
ATOM   777  O O   . ILE A 1 98  ? 1.491   -6.630  15.290  1.00 27.80 ? 98   ILE A O   1 
ATOM   778  C CB  . ILE A 1 98  ? 1.765   -7.360  12.089  1.00 22.19 ? 98   ILE A CB  1 
ATOM   779  C CG1 . ILE A 1 98  ? 2.778   -7.201  10.955  1.00 20.98 ? 98   ILE A CG1 1 
ATOM   780  C CG2 . ILE A 1 98  ? 0.944   -6.072  12.243  1.00 22.53 ? 98   ILE A CG2 1 
ATOM   781  C CD1 . ILE A 1 98  ? 3.627   -5.930  11.051  1.00 22.83 ? 98   ILE A CD1 1 
ATOM   782  N N   . ALA A 1 99  ? 0.939   -8.780  14.926  1.00 22.62 ? 99   ALA A N   1 
ATOM   783  C CA  . ALA A 1 99  ? 0.085   -8.843  16.108  1.00 20.63 ? 99   ALA A CA  1 
ATOM   784  C C   . ALA A 1 99  ? 0.908   -8.644  17.384  1.00 25.99 ? 99   ALA A C   1 
ATOM   785  O O   . ALA A 1 99  ? 0.447   -8.015  18.345  1.00 29.75 ? 99   ALA A O   1 
ATOM   786  C CB  . ALA A 1 99  ? -0.653  -10.149 16.143  1.00 25.75 ? 99   ALA A CB  1 
ATOM   787  N N   . ASP A 1 100 ? 2.135   -9.164  17.388  1.00 26.38 ? 100  ASP A N   1 
ATOM   788  C CA  . ASP A 1 100 ? 3.025   -9.000  18.536  1.00 29.00 ? 100  ASP A CA  1 
ATOM   789  C C   . ASP A 1 100 ? 3.420   -7.541  18.677  1.00 27.97 ? 100  ASP A C   1 
ATOM   790  O O   . ASP A 1 100 ? 3.487   -7.000  19.786  1.00 31.07 ? 100  ASP A O   1 
ATOM   791  C CB  . ASP A 1 100 ? 4.285   -9.848  18.371  1.00 26.64 ? 100  ASP A CB  1 
ATOM   792  C CG  . ASP A 1 100 ? 4.045   -11.313 18.665  1.00 34.23 ? 100  ASP A CG  1 
ATOM   793  O OD1 . ASP A 1 100 ? 2.994   -11.633 19.249  1.00 33.86 ? 100  ASP A OD1 1 
ATOM   794  O OD2 . ASP A 1 100 ? 4.919   -12.145 18.319  1.00 35.96 ? 100  ASP A OD2 1 
ATOM   795  N N   . GLN A 1 101 ? 3.667   -6.910  17.534  1.00 25.20 ? 101  GLN A N   1 
ATOM   796  C CA  . GLN A 1 101 ? 4.186   -5.558  17.497  1.00 27.67 ? 101  GLN A CA  1 
ATOM   797  C C   . GLN A 1 101 ? 3.174   -4.566  18.039  1.00 31.58 ? 101  GLN A C   1 
ATOM   798  O O   . GLN A 1 101 ? 3.554   -3.609  18.719  1.00 32.68 ? 101  GLN A O   1 
ATOM   799  C CB  . GLN A 1 101 ? 4.598   -5.186  16.071  1.00 28.13 ? 101  GLN A CB  1 
ATOM   800  C CG  . GLN A 1 101 ? 5.143   -3.762  15.915  1.00 29.59 ? 101  GLN A CG  1 
ATOM   801  C CD  . GLN A 1 101 ? 5.682   -3.495  14.526  1.00 31.18 ? 101  GLN A CD  1 
ATOM   802  O OE1 . GLN A 1 101 ? 5.992   -4.419  13.785  1.00 34.80 ? 101  GLN A OE1 1 
ATOM   803  N NE2 . GLN A 1 101 ? 5.798   -2.230  14.169  1.00 32.29 ? 101  GLN A NE2 1 
ATOM   804  N N   . ILE A 1 102 ? 1.893   -4.792  17.749  1.00 28.58 ? 102  ILE A N   1 
ATOM   805  C CA  . ILE A 1 102 ? 0.840   -3.854  18.164  1.00 27.77 ? 102  ILE A CA  1 
ATOM   806  C C   . ILE A 1 102 ? 0.284   -4.151  19.549  1.00 28.55 ? 102  ILE A C   1 
ATOM   807  O O   . ILE A 1 102 ? -0.638  -3.471  20.007  1.00 34.53 ? 102  ILE A O   1 
ATOM   808  C CB  . ILE A 1 102 ? -0.346  -3.811  17.171  1.00 26.91 ? 102  ILE A CB  1 
ATOM   809  C CG1 . ILE A 1 102 ? -1.036  -5.171  17.092  1.00 25.56 ? 102  ILE A CG1 1 
ATOM   810  C CG2 . ILE A 1 102 ? 0.121   -3.379  15.793  1.00 28.68 ? 102  ILE A CG2 1 
ATOM   811  C CD1 . ILE A 1 102 ? -2.342  -5.159  16.345  1.00 26.25 ? 102  ILE A CD1 1 
ATOM   812  N N   . GLY A 1 103 ? 0.829   -5.173  20.202  1.00 26.14 ? 103  GLY A N   1 
ATOM   813  C CA  . GLY A 1 103 ? 0.484   -5.482  21.577  1.00 31.51 ? 103  GLY A CA  1 
ATOM   814  C C   . GLY A 1 103 ? -0.696  -6.410  21.714  1.00 28.27 ? 103  GLY A C   1 
ATOM   815  O O   . GLY A 1 103 ? -1.402  -6.403  22.721  1.00 31.97 ? 103  GLY A O   1 
ATOM   816  N N   . ALA A 1 104 ? -0.918  -7.215  20.689  1.00 26.69 ? 104  ALA A N   1 
ATOM   817  C CA  . ALA A 1 104 ? -2.030  -8.150  20.702  1.00 26.14 ? 104  ALA A CA  1 
ATOM   818  C C   . ALA A 1 104 ? -1.588  -9.555  20.298  1.00 26.93 ? 104  ALA A C   1 
ATOM   819  O O   . ALA A 1 104 ? -1.998  -10.050 19.250  1.00 28.39 ? 104  ALA A O   1 
ATOM   820  C CB  . ALA A 1 104 ? -3.110  -7.666  19.764  1.00 27.92 ? 104  ALA A CB  1 
ATOM   821  N N   . PRO A 1 105 ? -0.757  -10.199 21.129  1.00 29.63 ? 105  PRO A N   1 
ATOM   822  C CA  . PRO A 1 105 ? -0.235  -11.528 20.787  1.00 25.33 ? 105  PRO A CA  1 
ATOM   823  C C   . PRO A 1 105 ? -1.374  -12.485 20.463  1.00 24.03 ? 105  PRO A C   1 
ATOM   824  O O   . PRO A 1 105 ? -2.421  -12.414 21.099  1.00 25.23 ? 105  PRO A O   1 
ATOM   825  C CB  . PRO A 1 105 ? 0.504   -11.951 22.056  1.00 28.46 ? 105  PRO A CB  1 
ATOM   826  C CG  . PRO A 1 105 ? 0.051   -11.003 23.127  1.00 25.39 ? 105  PRO A CG  1 
ATOM   827  C CD  . PRO A 1 105 ? -0.257  -9.736  22.439  1.00 26.69 ? 105  PRO A CD  1 
ATOM   828  N N   . GLY A 1 106 ? -1.208  -13.309 19.432  1.00 23.81 ? 106  GLY A N   1 
ATOM   829  C CA  . GLY A 1 106 ? -2.260  -14.231 19.039  1.00 23.34 ? 106  GLY A CA  1 
ATOM   830  C C   . GLY A 1 106 ? -3.253  -13.690 18.018  1.00 23.19 ? 106  GLY A C   1 
ATOM   831  O O   . GLY A 1 106 ? -4.096  -14.428 17.514  1.00 22.40 ? 106  GLY A O   1 
ATOM   832  N N   . ALA A 1 107 ? -3.153  -12.403 17.690  1.00 26.96 ? 107  ALA A N   1 
ATOM   833  C CA  . ALA A 1 107 ? -4.160  -11.771 16.841  1.00 22.17 ? 107  ALA A CA  1 
ATOM   834  C C   . ALA A 1 107 ? -3.851  -11.771 15.356  1.00 27.53 ? 107  ALA A C   1 
ATOM   835  O O   . ALA A 1 107 ? -4.398  -10.937 14.627  1.00 26.68 ? 107  ALA A O   1 
ATOM   836  C CB  . ALA A 1 107 ? -4.430  -10.341 17.307  1.00 27.12 ? 107  ALA A CB  1 
ATOM   837  N N   . ALA A 1 108 ? -3.017  -12.715 14.916  1.00 25.60 ? 108  ALA A N   1 
ATOM   838  C CA  . ALA A 1 108 ? -2.643  -12.845 13.500  1.00 23.26 ? 108  ALA A CA  1 
ATOM   839  C C   . ALA A 1 108 ? -3.836  -12.771 12.529  1.00 24.94 ? 108  ALA A C   1 
ATOM   840  O O   . ALA A 1 108 ? -3.782  -12.100 11.498  1.00 22.60 ? 108  ALA A O   1 
ATOM   841  C CB  . ALA A 1 108 ? -1.899  -14.128 13.294  1.00 19.44 ? 108  ALA A CB  1 
ATOM   842  N N   . ARG A 1 109 ? -4.902  -13.491 12.836  1.00 20.51 ? 109  ARG A N   1 
ATOM   843  C CA  . ARG A 1 109 ? -6.042  -13.512 11.946  1.00 21.96 ? 109  ARG A CA  1 
ATOM   844  C C   . ARG A 1 109 ? -6.776  -12.178 11.902  1.00 21.46 ? 109  ARG A C   1 
ATOM   845  O O   . ARG A 1 109 ? -7.301  -11.773 10.859  1.00 23.08 ? 109  ARG A O   1 
ATOM   846  C CB  . ARG A 1 109 ? -6.980  -14.652 12.321  1.00 19.98 ? 109  ARG A CB  1 
ATOM   847  C CG  . ARG A 1 109 ? -6.314  -16.007 12.250  1.00 22.81 ? 109  ARG A CG  1 
ATOM   848  C CD  . ARG A 1 109 ? -7.269  -17.089 12.737  1.00 24.21 ? 109  ARG A CD  1 
ATOM   849  N NE  . ARG A 1 109 ? -6.779  -18.415 12.377  1.00 27.49 ? 109  ARG A NE  1 
ATOM   850  C CZ  . ARG A 1 109 ? -7.514  -19.522 12.426  1.00 28.47 ? 109  ARG A CZ  1 
ATOM   851  N NH1 . ARG A 1 109 ? -8.773  -19.471 12.842  1.00 28.67 ? 109  ARG A NH1 1 
ATOM   852  N NH2 . ARG A 1 109 ? -6.979  -20.673 12.054  1.00 27.70 ? 109  ARG A NH2 1 
ATOM   853  N N   . ALA A 1 110 ? -6.811  -11.484 13.035  1.00 24.19 ? 110  ALA A N   1 
ATOM   854  C CA  . ALA A 1 110 ? -7.426  -10.167 13.078  1.00 20.92 ? 110  ALA A CA  1 
ATOM   855  C C   . ALA A 1 110 ? -6.600  -9.190  12.256  1.00 21.44 ? 110  ALA A C   1 
ATOM   856  O O   . ALA A 1 110 ? -7.154  -8.341  11.556  1.00 22.56 ? 110  ALA A O   1 
ATOM   857  C CB  . ALA A 1 110 ? -7.548  -9.679  14.515  1.00 22.86 ? 110  ALA A CB  1 
ATOM   858  N N   . VAL A 1 111 ? -5.280  -9.310  12.340  1.00 23.74 ? 111  VAL A N   1 
ATOM   859  C CA  . VAL A 1 111 ? -4.393  -8.456  11.552  1.00 19.27 ? 111  VAL A CA  1 
ATOM   860  C C   . VAL A 1 111 ? -4.650  -8.703  10.061  1.00 21.69 ? 111  VAL A C   1 
ATOM   861  O O   . VAL A 1 111 ? -4.691  -7.766  9.261   1.00 23.21 ? 111  VAL A O   1 
ATOM   862  C CB  . VAL A 1 111 ? -2.911  -8.694  11.938  1.00 22.00 ? 111  VAL A CB  1 
ATOM   863  C CG1 . VAL A 1 111 ? -1.962  -7.992  10.994  1.00 19.97 ? 111  VAL A CG1 1 
ATOM   864  C CG2 . VAL A 1 111 ? -2.655  -8.249  13.406  1.00 19.93 ? 111  VAL A CG2 1 
ATOM   865  N N   . GLY A 1 112 ? -4.831  -9.969  9.695   1.00 24.06 ? 112  GLY A N   1 
ATOM   866  C CA  . GLY A 1 112 ? -5.154  -10.318 8.321   1.00 18.85 ? 112  GLY A CA  1 
ATOM   867  C C   . GLY A 1 112 ? -6.417  -9.629  7.846   1.00 24.18 ? 112  GLY A C   1 
ATOM   868  O O   . GLY A 1 112 ? -6.481  -9.115  6.734   1.00 22.47 ? 112  GLY A O   1 
ATOM   869  N N   . LEU A 1 113 ? -7.441  -9.623  8.686   1.00 20.86 ? 113  LEU A N   1 
ATOM   870  C CA  . LEU A 1 113 ? -8.688  -8.969  8.302   1.00 25.05 ? 113  LEU A CA  1 
ATOM   871  C C   . LEU A 1 113 ? -8.513  -7.461  8.178   1.00 24.05 ? 113  LEU A C   1 
ATOM   872  O O   . LEU A 1 113 ? -8.958  -6.868  7.195   1.00 25.80 ? 113  LEU A O   1 
ATOM   873  C CB  . LEU A 1 113 ? -9.803  -9.308  9.286   1.00 22.82 ? 113  LEU A CB  1 
ATOM   874  C CG  . LEU A 1 113 ? -10.270 -10.759 9.195   1.00 23.44 ? 113  LEU A CG  1 
ATOM   875  C CD1 . LEU A 1 113 ? -11.384 -11.010 10.196  1.00 27.16 ? 113  LEU A CD1 1 
ATOM   876  C CD2 . LEU A 1 113 ? -10.724 -11.113 7.782   1.00 24.01 ? 113  LEU A CD2 1 
ATOM   877  N N   . ALA A 1 114 ? -7.838  -6.848  9.152   1.00 26.24 ? 114  ALA A N   1 
ATOM   878  C CA  . ALA A 1 114 ? -7.594  -5.396  9.139   1.00 24.01 ? 114  ALA A CA  1 
ATOM   879  C C   . ALA A 1 114 ? -6.705  -4.973  7.982   1.00 28.25 ? 114  ALA A C   1 
ATOM   880  O O   . ALA A 1 114 ? -6.904  -3.902  7.392   1.00 27.72 ? 114  ALA A O   1 
ATOM   881  C CB  . ALA A 1 114 ? -6.964  -4.947  10.453  1.00 23.18 ? 114  ALA A CB  1 
ATOM   882  N N   . ASN A 1 115 ? -5.705  -5.800  7.682   1.00 27.00 ? 115  ASN A N   1 
ATOM   883  C CA  . ASN A 1 115 ? -4.802  -5.576  6.555   1.00 28.94 ? 115  ASN A CA  1 
ATOM   884  C C   . ASN A 1 115 ? -5.604  -5.474  5.261   1.00 28.36 ? 115  ASN A C   1 
ATOM   885  O O   . ASN A 1 115 ? -5.298  -4.671  4.379   1.00 28.37 ? 115  ASN A O   1 
ATOM   886  C CB  . ASN A 1 115 ? -3.794  -6.740  6.494   1.00 24.51 ? 115  ASN A CB  1 
ATOM   887  C CG  . ASN A 1 115 ? -2.594  -6.458  5.633   1.00 29.10 ? 115  ASN A CG  1 
ATOM   888  O OD1 . ASN A 1 115 ? -1.830  -5.539  5.900   1.00 35.42 ? 115  ASN A OD1 1 
ATOM   889  N ND2 . ASN A 1 115 ? -2.383  -7.294  4.611   1.00 33.49 ? 115  ASN A ND2 1 
ATOM   890  N N   . GLY A 1 116 ? -6.663  -6.279  5.168   1.00 26.95 ? 116  GLY A N   1 
ATOM   891  C CA  . GLY A 1 116 ? -7.491  -6.328  3.984   1.00 25.72 ? 116  GLY A CA  1 
ATOM   892  C C   . GLY A 1 116 ? -8.272  -5.047  3.771   1.00 30.79 ? 116  GLY A C   1 
ATOM   893  O O   . GLY A 1 116 ? -8.678  -4.740  2.659   1.00 31.42 ? 116  GLY A O   1 
ATOM   894  N N   . HIS A 1 117 ? -8.474  -4.289  4.838   1.00 24.79 ? 117  HIS A N   1 
ATOM   895  C CA  . HIS A 1 117 ? -9.222  -3.043  4.742   1.00 26.71 ? 117  HIS A CA  1 
ATOM   896  C C   . HIS A 1 117 ? -8.348  -1.799  4.555   1.00 29.98 ? 117  HIS A C   1 
ATOM   897  O O   . HIS A 1 117 ? -8.862  -0.685  4.577   1.00 25.03 ? 117  HIS A O   1 
ATOM   898  C CB  . HIS A 1 117 ? -10.129 -2.869  5.953   1.00 23.82 ? 117  HIS A CB  1 
ATOM   899  C CG  . HIS A 1 117 ? -11.288 -3.820  5.970   1.00 32.63 ? 117  HIS A CG  1 
ATOM   900  N ND1 . HIS A 1 117 ? -12.379 -3.680  5.136   1.00 34.13 ? 117  HIS A ND1 1 
ATOM   901  C CD2 . HIS A 1 117 ? -11.531 -4.921  6.722   1.00 32.15 ? 117  HIS A CD2 1 
ATOM   902  C CE1 . HIS A 1 117 ? -13.239 -4.657  5.368   1.00 36.25 ? 117  HIS A CE1 1 
ATOM   903  N NE2 . HIS A 1 117 ? -12.750 -5.424  6.327   1.00 33.35 ? 117  HIS A NE2 1 
ATOM   904  N N   . ASN A 1 118 ? -7.047  -1.990  4.357   1.00 27.51 ? 118  ASN A N   1 
ATOM   905  C CA  . ASN A 1 118 ? -6.126  -0.873  4.142   1.00 24.54 ? 118  ASN A CA  1 
ATOM   906  C C   . ASN A 1 118 ? -6.594  0.024   2.995   1.00 22.68 ? 118  ASN A C   1 
ATOM   907  O O   . ASN A 1 118 ? -6.659  -0.421  1.857   1.00 27.95 ? 118  ASN A O   1 
ATOM   908  C CB  . ASN A 1 118 ? -4.731  -1.400  3.812   1.00 21.85 ? 118  ASN A CB  1 
ATOM   909  C CG  . ASN A 1 118 ? -3.757  -0.294  3.475   1.00 26.86 ? 118  ASN A CG  1 
ATOM   910  O OD1 . ASN A 1 118 ? -3.965  0.864   3.843   1.00 25.37 ? 118  ASN A OD1 1 
ATOM   911  N ND2 . ASN A 1 118 ? -2.699  -0.632  2.759   1.00 25.49 ? 118  ASN A ND2 1 
ATOM   912  N N   . PRO A 1 119 ? -6.905  1.296   3.288   1.00 25.10 ? 119  PRO A N   1 
ATOM   913  C CA  . PRO A 1 119 ? -7.447  2.191   2.262   1.00 25.34 ? 119  PRO A CA  1 
ATOM   914  C C   . PRO A 1 119 ? -6.386  2.741   1.311   1.00 26.23 ? 119  PRO A C   1 
ATOM   915  O O   . PRO A 1 119 ? -6.698  3.121   0.173   1.00 27.31 ? 119  PRO A O   1 
ATOM   916  C CB  . PRO A 1 119 ? -8.069  3.319   3.089   1.00 25.93 ? 119  PRO A CB  1 
ATOM   917  C CG  . PRO A 1 119 ? -7.302  3.364   4.308   1.00 24.30 ? 119  PRO A CG  1 
ATOM   918  C CD  . PRO A 1 119 ? -6.853  1.945   4.609   1.00 29.98 ? 119  PRO A CD  1 
ATOM   919  N N   . ILE A 1 120 ? -5.138  2.764   1.771   1.00 26.90 ? 120  ILE A N   1 
ATOM   920  C CA  . ILE A 1 120 ? -4.041  3.326   0.989   1.00 24.59 ? 120  ILE A CA  1 
ATOM   921  C C   . ILE A 1 120 ? -2.955  2.287   0.654   1.00 25.76 ? 120  ILE A C   1 
ATOM   922  O O   . ILE A 1 120 ? -1.962  2.168   1.370   1.00 24.46 ? 120  ILE A O   1 
ATOM   923  C CB  . ILE A 1 120 ? -3.419  4.515   1.732   1.00 26.24 ? 120  ILE A CB  1 
ATOM   924  C CG1 . ILE A 1 120 ? -4.511  5.501   2.166   1.00 30.47 ? 120  ILE A CG1 1 
ATOM   925  C CG2 . ILE A 1 120 ? -2.365  5.212   0.857   1.00 26.65 ? 120  ILE A CG2 1 
ATOM   926  C CD1 . ILE A 1 120 ? -3.984  6.719   2.893   1.00 29.02 ? 120  ILE A CD1 1 
ATOM   927  N N   . ALA A 1 121 ? -3.134  1.560   -0.450  1.00 21.64 ? 121  ALA A N   1 
ATOM   928  C CA  . ALA A 1 121 ? -2.198  0.503   -0.835  1.00 24.25 ? 121  ALA A CA  1 
ATOM   929  C C   . ALA A 1 121 ? -0.837  1.048   -1.239  1.00 28.18 ? 121  ALA A C   1 
ATOM   930  O O   . ALA A 1 121 ? -0.704  2.233   -1.511  1.00 24.89 ? 121  ALA A O   1 
ATOM   931  C CB  . ALA A 1 121 ? -2.771  -0.310  -1.970  1.00 26.77 ? 121  ALA A CB  1 
ATOM   932  N N   . ILE A 1 122 ? 0.147   0.149   -1.312  1.00 26.01 ? 122  ILE A N   1 
ATOM   933  C CA  . ILE A 1 122 ? 1.545   0.464   -1.623  1.00 26.69 ? 122  ILE A CA  1 
ATOM   934  C C   . ILE A 1 122 ? 2.236   1.339   -0.581  1.00 26.63 ? 122  ILE A C   1 
ATOM   935  O O   . ILE A 1 122 ? 3.201   0.908   0.056   1.00 29.65 ? 122  ILE A O   1 
ATOM   936  C CB  . ILE A 1 122 ? 1.730   1.090   -3.019  1.00 22.02 ? 122  ILE A CB  1 
ATOM   937  C CG1 . ILE A 1 122 ? 1.052   0.215   -4.086  1.00 23.83 ? 122  ILE A CG1 1 
ATOM   938  C CG2 . ILE A 1 122 ? 3.214   1.278   -3.308  1.00 22.99 ? 122  ILE A CG2 1 
ATOM   939  C CD1 . ILE A 1 122 ? 0.789   0.902   -5.392  1.00 27.84 ? 122  ILE A CD1 1 
ATOM   940  N N   . ILE A 1 123 ? 1.753   2.568   -0.412  1.00 26.91 ? 123  ILE A N   1 
ATOM   941  C CA  . ILE A 1 123 ? 2.344   3.501   0.537   1.00 25.82 ? 123  ILE A CA  1 
ATOM   942  C C   . ILE A 1 123 ? 2.222   3.018   1.971   1.00 25.69 ? 123  ILE A C   1 
ATOM   943  O O   . ILE A 1 123 ? 3.162   3.149   2.743   1.00 28.02 ? 123  ILE A O   1 
ATOM   944  C CB  . ILE A 1 123 ? 1.765   4.922   0.380   1.00 23.87 ? 123  ILE A CB  1 
ATOM   945  C CG1 . ILE A 1 123 ? 2.067   5.444   -1.025  1.00 27.01 ? 123  ILE A CG1 1 
ATOM   946  C CG2 . ILE A 1 123 ? 2.334   5.837   1.446   1.00 28.96 ? 123  ILE A CG2 1 
ATOM   947  C CD1 . ILE A 1 123 ? 1.436   6.810   -1.349  1.00 25.49 ? 123  ILE A CD1 1 
ATOM   948  N N   . VAL A 1 124 ? 1.072   2.455   2.321   1.00 24.98 ? 124  VAL A N   1 
ATOM   949  C CA  . VAL A 1 124 ? 0.926   1.674   3.548   1.00 24.19 ? 124  VAL A CA  1 
ATOM   950  C C   . VAL A 1 124 ? 1.038   0.242   3.044   1.00 24.89 ? 124  VAL A C   1 
ATOM   951  O O   . VAL A 1 124 ? 0.166   -0.220  2.296   1.00 23.85 ? 124  VAL A O   1 
ATOM   952  C CB  . VAL A 1 124 ? -0.467  1.858   4.177   1.00 23.81 ? 124  VAL A CB  1 
ATOM   953  C CG1 . VAL A 1 124 ? -0.666  0.933   5.357   1.00 27.57 ? 124  VAL A CG1 1 
ATOM   954  C CG2 . VAL A 1 124 ? -0.700  3.323   4.597   1.00 26.79 ? 124  VAL A CG2 1 
ATOM   955  N N   . PRO A 1 125 ? 2.122   -0.462  3.409   1.00 24.28 ? 125  PRO A N   1 
ATOM   956  C CA  . PRO A 1 125 ? 2.489   -1.638  2.605   1.00 21.96 ? 125  PRO A CA  1 
ATOM   957  C C   . PRO A 1 125 ? 1.840   -2.960  3.005   1.00 26.29 ? 125  PRO A C   1 
ATOM   958  O O   . PRO A 1 125 ? 2.563   -3.889  3.401   1.00 23.18 ? 125  PRO A O   1 
ATOM   959  C CB  . PRO A 1 125 ? 3.989   -1.739  2.816   1.00 23.59 ? 125  PRO A CB  1 
ATOM   960  C CG  . PRO A 1 125 ? 4.218   -1.152  4.168   1.00 24.64 ? 125  PRO A CG  1 
ATOM   961  C CD  . PRO A 1 125 ? 3.165   -0.092  4.378   1.00 21.58 ? 125  PRO A CD  1 
ATOM   962  N N   . CYS A 1 126 ? 0.524   -3.061  2.860   1.00 26.95 ? 126  CYS A N   1 
ATOM   963  C CA  . CYS A 1 126 ? -0.184  -4.281  3.223   1.00 24.51 ? 126  CYS A CA  1 
ATOM   964  C C   . CYS A 1 126 ? 0.307   -5.504  2.444   1.00 25.57 ? 126  CYS A C   1 
ATOM   965  O O   . CYS A 1 126 ? 0.073   -6.646  2.860   1.00 28.15 ? 126  CYS A O   1 
ATOM   966  C CB  . CYS A 1 126 ? -1.693  -4.108  3.030   1.00 25.79 ? 126  CYS A CB  1 
ATOM   967  S SG  . CYS A 1 126 ? -2.215  -3.634  1.376   1.00 28.24 ? 126  CYS A SG  1 
ATOM   968  N N   . HIS A 1 127 ? 0.944   -5.279  1.299   1.00 20.57 ? 127  HIS A N   1 
ATOM   969  C CA  . HIS A 1 127 ? 1.513   -6.390  0.536   1.00 20.58 ? 127  HIS A CA  1 
ATOM   970  C C   . HIS A 1 127 ? 2.721   -7.070  1.194   1.00 23.59 ? 127  HIS A C   1 
ATOM   971  O O   . HIS A 1 127 ? 3.104   -8.160  0.777   1.00 24.94 ? 127  HIS A O   1 
ATOM   972  C CB  . HIS A 1 127 ? 1.882   -5.974  -0.889  1.00 25.78 ? 127  HIS A CB  1 
ATOM   973  C CG  . HIS A 1 127 ? 2.907   -4.888  -0.953  1.00 21.52 ? 127  HIS A CG  1 
ATOM   974  N ND1 . HIS A 1 127 ? 2.633   -3.586  -0.596  1.00 25.65 ? 127  HIS A ND1 1 
ATOM   975  C CD2 . HIS A 1 127 ? 4.211   -4.909  -1.324  1.00 23.83 ? 127  HIS A CD2 1 
ATOM   976  C CE1 . HIS A 1 127 ? 3.715   -2.846  -0.763  1.00 22.12 ? 127  HIS A CE1 1 
ATOM   977  N NE2 . HIS A 1 127 ? 4.697   -3.631  -1.178  1.00 23.69 ? 127  HIS A NE2 1 
ATOM   978  N N   . ARG A 1 128 ? 3.333   -6.443  2.197   1.00 22.97 ? 128  ARG A N   1 
ATOM   979  C CA  . ARG A 1 128 ? 4.556   -6.994  2.784   1.00 19.10 ? 128  ARG A CA  1 
ATOM   980  C C   . ARG A 1 128 ? 4.262   -7.962  3.925   1.00 22.92 ? 128  ARG A C   1 
ATOM   981  O O   . ARG A 1 128 ? 5.177   -8.379  4.618   1.00 23.16 ? 128  ARG A O   1 
ATOM   982  C CB  . ARG A 1 128 ? 5.512   -5.878  3.275   1.00 21.34 ? 128  ARG A CB  1 
ATOM   983  C CG  . ARG A 1 128 ? 5.977   -4.933  2.157   1.00 21.94 ? 128  ARG A CG  1 
ATOM   984  C CD  . ARG A 1 128 ? 6.972   -3.824  2.597   1.00 22.18 ? 128  ARG A CD  1 
ATOM   985  N NE  . ARG A 1 128 ? 7.282   -2.985  1.430   1.00 22.89 ? 128  ARG A NE  1 
ATOM   986  C CZ  . ARG A 1 128 ? 7.441   -1.660  1.462   1.00 27.08 ? 128  ARG A CZ  1 
ATOM   987  N NH1 . ARG A 1 128 ? 7.366   -0.989  2.603   1.00 24.49 ? 128  ARG A NH1 1 
ATOM   988  N NH2 . ARG A 1 128 ? 7.672   -0.998  0.340   1.00 24.11 ? 128  ARG A NH2 1 
ATOM   989  N N   . VAL A 1 129 ? 2.993   -8.317  4.127   1.00 21.65 ? 129  VAL A N   1 
ATOM   990  C CA  . VAL A 1 129 ? 2.643   -9.231  5.218   1.00 23.63 ? 129  VAL A CA  1 
ATOM   991  C C   . VAL A 1 129 ? 2.153   -10.546 4.654   1.00 22.73 ? 129  VAL A C   1 
ATOM   992  O O   . VAL A 1 129 ? 1.300   -10.560 3.773   1.00 26.49 ? 129  VAL A O   1 
ATOM   993  C CB  . VAL A 1 129 ? 1.586   -8.653  6.144   1.00 28.71 ? 129  VAL A CB  1 
ATOM   994  C CG1 . VAL A 1 129 ? 1.488   -9.487  7.385   1.00 24.13 ? 129  VAL A CG1 1 
ATOM   995  C CG2 . VAL A 1 129 ? 1.955   -7.240  6.533   1.00 27.28 ? 129  VAL A CG2 1 
ATOM   996  N N   . ILE A 1 130 ? 2.732   -11.646 5.137   1.00 25.32 ? 130  ILE A N   1 
ATOM   997  C CA  . ILE A 1 130 ? 2.429   -12.968 4.608   1.00 27.31 ? 130  ILE A CA  1 
ATOM   998  C C   . ILE A 1 130 ? 2.405   -13.990 5.730   1.00 27.82 ? 130  ILE A C   1 
ATOM   999  O O   . ILE A 1 130 ? 3.180   -13.909 6.678   1.00 25.84 ? 130  ILE A O   1 
ATOM   1000 C CB  . ILE A 1 130 ? 3.448   -13.430 3.560   1.00 26.89 ? 130  ILE A CB  1 
ATOM   1001 C CG1 . ILE A 1 130 ? 3.832   -12.297 2.606   1.00 26.27 ? 130  ILE A CG1 1 
ATOM   1002 C CG2 . ILE A 1 130 ? 2.863   -14.568 2.745   1.00 27.74 ? 130  ILE A CG2 1 
ATOM   1003 C CD1 . ILE A 1 130 ? 4.907   -12.694 1.609   1.00 32.04 ? 130  ILE A CD1 1 
ATOM   1004 N N   . GLY A 1 131 ? 1.508   -14.959 5.627   1.00 26.40 ? 131  GLY A N   1 
ATOM   1005 C CA  . GLY A 1 131 ? 1.398   -15.965 6.666   1.00 24.80 ? 131  GLY A CA  1 
ATOM   1006 C C   . GLY A 1 131 ? 2.508   -16.996 6.597   1.00 32.86 ? 131  GLY A C   1 
ATOM   1007 O O   . GLY A 1 131 ? 3.248   -17.063 5.621   1.00 28.99 ? 131  GLY A O   1 
ATOM   1008 N N   . ALA A 1 132 ? 2.615   -17.807 7.646   1.00 31.40 ? 132  ALA A N   1 
ATOM   1009 C CA  . ALA A 1 132 ? 3.693   -18.775 7.774   1.00 33.52 ? 132  ALA A CA  1 
ATOM   1010 C C   . ALA A 1 132 ? 3.806   -19.717 6.576   1.00 32.93 ? 132  ALA A C   1 
ATOM   1011 O O   . ALA A 1 132 ? 4.905   -20.123 6.185   1.00 40.24 ? 132  ALA A O   1 
ATOM   1012 C CB  . ALA A 1 132 ? 3.514   -19.575 9.057   1.00 33.15 ? 132  ALA A CB  1 
ATOM   1013 N N   . SER A 1 133 ? 2.679   -20.066 5.980   1.00 33.27 ? 133  SER A N   1 
ATOM   1014 C CA  . SER A 1 133 ? 2.705   -21.059 4.917   1.00 38.20 ? 133  SER A CA  1 
ATOM   1015 C C   . SER A 1 133 ? 3.066   -20.450 3.559   1.00 40.65 ? 133  SER A C   1 
ATOM   1016 O O   . SER A 1 133 ? 3.140   -21.158 2.562   1.00 43.03 ? 133  SER A O   1 
ATOM   1017 C CB  . SER A 1 133 ? 1.373   -21.811 4.837   1.00 40.19 ? 133  SER A CB  1 
ATOM   1018 O OG  . SER A 1 133 ? 0.299   -20.940 4.548   1.00 37.65 ? 133  SER A OG  1 
ATOM   1019 N N   . GLY A 1 134 ? 3.276   -19.136 3.534   1.00 37.13 ? 134  GLY A N   1 
ATOM   1020 C CA  . GLY A 1 134 ? 3.733   -18.446 2.336   1.00 36.83 ? 134  GLY A CA  1 
ATOM   1021 C C   . GLY A 1 134 ? 2.734   -18.186 1.215   1.00 32.54 ? 134  GLY A C   1 
ATOM   1022 O O   . GLY A 1 134 ? 3.128   -17.782 0.124   1.00 40.55 ? 134  GLY A O   1 
ATOM   1023 N N   . LYS A 1 135 ? 1.444   -18.401 1.454   1.00 33.76 ? 135  LYS A N   1 
ATOM   1024 C CA  . LYS A 1 135 ? 0.456   -18.228 0.390   1.00 34.99 ? 135  LYS A CA  1 
ATOM   1025 C C   . LYS A 1 135 ? -0.145  -16.820 0.351   1.00 36.99 ? 135  LYS A C   1 
ATOM   1026 O O   . LYS A 1 135 ? -0.676  -16.338 1.349   1.00 35.58 ? 135  LYS A O   1 
ATOM   1027 C CB  . LYS A 1 135 ? -0.666  -19.271 0.512   1.00 39.75 ? 135  LYS A CB  1 
ATOM   1028 C CG  . LYS A 1 135 ? -0.197  -20.721 0.329   1.00 43.45 ? 135  LYS A CG  1 
ATOM   1029 C CD  . LYS A 1 135 ? -0.983  -21.418 -0.781  1.00 53.84 ? 135  LYS A CD  1 
ATOM   1030 C CE  . LYS A 1 135 ? -0.079  -21.849 -1.942  1.00 58.66 ? 135  LYS A CE  1 
ATOM   1031 N NZ  . LYS A 1 135 ? -0.856  -22.168 -3.189  1.00 55.27 ? 135  LYS A NZ  1 
ATOM   1032 N N   . LEU A 1 136 ? -0.062  -16.158 -0.799  1.00 34.11 ? 136  LEU A N   1 
ATOM   1033 C CA  . LEU A 1 136 ? -0.699  -14.852 -0.958  1.00 32.84 ? 136  LEU A CA  1 
ATOM   1034 C C   . LEU A 1 136 ? -2.221  -14.955 -0.967  1.00 34.28 ? 136  LEU A C   1 
ATOM   1035 O O   . LEU A 1 136 ? -2.792  -15.963 -1.399  1.00 35.29 ? 136  LEU A O   1 
ATOM   1036 C CB  . LEU A 1 136 ? -0.229  -14.165 -2.242  1.00 32.68 ? 136  LEU A CB  1 
ATOM   1037 C CG  . LEU A 1 136 ? 1.286   -14.021 -2.385  1.00 33.50 ? 136  LEU A CG  1 
ATOM   1038 C CD1 . LEU A 1 136 ? 1.610   -13.179 -3.590  1.00 33.02 ? 136  LEU A CD1 1 
ATOM   1039 C CD2 . LEU A 1 136 ? 1.930   -13.454 -1.119  1.00 29.28 ? 136  LEU A CD2 1 
ATOM   1040 N N   . THR A 1 137 ? -2.883  -13.894 -0.506  1.00 34.69 ? 137  THR A N   1 
ATOM   1041 C CA  . THR A 1 137 ? -4.344  -13.849 -0.493  1.00 32.95 ? 137  THR A CA  1 
ATOM   1042 C C   . THR A 1 137 ? -4.851  -12.588 -1.186  1.00 35.01 ? 137  THR A C   1 
ATOM   1043 O O   . THR A 1 137 ? -4.085  -11.653 -1.416  1.00 34.34 ? 137  THR A O   1 
ATOM   1044 C CB  . THR A 1 137 ? -4.875  -13.831 0.940   1.00 30.91 ? 137  THR A CB  1 
ATOM   1045 O OG1 . THR A 1 137 ? -4.374  -12.669 1.610   1.00 31.71 ? 137  THR A OG1 1 
ATOM   1046 C CG2 . THR A 1 137 ? -4.422  -15.072 1.685   1.00 33.54 ? 137  THR A CG2 1 
ATOM   1047 N N   . GLY A 1 138 ? -6.139  -12.565 -1.514  1.00 35.97 ? 138  GLY A N   1 
ATOM   1048 C CA  . GLY A 1 138 ? -6.756  -11.383 -2.093  1.00 35.28 ? 138  GLY A CA  1 
ATOM   1049 C C   . GLY A 1 138 ? -7.561  -11.653 -3.353  1.00 38.60 ? 138  GLY A C   1 
ATOM   1050 O O   . GLY A 1 138 ? -7.003  -12.066 -4.378  1.00 40.69 ? 138  GLY A O   1 
ATOM   1051 N N   . TYR A 1 139 ? -8.871  -11.417 -3.282  1.00 39.79 ? 139  TYR A N   1 
ATOM   1052 C CA  . TYR A 1 139 ? -9.747  -11.624 -4.442  1.00 41.14 ? 139  TYR A CA  1 
ATOM   1053 C C   . TYR A 1 139 ? -9.610  -10.475 -5.427  1.00 41.12 ? 139  TYR A C   1 
ATOM   1054 O O   . TYR A 1 139 ? -9.017  -9.442  -5.112  1.00 36.26 ? 139  TYR A O   1 
ATOM   1055 C CB  . TYR A 1 139 ? -11.217 -11.714 -4.038  1.00 36.95 ? 139  TYR A CB  1 
ATOM   1056 C CG  . TYR A 1 139 ? -11.554 -12.674 -2.922  1.00 43.52 ? 139  TYR A CG  1 
ATOM   1057 C CD1 . TYR A 1 139 ? -11.392 -14.050 -3.073  1.00 45.29 ? 139  TYR A CD1 1 
ATOM   1058 C CD2 . TYR A 1 139 ? -12.079 -12.204 -1.725  1.00 48.74 ? 139  TYR A CD2 1 
ATOM   1059 C CE1 . TYR A 1 139 ? -11.721 -14.930 -2.046  1.00 44.34 ? 139  TYR A CE1 1 
ATOM   1060 C CE2 . TYR A 1 139 ? -12.416 -13.072 -0.698  1.00 47.84 ? 139  TYR A CE2 1 
ATOM   1061 C CZ  . TYR A 1 139 ? -12.236 -14.430 -0.864  1.00 47.13 ? 139  TYR A CZ  1 
ATOM   1062 O OH  . TYR A 1 139 ? -12.575 -15.271 0.172   1.00 50.69 ? 139  TYR A OH  1 
ATOM   1063 N N   . GLY A 1 140 ? -10.186 -10.654 -6.615  1.00 39.88 ? 140  GLY A N   1 
ATOM   1064 C CA  . GLY A 1 140 ? -10.214 -9.613  -7.629  1.00 41.94 ? 140  GLY A CA  1 
ATOM   1065 C C   . GLY A 1 140 ? -8.877  -9.298  -8.274  1.00 42.70 ? 140  GLY A C   1 
ATOM   1066 O O   . GLY A 1 140 ? -8.682  -8.196  -8.788  1.00 42.37 ? 140  GLY A O   1 
ATOM   1067 N N   . GLY A 1 141 ? -7.959  -10.259 -8.264  1.00 37.16 ? 141  GLY A N   1 
ATOM   1068 C CA  . GLY A 1 141 ? -6.626  -10.030 -8.791  1.00 39.72 ? 141  GLY A CA  1 
ATOM   1069 C C   . GLY A 1 141 ? -5.618  -9.599  -7.737  1.00 37.40 ? 141  GLY A C   1 
ATOM   1070 O O   . GLY A 1 141 ? -4.431  -9.441  -8.032  1.00 38.11 ? 141  GLY A O   1 
ATOM   1071 N N   . GLY A 1 142 ? -6.090  -9.421  -6.506  1.00 36.60 ? 142  GLY A N   1 
ATOM   1072 C CA  . GLY A 1 142 ? -5.246  -9.006  -5.400  1.00 37.17 ? 142  GLY A CA  1 
ATOM   1073 C C   . GLY A 1 142 ? -3.976  -9.814  -5.221  1.00 33.44 ? 142  GLY A C   1 
ATOM   1074 O O   . GLY A 1 142 ? -2.915  -9.246  -4.960  1.00 33.18 ? 142  GLY A O   1 
ATOM   1075 N N   . ILE A 1 143 ? -4.077  -11.136 -5.355  1.00 29.46 ? 143  ILE A N   1 
ATOM   1076 C CA  . ILE A 1 143 ? -2.919  -12.017 -5.241  1.00 34.72 ? 143  ILE A CA  1 
ATOM   1077 C C   . ILE A 1 143 ? -1.834  -11.628 -6.235  1.00 32.30 ? 143  ILE A C   1 
ATOM   1078 O O   . ILE A 1 143 ? -0.665  -11.488 -5.881  1.00 28.88 ? 143  ILE A O   1 
ATOM   1079 C CB  . ILE A 1 143 ? -3.311  -13.493 -5.476  1.00 35.41 ? 143  ILE A CB  1 
ATOM   1080 C CG1 . ILE A 1 143 ? -4.086  -14.028 -4.274  1.00 35.50 ? 143  ILE A CG1 1 
ATOM   1081 C CG2 . ILE A 1 143 ? -2.088  -14.339 -5.713  1.00 35.74 ? 143  ILE A CG2 1 
ATOM   1082 C CD1 . ILE A 1 143 ? -4.660  -15.419 -4.492  1.00 38.46 ? 143  ILE A CD1 1 
ATOM   1083 N N   . ASN A 1 144 ? -2.233  -11.425 -7.484  1.00 34.81 ? 144  ASN A N   1 
ATOM   1084 C CA  . ASN A 1 144 ? -1.261  -11.100 -8.515  1.00 35.39 ? 144  ASN A CA  1 
ATOM   1085 C C   . ASN A 1 144 ? -0.662  -9.701  -8.389  1.00 35.57 ? 144  ASN A C   1 
ATOM   1086 O O   . ASN A 1 144 ? 0.504   -9.498  -8.739  1.00 35.45 ? 144  ASN A O   1 
ATOM   1087 C CB  . ASN A 1 144 ? -1.832  -11.376 -9.906  1.00 36.74 ? 144  ASN A CB  1 
ATOM   1088 C CG  . ASN A 1 144 ? -1.885  -12.862 -10.213 1.00 38.53 ? 144  ASN A CG  1 
ATOM   1089 O OD1 . ASN A 1 144 ? -1.086  -13.641 -9.681  1.00 43.98 ? 144  ASN A OD1 1 
ATOM   1090 N ND2 . ASN A 1 144 ? -2.822  -13.265 -11.060 1.00 47.07 ? 144  ASN A ND2 1 
ATOM   1091 N N   . ARG A 1 145 ? -1.446  -8.751  -7.882  1.00 35.17 ? 145  ARG A N   1 
ATOM   1092 C CA  . ARG A 1 145 ? -0.927  -7.411  -7.622  1.00 32.14 ? 145  ARG A CA  1 
ATOM   1093 C C   . ARG A 1 145 ? 0.140   -7.481  -6.546  1.00 31.35 ? 145  ARG A C   1 
ATOM   1094 O O   . ARG A 1 145 ? 1.241   -6.959  -6.725  1.00 29.80 ? 145  ARG A O   1 
ATOM   1095 C CB  . ARG A 1 145 ? -2.035  -6.453  -7.181  1.00 31.91 ? 145  ARG A CB  1 
ATOM   1096 C CG  . ARG A 1 145 ? -2.998  -6.019  -8.268  1.00 37.02 ? 145  ARG A CG  1 
ATOM   1097 C CD  . ARG A 1 145 ? -4.122  -5.196  -7.667  1.00 30.20 ? 145  ARG A CD  1 
ATOM   1098 N NE  . ARG A 1 145 ? -5.414  -5.650  -8.150  1.00 41.74 ? 145  ARG A NE  1 
ATOM   1099 C CZ  . ARG A 1 145 ? -6.456  -5.906  -7.373  1.00 37.80 ? 145  ARG A CZ  1 
ATOM   1100 N NH1 . ARG A 1 145 ? -6.376  -5.736  -6.064  1.00 38.94 ? 145  ARG A NH1 1 
ATOM   1101 N NH2 . ARG A 1 145 ? -7.592  -6.318  -7.906  1.00 46.10 ? 145  ARG A NH2 1 
ATOM   1102 N N   . LYS A 1 146 ? -0.194  -8.132  -5.429  1.00 32.29 ? 146  LYS A N   1 
ATOM   1103 C CA  . LYS A 1 146 ? 0.740   -8.307  -4.315  1.00 31.19 ? 146  LYS A CA  1 
ATOM   1104 C C   . LYS A 1 146 ? 2.042   -8.930  -4.794  1.00 29.89 ? 146  LYS A C   1 
ATOM   1105 O O   . LYS A 1 146 ? 3.128   -8.465  -4.456  1.00 28.01 ? 146  LYS A O   1 
ATOM   1106 C CB  . LYS A 1 146 ? 0.137   -9.197  -3.211  1.00 28.41 ? 146  LYS A CB  1 
ATOM   1107 C CG  . LYS A 1 146 ? -0.919  -8.516  -2.362  1.00 30.17 ? 146  LYS A CG  1 
ATOM   1108 C CD  . LYS A 1 146 ? -1.359  -9.391  -1.175  1.00 32.40 ? 146  LYS A CD  1 
ATOM   1109 C CE  . LYS A 1 146 ? -2.663  -8.863  -0.563  1.00 35.12 ? 146  LYS A CE  1 
ATOM   1110 N NZ  . LYS A 1 146 ? -3.177  -9.709  0.571   1.00 29.29 ? 146  LYS A NZ  1 
ATOM   1111 N N   . ARG A 1 147 ? 1.921   -9.999  -5.572  1.00 27.33 ? 147  ARG A N   1 
ATOM   1112 C CA  . ARG A 1 147 ? 3.093   -10.711 -6.052  1.00 32.06 ? 147  ARG A CA  1 
ATOM   1113 C C   . ARG A 1 147 ? 3.986   -9.797  -6.877  1.00 30.83 ? 147  ARG A C   1 
ATOM   1114 O O   . ARG A 1 147 ? 5.203   -9.787  -6.701  1.00 31.92 ? 147  ARG A O   1 
ATOM   1115 C CB  . ARG A 1 147 ? 2.675   -11.930 -6.870  1.00 33.47 ? 147  ARG A CB  1 
ATOM   1116 C CG  . ARG A 1 147 ? 3.827   -12.617 -7.590  1.00 39.97 ? 147  ARG A CG  1 
ATOM   1117 C CD  . ARG A 1 147 ? 3.863   -14.121 -7.347  1.00 41.50 ? 147  ARG A CD  1 
ATOM   1118 N NE  . ARG A 1 147 ? 2.535   -14.723 -7.204  1.00 45.04 ? 147  ARG A NE  1 
ATOM   1119 C CZ  . ARG A 1 147 ? 1.766   -15.093 -8.225  1.00 49.70 ? 147  ARG A CZ  1 
ATOM   1120 N NH1 . ARG A 1 147 ? 2.184   -14.911 -9.472  1.00 50.93 ? 147  ARG A NH1 1 
ATOM   1121 N NH2 . ARG A 1 147 ? 0.580   -15.640 -7.998  1.00 47.33 ? 147  ARG A NH2 1 
ATOM   1122 N N   . ALA A 1 148 ? 3.369   -9.023  -7.765  1.00 31.27 ? 148  ALA A N   1 
ATOM   1123 C CA  . ALA A 1 148 ? 4.096   -8.063  -8.596  1.00 30.91 ? 148  ALA A CA  1 
ATOM   1124 C C   . ALA A 1 148 ? 4.935   -7.107  -7.749  1.00 30.59 ? 148  ALA A C   1 
ATOM   1125 O O   . ALA A 1 148 ? 6.130   -6.957  -7.984  1.00 31.25 ? 148  ALA A O   1 
ATOM   1126 C CB  . ALA A 1 148 ? 3.134   -7.292  -9.472  1.00 31.19 ? 148  ALA A CB  1 
ATOM   1127 N N   . LEU A 1 149 ? 4.298   -6.484  -6.761  1.00 28.24 ? 149  LEU A N   1 
ATOM   1128 C CA  . LEU A 1 149 ? 4.975   -5.565  -5.838  1.00 26.41 ? 149  LEU A CA  1 
ATOM   1129 C C   . LEU A 1 149 ? 6.122   -6.233  -5.072  1.00 28.83 ? 149  LEU A C   1 
ATOM   1130 O O   . LEU A 1 149 ? 7.209   -5.666  -4.941  1.00 25.47 ? 149  LEU A O   1 
ATOM   1131 C CB  . LEU A 1 149 ? 3.964   -5.010  -4.839  1.00 25.70 ? 149  LEU A CB  1 
ATOM   1132 C CG  . LEU A 1 149 ? 2.787   -4.205  -5.382  1.00 24.23 ? 149  LEU A CG  1 
ATOM   1133 C CD1 . LEU A 1 149 ? 1.843   -3.826  -4.249  1.00 28.62 ? 149  LEU A CD1 1 
ATOM   1134 C CD2 . LEU A 1 149 ? 3.315   -2.960  -6.099  1.00 26.91 ? 149  LEU A CD2 1 
ATOM   1135 N N   . LEU A 1 150 ? 5.868   -7.429  -4.550  1.00 25.31 ? 150  LEU A N   1 
ATOM   1136 C CA  . LEU A 1 150 ? 6.889   -8.197  -3.848  1.00 27.04 ? 150  LEU A CA  1 
ATOM   1137 C C   . LEU A 1 150 ? 8.079   -8.557  -4.747  1.00 28.01 ? 150  LEU A C   1 
ATOM   1138 O O   . LEU A 1 150 ? 9.245   -8.492  -4.321  1.00 32.28 ? 150  LEU A O   1 
ATOM   1139 C CB  . LEU A 1 150 ? 6.261   -9.460  -3.260  1.00 30.24 ? 150  LEU A CB  1 
ATOM   1140 C CG  . LEU A 1 150 ? 5.332   -9.180  -2.081  1.00 23.85 ? 150  LEU A CG  1 
ATOM   1141 C CD1 . LEU A 1 150 ? 4.388   -10.354 -1.816  1.00 24.43 ? 150  LEU A CD1 1 
ATOM   1142 C CD2 . LEU A 1 150 ? 6.135   -8.869  -0.831  1.00 30.16 ? 150  LEU A CD2 1 
ATOM   1143 N N   . GLU A 1 151 ? 7.797   -8.926  -5.992  1.00 29.62 ? 151  GLU A N   1 
ATOM   1144 C CA  . GLU A 1 151 ? 8.870   -9.249  -6.936  1.00 34.09 ? 151  GLU A CA  1 
ATOM   1145 C C   . GLU A 1 151 ? 9.677   -7.996  -7.293  1.00 33.15 ? 151  GLU A C   1 
ATOM   1146 O O   . GLU A 1 151 ? 10.904  -8.044  -7.410  1.00 34.64 ? 151  GLU A O   1 
ATOM   1147 C CB  . GLU A 1 151 ? 8.320   -9.901  -8.206  1.00 31.68 ? 151  GLU A CB  1 
ATOM   1148 C CG  . GLU A 1 151 ? 7.811   -11.323 -8.042  1.00 35.26 ? 151  GLU A CG  1 
ATOM   1149 C CD  . GLU A 1 151 ? 6.953   -11.787 -9.227  1.00 40.64 ? 151  GLU A CD  1 
ATOM   1150 O OE1 . GLU A 1 151 ? 6.583   -10.955 -10.094 1.00 44.82 ? 151  GLU A OE1 1 
ATOM   1151 O OE2 . GLU A 1 151 ? 6.634   -12.994 -9.288  1.00 41.77 ? 151  GLU A OE2 1 
ATOM   1152 N N   . LEU A 1 152 ? 8.989   -6.874  -7.457  1.00 30.86 ? 152  LEU A N   1 
ATOM   1153 C CA  . LEU A 1 152 ? 9.673   -5.617  -7.741  1.00 29.21 ? 152  LEU A CA  1 
ATOM   1154 C C   . LEU A 1 152 ? 10.652  -5.248  -6.621  1.00 34.22 ? 152  LEU A C   1 
ATOM   1155 O O   . LEU A 1 152 ? 11.815  -4.930  -6.869  1.00 30.57 ? 152  LEU A O   1 
ATOM   1156 C CB  . LEU A 1 152 ? 8.652   -4.490  -7.936  1.00 31.04 ? 152  LEU A CB  1 
ATOM   1157 C CG  . LEU A 1 152 ? 9.246   -3.084  -7.861  1.00 36.22 ? 152  LEU A CG  1 
ATOM   1158 C CD1 . LEU A 1 152 ? 10.133  -2.852  -9.064  1.00 33.37 ? 152  LEU A CD1 1 
ATOM   1159 C CD2 . LEU A 1 152 ? 8.163   -2.011  -7.760  1.00 32.03 ? 152  LEU A CD2 1 
ATOM   1160 N N   . GLU A 1 153 ? 10.172  -5.282  -5.384  1.00 28.61 ? 153  GLU A N   1 
ATOM   1161 C CA  . GLU A 1 153 ? 10.994  -4.895  -4.250  1.00 30.14 ? 153  GLU A CA  1 
ATOM   1162 C C   . GLU A 1 153 ? 12.161  -5.858  -4.033  1.00 30.55 ? 153  GLU A C   1 
ATOM   1163 O O   . GLU A 1 153 ? 13.211  -5.462  -3.539  1.00 34.88 ? 153  GLU A O   1 
ATOM   1164 C CB  . GLU A 1 153 ? 10.149  -4.767  -2.985  1.00 28.75 ? 153  GLU A CB  1 
ATOM   1165 C CG  . GLU A 1 153 ? 9.015   -3.771  -3.137  1.00 25.72 ? 153  GLU A CG  1 
ATOM   1166 C CD  . GLU A 1 153 ? 8.270   -3.514  -1.852  1.00 29.31 ? 153  GLU A CD  1 
ATOM   1167 O OE1 . GLU A 1 153 ? 8.666   -4.065  -0.806  1.00 28.35 ? 153  GLU A OE1 1 
ATOM   1168 O OE2 . GLU A 1 153 ? 7.277   -2.756  -1.894  1.00 29.11 ? 153  GLU A OE2 1 
ATOM   1169 N N   . LYS A 1 154 ? 11.986  -7.119  -4.414  1.00 31.91 ? 154  LYS A N   1 
ATOM   1170 C CA  . LYS A 1 154 ? 13.059  -8.093  -4.216  1.00 34.44 ? 154  LYS A CA  1 
ATOM   1171 C C   . LYS A 1 154 ? 14.171  -7.924  -5.254  1.00 35.95 ? 154  LYS A C   1 
ATOM   1172 O O   . LYS A 1 154 ? 15.320  -8.280  -5.007  1.00 40.42 ? 154  LYS A O   1 
ATOM   1173 C CB  . LYS A 1 154 ? 12.521  -9.529  -4.232  1.00 34.89 ? 154  LYS A CB  1 
ATOM   1174 C CG  . LYS A 1 154 ? 13.541  -10.552 -3.733  1.00 35.16 ? 154  LYS A CG  1 
ATOM   1175 C CD  . LYS A 1 154 ? 12.950  -11.935 -3.513  1.00 37.25 ? 154  LYS A CD  1 
ATOM   1176 C CE  . LYS A 1 154 ? 12.587  -12.624 -4.827  1.00 47.32 ? 154  LYS A CE  1 
ATOM   1177 N NZ  . LYS A 1 154 ? 12.285  -14.086 -4.655  1.00 45.35 ? 154  LYS A NZ  1 
ATOM   1178 N N   . SER A 1 155 ? 13.824  -7.364  -6.408  1.00 37.97 ? 155  SER A N   1 
ATOM   1179 C CA  . SER A 1 155 ? 14.758  -7.233  -7.529  1.00 37.25 ? 155  SER A CA  1 
ATOM   1180 C C   . SER A 1 155 ? 15.700  -6.043  -7.398  1.00 36.30 ? 155  SER A C   1 
ATOM   1181 O O   . SER A 1 155 ? 16.536  -5.818  -8.260  1.00 39.07 ? 155  SER A O   1 
ATOM   1182 C CB  . SER A 1 155 ? 13.977  -7.063  -8.819  1.00 38.43 ? 155  SER A CB  1 
ATOM   1183 O OG  . SER A 1 155 ? 13.449  -5.748  -8.902  1.00 40.66 ? 155  SER A OG  1 
ATOM   1184 N N   . ARG A 1 156 ? 15.530  -5.276  -6.332  1.00 38.48 ? 156  ARG A N   1 
ATOM   1185 C CA  . ARG A 1 156 ? 16.318  -4.076  -6.044  1.00 38.92 ? 156  ARG A CA  1 
ATOM   1186 C C   . ARG A 1 156 ? 17.824  -4.303  -6.150  1.00 42.07 ? 156  ARG A C   1 
ATOM   1187 O O   . ARG A 1 156 ? 18.392  -5.112  -5.424  1.00 40.44 ? 156  ARG A O   1 
ATOM   1188 C CB  . ARG A 1 156 ? 15.976  -3.612  -4.625  1.00 39.75 ? 156  ARG A CB  1 
ATOM   1189 C CG  . ARG A 1 156 ? 16.678  -2.373  -4.109  1.00 39.57 ? 156  ARG A CG  1 
ATOM   1190 C CD  . ARG A 1 156 ? 16.279  -2.175  -2.647  1.00 40.28 ? 156  ARG A CD  1 
ATOM   1191 N NE  . ARG A 1 156 ? 16.870  -0.986  -2.039  1.00 49.77 ? 156  ARG A NE  1 
ATOM   1192 C CZ  . ARG A 1 156 ? 16.740  -0.654  -0.754  1.00 45.56 ? 156  ARG A CZ  1 
ATOM   1193 N NH1 . ARG A 1 156 ? 16.044  -1.426  0.077   1.00 41.10 ? 156  ARG A NH1 1 
ATOM   1194 N NH2 . ARG A 1 156 ? 17.319  0.451   -0.296  1.00 52.86 ? 156  ARG A NH2 1 
ATOM   1195 N N   . ALA A 1 157 ? 18.465  -3.572  -7.053  1.00 46.04 ? 157  ALA A N   1 
ATOM   1196 C CA  . ALA A 1 157 ? 19.912  -3.631  -7.203  1.00 44.88 ? 157  ALA A CA  1 
ATOM   1197 C C   . ALA A 1 157 ? 20.599  -2.882  -6.071  1.00 45.70 ? 157  ALA A C   1 
ATOM   1198 O O   . ALA A 1 157 ? 20.036  -1.941  -5.508  1.00 47.45 ? 157  ALA A O   1 
ATOM   1199 C CB  . ALA A 1 157 ? 20.323  -3.040  -8.544  1.00 50.33 ? 157  ALA A CB  1 
ATOM   1200 N N   . PRO A 1 158 ? 21.821  -3.304  -5.725  1.00 50.64 ? 158  PRO A N   1 
ATOM   1201 C CA  . PRO A 1 158 ? 22.657  -2.590  -4.752  1.00 48.81 ? 158  PRO A CA  1 
ATOM   1202 C C   . PRO A 1 158 ? 22.617  -1.072  -4.956  1.00 52.25 ? 158  PRO A C   1 
ATOM   1203 O O   . PRO A 1 158 ? 22.517  -0.583  -6.090  1.00 49.13 ? 158  PRO A O   1 
ATOM   1204 C CB  . PRO A 1 158 ? 24.053  -3.144  -5.035  1.00 45.11 ? 158  PRO A CB  1 
ATOM   1205 C CG  . PRO A 1 158 ? 23.782  -4.561  -5.435  1.00 46.20 ? 158  PRO A CG  1 
ATOM   1206 C CD  . PRO A 1 158 ? 22.447  -4.563  -6.162  1.00 46.50 ? 158  PRO A CD  1 
ATOM   1207 N N   . ALA A 1 159 ? 22.674  -0.346  -3.843  1.00 51.95 ? 159  ALA A N   1 
ATOM   1208 C CA  . ALA A 1 159 ? 22.447  1.097   -3.841  1.00 54.77 ? 159  ALA A CA  1 
ATOM   1209 C C   . ALA A 1 159 ? 23.626  1.883   -4.404  1.00 52.66 ? 159  ALA A C   1 
ATOM   1210 O O   . ALA A 1 159 ? 23.477  3.029   -4.817  1.00 57.36 ? 159  ALA A O   1 
ATOM   1211 C CB  . ALA A 1 159 ? 22.124  1.573   -2.425  1.00 51.82 ? 159  ALA A CB  1 
ATOM   1212 N N   . ASP A 1 160 ? 24.798  1.262   -4.427  1.00 47.83 ? 160  ASP A N   1 
ATOM   1213 C CA  . ASP A 1 160 ? 26.004  1.976   -4.784  1.00 42.24 ? 160  ASP A CA  1 
ATOM   1214 C C   . ASP A 1 160 ? 27.030  0.975   -5.292  1.00 41.70 ? 160  ASP A C   1 
ATOM   1215 O O   . ASP A 1 160 ? 27.709  0.314   -4.501  1.00 43.05 ? 160  ASP A O   1 
ATOM   1216 C CB  . ASP A 1 160 ? 26.512  2.732   -3.553  1.00 39.46 ? 160  ASP A CB  1 
ATOM   1217 C CG  . ASP A 1 160 ? 27.789  3.524   -3.813  1.00 47.09 ? 160  ASP A CG  1 
ATOM   1218 O OD1 . ASP A 1 160 ? 28.239  3.597   -4.983  1.00 45.91 ? 160  ASP A OD1 1 
ATOM   1219 O OD2 . ASP A 1 160 ? 28.338  4.087   -2.827  1.00 45.92 ? 160  ASP A OD2 1 
ATOM   1220 N N   . LEU A 1 161 ? 27.137  0.861   -6.614  1.00 40.77 ? 161  LEU A N   1 
ATOM   1221 C CA  . LEU A 1 161 ? 28.095  -0.061  -7.212  1.00 33.86 ? 161  LEU A CA  1 
ATOM   1222 C C   . LEU A 1 161 ? 29.530  0.309   -6.835  1.00 32.89 ? 161  LEU A C   1 
ATOM   1223 O O   . LEU A 1 161 ? 30.423  -0.532  -6.918  1.00 29.39 ? 161  LEU A O   1 
ATOM   1224 C CB  . LEU A 1 161 ? 27.926  -0.126  -8.734  1.00 29.25 ? 161  LEU A CB  1 
ATOM   1225 C CG  . LEU A 1 161 ? 26.704  -0.869  -9.266  1.00 31.24 ? 161  LEU A CG  1 
ATOM   1226 C CD1 . LEU A 1 161 ? 26.627  -0.763  -10.759 1.00 34.18 ? 161  LEU A CD1 1 
ATOM   1227 C CD2 . LEU A 1 161 ? 26.766  -2.324  -8.867  1.00 30.63 ? 161  LEU A CD2 1 
ATOM   1228 N N   . THR A 1 162 ? 29.764  1.554   -6.398  1.00 31.72 ? 162  THR A N   1 
ATOM   1229 C CA  . THR A 1 162 ? 31.133  1.964   -6.075  1.00 32.68 ? 162  THR A CA  1 
ATOM   1230 C C   . THR A 1 162 ? 31.642  1.192   -4.875  1.00 32.87 ? 162  THR A C   1 
ATOM   1231 O O   . THR A 1 162 ? 32.851  1.106   -4.656  1.00 32.67 ? 162  THR A O   1 
ATOM   1232 C CB  . THR A 1 162 ? 31.302  3.482   -5.778  1.00 38.51 ? 162  THR A CB  1 
ATOM   1233 O OG1 . THR A 1 162 ? 30.719  3.809   -4.514  1.00 39.82 ? 162  THR A OG1 1 
ATOM   1234 C CG2 . THR A 1 162 ? 30.677  4.330   -6.870  1.00 40.05 ? 162  THR A CG2 1 
ATOM   1235 N N   . LEU A 1 163 ? 30.722  0.621   -4.102  1.00 29.38 ? 163  LEU A N   1 
ATOM   1236 C CA  . LEU A 1 163 ? 31.140  -0.107  -2.912  1.00 32.84 ? 163  LEU A CA  1 
ATOM   1237 C C   . LEU A 1 163 ? 31.819  -1.441  -3.259  1.00 27.64 ? 163  LEU A C   1 
ATOM   1238 O O   . LEU A 1 163 ? 32.424  -2.071  -2.394  1.00 25.36 ? 163  LEU A O   1 
ATOM   1239 C CB  . LEU A 1 163 ? 29.975  -0.295  -1.927  1.00 34.04 ? 163  LEU A CB  1 
ATOM   1240 C CG  . LEU A 1 163 ? 29.484  0.978   -1.209  1.00 40.53 ? 163  LEU A CG  1 
ATOM   1241 C CD1 . LEU A 1 163 ? 28.624  0.619   -0.002  1.00 36.97 ? 163  LEU A CD1 1 
ATOM   1242 C CD2 . LEU A 1 163 ? 30.648  1.902   -0.792  1.00 34.12 ? 163  LEU A CD2 1 
ATOM   1243 N N   . PHE A 1 164 ? 31.720  -1.857  -4.522  1.00 25.73 ? 164  PHE A N   1 
ATOM   1244 C CA  . PHE A 1 164 ? 32.411  -3.051  -4.982  1.00 25.92 ? 164  PHE A CA  1 
ATOM   1245 C C   . PHE A 1 164 ? 33.767  -2.666  -5.571  1.00 27.03 ? 164  PHE A C   1 
ATOM   1246 O O   . PHE A 1 164 ? 34.642  -3.526  -5.693  1.00 21.89 ? 164  PHE A O   1 
ATOM   1247 C CB  . PHE A 1 164 ? 31.589  -3.780  -6.056  1.00 21.17 ? 164  PHE A CB  1 
ATOM   1248 C CG  . PHE A 1 164 ? 30.229  -4.252  -5.581  1.00 23.37 ? 164  PHE A CG  1 
ATOM   1249 C CD1 . PHE A 1 164 ? 30.076  -4.845  -4.330  1.00 20.98 ? 164  PHE A CD1 1 
ATOM   1250 C CD2 . PHE A 1 164 ? 29.104  -4.095  -6.379  1.00 22.68 ? 164  PHE A CD2 1 
ATOM   1251 C CE1 . PHE A 1 164 ? 28.832  -5.273  -3.894  1.00 22.28 ? 164  PHE A CE1 1 
ATOM   1252 C CE2 . PHE A 1 164 ? 27.867  -4.522  -5.949  1.00 25.72 ? 164  PHE A CE2 1 
ATOM   1253 C CZ  . PHE A 1 164 ? 27.729  -5.111  -4.698  1.00 20.21 ? 164  PHE A CZ  1 
ATOM   1254 N N   . ASP A 1 165 ? 33.892  -1.379  -5.924  1.00 30.27 ? 165  ASP A N   1 
ATOM   1255 C CA  . ASP A 1 165 ? 35.049  -0.712  -6.593  1.00 34.41 ? 165  ASP A CA  1 
ATOM   1256 C C   . ASP A 1 165 ? 34.879  -0.261  -8.041  1.00 35.21 ? 165  ASP A C   1 
ATOM   1257 O O   . ASP A 1 165 ? 33.774  -0.084  -8.546  1.00 33.29 ? 165  ASP A O   1 
ATOM   1258 C CB  . ASP A 1 165 ? 36.312  -1.528  -6.563  1.00 37.40 ? 165  ASP A CB  1 
ATOM   1259 C CG  . ASP A 1 165 ? 37.029  -1.373  -5.301  1.00 32.44 ? 165  ASP A CG  1 
ATOM   1260 O OD1 . ASP A 1 165 ? 36.354  -1.433  -4.254  1.00 32.51 ? 165  ASP A OD1 1 
ATOM   1261 O OD2 . ASP A 1 165 ? 38.252  -1.170  -5.366  1.00 45.34 ? 165  ASP A OD2 1 
HETATM 1262 C C1  . GOL B 2 .   ? -3.767  -4.887  -4.095  1.00 39.23 ? 1166 GOL A C1  1 
HETATM 1263 O O1  . GOL B 2 .   ? -4.108  -5.518  -2.861  1.00 42.01 ? 1166 GOL A O1  1 
HETATM 1264 C C2  . GOL B 2 .   ? -3.252  -3.465  -3.886  1.00 38.68 ? 1166 GOL A C2  1 
HETATM 1265 O O2  . GOL B 2 .   ? -1.835  -3.454  -3.765  1.00 41.55 ? 1166 GOL A O2  1 
HETATM 1266 C C3  . GOL B 2 .   ? -3.696  -2.576  -5.046  1.00 36.85 ? 1166 GOL A C3  1 
HETATM 1267 O O3  . GOL B 2 .   ? -4.992  -2.048  -4.781  1.00 34.81 ? 1166 GOL A O3  1 
HETATM 1268 C C1  . GOL C 2 .   ? 5.583   6.392   4.123   1.00 44.88 ? 1167 GOL A C1  1 
HETATM 1269 O O1  . GOL C 2 .   ? 5.159   5.208   3.465   1.00 38.83 ? 1167 GOL A O1  1 
HETATM 1270 C C2  . GOL C 2 .   ? 4.431   7.126   4.819   1.00 45.91 ? 1167 GOL A C2  1 
HETATM 1271 O O2  . GOL C 2 .   ? 4.840   7.608   6.082   1.00 51.40 ? 1167 GOL A O2  1 
HETATM 1272 C C3  . GOL C 2 .   ? 3.901   8.280   3.969   1.00 43.17 ? 1167 GOL A C3  1 
HETATM 1273 O O3  . GOL C 2 .   ? 4.902   9.261   3.775   1.00 44.41 ? 1167 GOL A O3  1 
HETATM 1274 O O   . HOH D 3 .   ? 0.911   9.628   -14.303 1.00 45.15 ? 2001 HOH A O   1 
HETATM 1275 O O   . HOH D 3 .   ? -3.429  10.744  -14.333 1.00 38.90 ? 2002 HOH A O   1 
HETATM 1276 O O   . HOH D 3 .   ? -1.247  7.476   -16.308 1.00 43.18 ? 2003 HOH A O   1 
HETATM 1277 O O   . HOH D 3 .   ? 1.661   6.394   -14.455 1.00 36.99 ? 2004 HOH A O   1 
HETATM 1278 O O   . HOH D 3 .   ? 2.379   4.352   -12.084 1.00 43.30 ? 2005 HOH A O   1 
HETATM 1279 O O   . HOH D 3 .   ? -6.950  -8.451  0.260   1.00 40.84 ? 2006 HOH A O   1 
HETATM 1280 O O   . HOH D 3 .   ? -8.158  2.435   -10.355 1.00 32.54 ? 2007 HOH A O   1 
HETATM 1281 O O   . HOH D 3 .   ? 9.529   2.849   4.569   1.00 46.05 ? 2008 HOH A O   1 
HETATM 1282 O O   . HOH D 3 .   ? -12.359 8.046   1.546   1.00 40.30 ? 2009 HOH A O   1 
HETATM 1283 O O   . HOH D 3 .   ? 9.185   5.593   5.112   1.00 48.79 ? 2010 HOH A O   1 
HETATM 1284 O O   . HOH D 3 .   ? -6.522  -4.259  -1.434  1.00 32.45 ? 2011 HOH A O   1 
HETATM 1285 O O   . HOH D 3 .   ? -11.158 -2.367  -3.532  1.00 38.75 ? 2012 HOH A O   1 
HETATM 1286 O O   . HOH D 3 .   ? -8.489  -5.471  0.161   1.00 39.40 ? 2013 HOH A O   1 
HETATM 1287 O O   . HOH D 3 .   ? -11.785 -3.419  1.602   1.00 38.72 ? 2014 HOH A O   1 
HETATM 1288 O O   . HOH D 3 .   ? -13.280 0.094   17.666  1.00 39.28 ? 2015 HOH A O   1 
HETATM 1289 O O   . HOH D 3 .   ? -8.976  -3.341  -5.148  1.00 36.33 ? 2016 HOH A O   1 
HETATM 1290 O O   . HOH D 3 .   ? -0.277  6.064   10.808  1.00 40.36 ? 2017 HOH A O   1 
HETATM 1291 O O   . HOH D 3 .   ? -10.162 -5.907  -8.924  1.00 42.29 ? 2018 HOH A O   1 
HETATM 1292 O O   . HOH D 3 .   ? 2.481   5.833   11.740  1.00 44.58 ? 2019 HOH A O   1 
HETATM 1293 O O   . HOH D 3 .   ? -13.260 -7.216  -7.051  1.00 48.87 ? 2020 HOH A O   1 
HETATM 1294 O O   . HOH D 3 .   ? -10.761 -8.783  -12.131 1.00 45.44 ? 2021 HOH A O   1 
HETATM 1295 O O   . HOH D 3 .   ? -9.169  -6.376  -11.798 1.00 40.82 ? 2022 HOH A O   1 
HETATM 1296 O O   . HOH D 3 .   ? -12.271 -7.427  -9.052  1.00 39.15 ? 2023 HOH A O   1 
HETATM 1297 O O   . HOH D 3 .   ? -17.957 -1.417  -9.913  1.00 48.57 ? 2024 HOH A O   1 
HETATM 1298 O O   . HOH D 3 .   ? -17.279 -1.240  -11.828 1.00 45.29 ? 2025 HOH A O   1 
HETATM 1299 O O   . HOH D 3 .   ? -18.321 0.886   -8.378  1.00 40.54 ? 2026 HOH A O   1 
HETATM 1300 O O   . HOH D 3 .   ? -13.401 -1.244  -4.137  1.00 38.17 ? 2027 HOH A O   1 
HETATM 1301 O O   . HOH D 3 .   ? -17.614 0.582   -10.520 1.00 53.00 ? 2028 HOH A O   1 
HETATM 1302 O O   . HOH D 3 .   ? -23.339 0.755   -1.373  1.00 41.62 ? 2029 HOH A O   1 
HETATM 1303 O O   . HOH D 3 .   ? 5.456   -17.117 10.861  1.00 41.08 ? 2030 HOH A O   1 
HETATM 1304 O O   . HOH D 3 .   ? -17.706 2.649   -9.288  1.00 57.28 ? 2031 HOH A O   1 
HETATM 1305 O O   . HOH D 3 .   ? 5.735   1.900   15.741  1.00 42.06 ? 2032 HOH A O   1 
HETATM 1306 O O   . HOH D 3 .   ? -20.137 10.383  -10.332 1.00 53.29 ? 2033 HOH A O   1 
HETATM 1307 O O   . HOH D 3 .   ? -10.439 13.885  -15.727 1.00 50.76 ? 2034 HOH A O   1 
HETATM 1308 O O   . HOH D 3 .   ? 6.851   -16.292 8.691   1.00 40.35 ? 2035 HOH A O   1 
HETATM 1309 O O   . HOH D 3 .   ? -9.516  -12.577 0.797   1.00 45.06 ? 2036 HOH A O   1 
HETATM 1310 O O   . HOH D 3 .   ? 7.124   15.713  -7.085  1.00 43.31 ? 2037 HOH A O   1 
HETATM 1311 O O   . HOH D 3 .   ? 7.202   4.004   -13.640 1.00 36.84 ? 2038 HOH A O   1 
HETATM 1312 O O   . HOH D 3 .   ? 4.664   3.554   -13.226 1.00 43.61 ? 2039 HOH A O   1 
HETATM 1313 O O   . HOH D 3 .   ? 11.230  0.959   -6.329  1.00 30.51 ? 2040 HOH A O   1 
HETATM 1314 O O   . HOH D 3 .   ? 35.131  4.168   -6.757  1.00 44.50 ? 2041 HOH A O   1 
HETATM 1315 O O   . HOH D 3 .   ? 7.464   -1.917  -12.072 1.00 42.48 ? 2042 HOH A O   1 
HETATM 1316 O O   . HOH D 3 .   ? 11.425  -1.158  -12.312 1.00 38.48 ? 2043 HOH A O   1 
HETATM 1317 O O   . HOH D 3 .   ? 13.596  6.410   -1.551  1.00 35.09 ? 2044 HOH A O   1 
HETATM 1318 O O   . HOH D 3 .   ? 8.249   1.739   0.355   1.00 29.37 ? 2045 HOH A O   1 
HETATM 1319 O O   . HOH D 3 .   ? 11.257  1.702   2.860   1.00 36.42 ? 2046 HOH A O   1 
HETATM 1320 O O   . HOH D 3 .   ? 7.785   4.516   2.564   1.00 32.94 ? 2047 HOH A O   1 
HETATM 1321 O O   . HOH D 3 .   ? -2.679  19.854  4.118   1.00 48.76 ? 2048 HOH A O   1 
HETATM 1322 O O   . HOH D 3 .   ? -3.912  13.792  8.589   1.00 45.85 ? 2049 HOH A O   1 
HETATM 1323 O O   . HOH D 3 .   ? -3.143  9.062   8.872   1.00 42.31 ? 2050 HOH A O   1 
HETATM 1324 O O   . HOH D 3 .   ? -10.634 7.369   11.509  1.00 43.76 ? 2051 HOH A O   1 
HETATM 1325 O O   . HOH D 3 .   ? -10.931 -1.284  16.975  1.00 32.50 ? 2052 HOH A O   1 
HETATM 1326 O O   . HOH D 3 .   ? -7.398  -1.542  18.900  1.00 38.18 ? 2053 HOH A O   1 
HETATM 1327 O O   . HOH D 3 .   ? -10.454 -4.998  11.392  1.00 35.75 ? 2054 HOH A O   1 
HETATM 1328 O O   . HOH D 3 .   ? -2.653  4.222   11.531  1.00 38.13 ? 2055 HOH A O   1 
HETATM 1329 O O   . HOH D 3 .   ? -2.578  3.807   16.457  1.00 40.84 ? 2056 HOH A O   1 
HETATM 1330 O O   . HOH D 3 .   ? 1.093   0.149   15.815  1.00 36.73 ? 2057 HOH A O   1 
HETATM 1331 O O   . HOH D 3 .   ? -5.367  -2.656  20.185  1.00 47.70 ? 2058 HOH A O   1 
HETATM 1332 O O   . HOH D 3 .   ? -3.101  -3.162  21.034  1.00 37.17 ? 2059 HOH A O   1 
HETATM 1333 O O   . HOH D 3 .   ? 0.435   0.093   18.308  1.00 41.30 ? 2060 HOH A O   1 
HETATM 1334 O O   . HOH D 3 .   ? 4.492   3.987   11.700  1.00 36.27 ? 2061 HOH A O   1 
HETATM 1335 O O   . HOH D 3 .   ? 7.912   -4.136  11.537  1.00 36.32 ? 2062 HOH A O   1 
HETATM 1336 O O   . HOH D 3 .   ? 14.667  -1.101  2.730   1.00 33.53 ? 2063 HOH A O   1 
HETATM 1337 O O   . HOH D 3 .   ? 15.669  -3.663  0.074   1.00 39.74 ? 2064 HOH A O   1 
HETATM 1338 O O   . HOH D 3 .   ? 15.492  -4.614  2.191   1.00 41.35 ? 2065 HOH A O   1 
HETATM 1339 O O   . HOH D 3 .   ? 8.884   -6.609  0.213   1.00 24.91 ? 2066 HOH A O   1 
HETATM 1340 O O   . HOH D 3 .   ? 12.008  -9.811  -0.088  1.00 35.06 ? 2067 HOH A O   1 
HETATM 1341 O O   . HOH D 3 .   ? 16.187  -3.448  4.365   1.00 39.00 ? 2068 HOH A O   1 
HETATM 1342 O O   . HOH D 3 .   ? 7.911   -12.499 6.874   1.00 29.16 ? 2069 HOH A O   1 
HETATM 1343 O O   . HOH D 3 .   ? 6.375   -15.177 12.369  1.00 33.86 ? 2070 HOH A O   1 
HETATM 1344 O O   . HOH D 3 .   ? 7.566   -12.698 9.291   1.00 44.08 ? 2071 HOH A O   1 
HETATM 1345 O O   . HOH D 3 .   ? 1.405   -14.951 10.372  1.00 26.09 ? 2072 HOH A O   1 
HETATM 1346 O O   . HOH D 3 .   ? -4.842  -9.520  4.493   1.00 32.48 ? 2073 HOH A O   1 
HETATM 1347 O O   . HOH D 3 .   ? -2.014  -12.844 2.948   1.00 27.55 ? 2074 HOH A O   1 
HETATM 1348 O O   . HOH D 3 .   ? 1.334   -13.311 17.700  1.00 28.15 ? 2075 HOH A O   1 
HETATM 1349 O O   . HOH D 3 .   ? 7.138   -8.543  16.255  1.00 30.89 ? 2076 HOH A O   1 
HETATM 1350 O O   . HOH D 3 .   ? 9.409   -12.675 8.927   1.00 33.52 ? 2077 HOH A O   1 
HETATM 1351 O O   . HOH D 3 .   ? 3.086   -8.348  21.903  1.00 36.78 ? 2078 HOH A O   1 
HETATM 1352 O O   . HOH D 3 .   ? 7.630   -11.000 17.172  1.00 43.44 ? 2079 HOH A O   1 
HETATM 1353 O O   . HOH D 3 .   ? 7.893   -7.022  14.272  1.00 39.67 ? 2080 HOH A O   1 
HETATM 1354 O O   . HOH D 3 .   ? 3.856   -0.077  15.527  1.00 38.03 ? 2081 HOH A O   1 
HETATM 1355 O O   . HOH D 3 .   ? -1.346  -7.597  25.164  1.00 32.54 ? 2082 HOH A O   1 
HETATM 1356 O O   . HOH D 3 .   ? -3.544  -11.056 23.381  1.00 29.09 ? 2083 HOH A O   1 
HETATM 1357 O O   . HOH D 3 .   ? -0.888  -14.245 16.295  1.00 26.89 ? 2084 HOH A O   1 
HETATM 1358 O O   . HOH D 3 .   ? -5.155  -15.300 15.312  1.00 25.20 ? 2085 HOH A O   1 
HETATM 1359 O O   . HOH D 3 .   ? -8.576  -9.964  4.127   1.00 41.53 ? 2086 HOH A O   1 
HETATM 1360 O O   . HOH D 3 .   ? -10.529 -8.097  5.240   1.00 31.52 ? 2087 HOH A O   1 
HETATM 1361 O O   . HOH D 3 .   ? -4.776  -5.540  1.657   1.00 30.87 ? 2088 HOH A O   1 
HETATM 1362 O O   . HOH D 3 .   ? -4.607  -8.255  2.256   1.00 38.79 ? 2089 HOH A O   1 
HETATM 1363 O O   . HOH D 3 .   ? -5.232  -2.171  0.226   1.00 34.26 ? 2090 HOH A O   1 
HETATM 1364 O O   . HOH D 3 .   ? -0.046  -2.459  -1.034  1.00 24.40 ? 2091 HOH A O   1 
HETATM 1365 O O   . HOH D 3 .   ? 5.471   1.699   1.481   1.00 27.93 ? 2092 HOH A O   1 
HETATM 1366 O O   . HOH D 3 .   ? -1.863  -5.753  -0.222  1.00 34.72 ? 2093 HOH A O   1 
HETATM 1367 O O   . HOH D 3 .   ? 1.328   -10.388 1.067   1.00 27.83 ? 2094 HOH A O   1 
HETATM 1368 O O   . HOH D 3 .   ? 4.882   -15.432 7.119   1.00 45.74 ? 2095 HOH A O   1 
HETATM 1369 O O   . HOH D 3 .   ? 6.456   -14.163 6.651   1.00 41.54 ? 2096 HOH A O   1 
HETATM 1370 O O   . HOH D 3 .   ? -0.937  -15.293 3.690   1.00 30.12 ? 2097 HOH A O   1 
HETATM 1371 O O   . HOH D 3 .   ? 6.633   -16.738 6.504   1.00 49.27 ? 2098 HOH A O   1 
HETATM 1372 O O   . HOH D 3 .   ? -0.143  -19.557 7.259   1.00 35.95 ? 2099 HOH A O   1 
HETATM 1373 O O   . HOH D 3 .   ? -0.959  -11.980 0.646   1.00 30.55 ? 2100 HOH A O   1 
HETATM 1374 O O   . HOH D 3 .   ? -7.630  -14.784 -1.510  1.00 41.96 ? 2101 HOH A O   1 
HETATM 1375 O O   . HOH D 3 .   ? -7.171  -12.753 -6.918  1.00 40.26 ? 2102 HOH A O   1 
HETATM 1376 O O   . HOH D 3 .   ? -9.534  -10.064 -0.729  1.00 45.29 ? 2103 HOH A O   1 
HETATM 1377 O O   . HOH D 3 .   ? -9.636  -5.883  -6.365  1.00 37.01 ? 2104 HOH A O   1 
HETATM 1378 O O   . HOH D 3 .   ? -4.690  -12.786 -8.650  1.00 43.39 ? 2105 HOH A O   1 
HETATM 1379 O O   . HOH D 3 .   ? 1.927   -11.111 -10.360 1.00 40.76 ? 2106 HOH A O   1 
HETATM 1380 O O   . HOH D 3 .   ? -6.703  -3.622  -3.877  1.00 40.61 ? 2107 HOH A O   1 
HETATM 1381 O O   . HOH D 3 .   ? 6.920   -6.905  -10.652 1.00 38.76 ? 2108 HOH A O   1 
HETATM 1382 O O   . HOH D 3 .   ? 10.074  -8.383  -1.549  1.00 29.34 ? 2109 HOH A O   1 
HETATM 1383 O O   . HOH D 3 .   ? 12.145  -10.584 -7.973  1.00 43.05 ? 2110 HOH A O   1 
HETATM 1384 O O   . HOH D 3 .   ? 15.130  -5.071  -1.853  1.00 38.78 ? 2111 HOH A O   1 
HETATM 1385 O O   . HOH D 3 .   ? 25.402  2.795   -7.977  1.00 42.59 ? 2112 HOH A O   1 
HETATM 1386 O O   . HOH D 3 .   ? 33.783  2.137   -7.926  1.00 30.94 ? 2113 HOH A O   1 
HETATM 1387 O O   . HOH D 3 .   ? 33.851  -0.967  0.062   1.00 37.12 ? 2114 HOH A O   1 
HETATM 1388 O O   . HOH D 3 .   ? 35.081  -1.570  -10.650 1.00 35.37 ? 2115 HOH A O   1 
HETATM 1389 O O   . HOH D 3 .   ? 39.461  0.562   -5.887  1.00 42.44 ? 2116 HOH A O   1 
HETATM 1390 O O   . HOH D 3 .   ? 39.396  -3.401  -4.812  1.00 37.22 ? 2117 HOH A O   1 
HETATM 1391 O O   . HOH D 3 .   ? -5.855  -8.030  -2.217  1.00 34.07 ? 2118 HOH A O   1 
# 
loop_
_pdbx_poly_seq_scheme.asym_id 
_pdbx_poly_seq_scheme.entity_id 
_pdbx_poly_seq_scheme.seq_id 
_pdbx_poly_seq_scheme.mon_id 
_pdbx_poly_seq_scheme.ndb_seq_num 
_pdbx_poly_seq_scheme.pdb_seq_num 
_pdbx_poly_seq_scheme.auth_seq_num 
_pdbx_poly_seq_scheme.pdb_mon_id 
_pdbx_poly_seq_scheme.auth_mon_id 
_pdbx_poly_seq_scheme.pdb_strand_id 
_pdbx_poly_seq_scheme.pdb_ins_code 
_pdbx_poly_seq_scheme.hetero 
A 1 1   MET 1   1   1   MET MET A . n 
A 1 2   VAL 2   2   2   VAL VAL A . n 
A 1 3   HIS 3   3   3   HIS HIS A . n 
A 1 4   TYR 4   4   4   TYR TYR A . n 
A 1 5   ARG 5   5   5   ARG ARG A . n 
A 1 6   THR 6   6   6   THR THR A . n 
A 1 7   ILE 7   7   7   ILE ILE A . n 
A 1 8   ASP 8   8   8   ASP ASP A . n 
A 1 9   SER 9   9   9   SER SER A . n 
A 1 10  PRO 10  10  10  PRO PRO A . n 
A 1 11  ILE 11  11  11  ILE ILE A . n 
A 1 12  GLY 12  12  12  GLY GLY A . n 
A 1 13  PRO 13  13  13  PRO PRO A . n 
A 1 14  LEU 14  14  14  LEU LEU A . n 
A 1 15  THR 15  15  15  THR THR A . n 
A 1 16  LEU 16  16  16  LEU LEU A . n 
A 1 17  ALA 17  17  17  ALA ALA A . n 
A 1 18  GLY 18  18  18  GLY GLY A . n 
A 1 19  HIS 19  19  19  HIS HIS A . n 
A 1 20  GLY 20  20  20  GLY GLY A . n 
A 1 21  SER 21  21  21  SER SER A . n 
A 1 22  VAL 22  22  22  VAL VAL A . n 
A 1 23  LEU 23  23  23  LEU LEU A . n 
A 1 24  THR 24  24  24  THR THR A . n 
A 1 25  ASN 25  25  25  ASN ASN A . n 
A 1 26  LEU 26  26  26  LEU LEU A . n 
A 1 27  ARG 27  27  27  ARG ARG A . n 
A 1 28  MET 28  28  28  MET MET A . n 
A 1 29  LEU 29  29  29  LEU LEU A . n 
A 1 30  GLU 30  30  30  GLU GLU A . n 
A 1 31  GLN 31  31  31  GLN GLN A . n 
A 1 32  THR 32  32  32  THR THR A . n 
A 1 33  TYR 33  33  33  TYR TYR A . n 
A 1 34  GLU 34  34  34  GLU GLU A . n 
A 1 35  PRO 35  35  35  PRO PRO A . n 
A 1 36  SER 36  36  36  SER SER A . n 
A 1 37  ARG 37  37  37  ARG ARG A . n 
A 1 38  THR 38  38  38  THR THR A . n 
A 1 39  HIS 39  39  39  HIS HIS A . n 
A 1 40  TRP 40  40  40  TRP TRP A . n 
A 1 41  THR 41  41  41  THR THR A . n 
A 1 42  PRO 42  42  42  PRO PRO A . n 
A 1 43  ASP 43  43  43  ASP ASP A . n 
A 1 44  PRO 44  44  44  PRO PRO A . n 
A 1 45  GLY 45  45  45  GLY GLY A . n 
A 1 46  ALA 46  46  46  ALA ALA A . n 
A 1 47  PHE 47  47  47  PHE PHE A . n 
A 1 48  SER 48  48  48  SER SER A . n 
A 1 49  GLY 49  49  49  GLY GLY A . n 
A 1 50  ALA 50  50  50  ALA ALA A . n 
A 1 51  VAL 51  51  51  VAL VAL A . n 
A 1 52  ASP 52  52  52  ASP ASP A . n 
A 1 53  GLN 53  53  53  GLN GLN A . n 
A 1 54  LEU 54  54  54  LEU LEU A . n 
A 1 55  ASN 55  55  55  ASN ASN A . n 
A 1 56  ALA 56  56  56  ALA ALA A . n 
A 1 57  TYR 57  57  57  TYR TYR A . n 
A 1 58  PHE 58  58  58  PHE PHE A . n 
A 1 59  ALA 59  59  59  ALA ALA A . n 
A 1 60  GLY 60  60  60  GLY GLY A . n 
A 1 61  GLU 61  61  61  GLU GLU A . n 
A 1 62  LEU 62  62  62  LEU LEU A . n 
A 1 63  THR 63  63  63  THR THR A . n 
A 1 64  GLU 64  64  64  GLU GLU A . n 
A 1 65  PHE 65  65  65  PHE PHE A . n 
A 1 66  ASP 66  66  66  ASP ASP A . n 
A 1 67  VAL 67  67  67  VAL VAL A . n 
A 1 68  GLU 68  68  68  GLU GLU A . n 
A 1 69  LEU 69  69  69  LEU LEU A . n 
A 1 70  ASP 70  70  70  ASP ASP A . n 
A 1 71  LEU 71  71  71  LEU LEU A . n 
A 1 72  ARG 72  72  72  ARG ARG A . n 
A 1 73  GLY 73  73  73  GLY GLY A . n 
A 1 74  THR 74  74  74  THR THR A . n 
A 1 75  ASP 75  75  75  ASP ASP A . n 
A 1 76  PHE 76  76  76  PHE PHE A . n 
A 1 77  GLN 77  77  77  GLN GLN A . n 
A 1 78  GLN 78  78  78  GLN GLN A . n 
A 1 79  ARG 79  79  79  ARG ARG A . n 
A 1 80  VAL 80  80  80  VAL VAL A . n 
A 1 81  TRP 81  81  81  TRP TRP A . n 
A 1 82  LYS 82  82  82  LYS LYS A . n 
A 1 83  ALA 83  83  83  ALA ALA A . n 
A 1 84  LEU 84  84  84  LEU LEU A . n 
A 1 85  LEU 85  85  85  LEU LEU A . n 
A 1 86  THR 86  86  86  THR THR A . n 
A 1 87  ILE 87  87  87  ILE ILE A . n 
A 1 88  PRO 88  88  88  PRO PRO A . n 
A 1 89  TYR 89  89  89  TYR TYR A . n 
A 1 90  GLY 90  90  90  GLY GLY A . n 
A 1 91  GLU 91  91  91  GLU GLU A . n 
A 1 92  THR 92  92  92  THR THR A . n 
A 1 93  ARG 93  93  93  ARG ARG A . n 
A 1 94  SER 94  94  94  SER SER A . n 
A 1 95  TYR 95  95  95  TYR TYR A . n 
A 1 96  GLY 96  96  96  GLY GLY A . n 
A 1 97  GLU 97  97  97  GLU GLU A . n 
A 1 98  ILE 98  98  98  ILE ILE A . n 
A 1 99  ALA 99  99  99  ALA ALA A . n 
A 1 100 ASP 100 100 100 ASP ASP A . n 
A 1 101 GLN 101 101 101 GLN GLN A . n 
A 1 102 ILE 102 102 102 ILE ILE A . n 
A 1 103 GLY 103 103 103 GLY GLY A . n 
A 1 104 ALA 104 104 104 ALA ALA A . n 
A 1 105 PRO 105 105 105 PRO PRO A . n 
A 1 106 GLY 106 106 106 GLY GLY A . n 
A 1 107 ALA 107 107 107 ALA ALA A . n 
A 1 108 ALA 108 108 108 ALA ALA A . n 
A 1 109 ARG 109 109 109 ARG ARG A . n 
A 1 110 ALA 110 110 110 ALA ALA A . n 
A 1 111 VAL 111 111 111 VAL VAL A . n 
A 1 112 GLY 112 112 112 GLY GLY A . n 
A 1 113 LEU 113 113 113 LEU LEU A . n 
A 1 114 ALA 114 114 114 ALA ALA A . n 
A 1 115 ASN 115 115 115 ASN ASN A . n 
A 1 116 GLY 116 116 116 GLY GLY A . n 
A 1 117 HIS 117 117 117 HIS HIS A . n 
A 1 118 ASN 118 118 118 ASN ASN A . n 
A 1 119 PRO 119 119 119 PRO PRO A . n 
A 1 120 ILE 120 120 120 ILE ILE A . n 
A 1 121 ALA 121 121 121 ALA ALA A . n 
A 1 122 ILE 122 122 122 ILE ILE A . n 
A 1 123 ILE 123 123 123 ILE ILE A . n 
A 1 124 VAL 124 124 124 VAL VAL A . n 
A 1 125 PRO 125 125 125 PRO PRO A . n 
A 1 126 CYS 126 126 126 CYS CYS A . n 
A 1 127 HIS 127 127 127 HIS HIS A . n 
A 1 128 ARG 128 128 128 ARG ARG A . n 
A 1 129 VAL 129 129 129 VAL VAL A . n 
A 1 130 ILE 130 130 130 ILE ILE A . n 
A 1 131 GLY 131 131 131 GLY GLY A . n 
A 1 132 ALA 132 132 132 ALA ALA A . n 
A 1 133 SER 133 133 133 SER SER A . n 
A 1 134 GLY 134 134 134 GLY GLY A . n 
A 1 135 LYS 135 135 135 LYS LYS A . n 
A 1 136 LEU 136 136 136 LEU LEU A . n 
A 1 137 THR 137 137 137 THR THR A . n 
A 1 138 GLY 138 138 138 GLY GLY A . n 
A 1 139 TYR 139 139 139 TYR TYR A . n 
A 1 140 GLY 140 140 140 GLY GLY A . n 
A 1 141 GLY 141 141 141 GLY GLY A . n 
A 1 142 GLY 142 142 142 GLY GLY A . n 
A 1 143 ILE 143 143 143 ILE ILE A . n 
A 1 144 ASN 144 144 144 ASN ASN A . n 
A 1 145 ARG 145 145 145 ARG ARG A . n 
A 1 146 LYS 146 146 146 LYS LYS A . n 
A 1 147 ARG 147 147 147 ARG ARG A . n 
A 1 148 ALA 148 148 148 ALA ALA A . n 
A 1 149 LEU 149 149 149 LEU LEU A . n 
A 1 150 LEU 150 150 150 LEU LEU A . n 
A 1 151 GLU 151 151 151 GLU GLU A . n 
A 1 152 LEU 152 152 152 LEU LEU A . n 
A 1 153 GLU 153 153 153 GLU GLU A . n 
A 1 154 LYS 154 154 154 LYS LYS A . n 
A 1 155 SER 155 155 155 SER SER A . n 
A 1 156 ARG 156 156 156 ARG ARG A . n 
A 1 157 ALA 157 157 157 ALA ALA A . n 
A 1 158 PRO 158 158 158 PRO PRO A . n 
A 1 159 ALA 159 159 159 ALA ALA A . n 
A 1 160 ASP 160 160 160 ASP ASP A . n 
A 1 161 LEU 161 161 161 LEU LEU A . n 
A 1 162 THR 162 162 162 THR THR A . n 
A 1 163 LEU 163 163 163 LEU LEU A . n 
A 1 164 PHE 164 164 164 PHE PHE A . n 
A 1 165 ASP 165 165 165 ASP ASP A . n 
# 
loop_
_pdbx_nonpoly_scheme.asym_id 
_pdbx_nonpoly_scheme.entity_id 
_pdbx_nonpoly_scheme.mon_id 
_pdbx_nonpoly_scheme.ndb_seq_num 
_pdbx_nonpoly_scheme.pdb_seq_num 
_pdbx_nonpoly_scheme.auth_seq_num 
_pdbx_nonpoly_scheme.pdb_mon_id 
_pdbx_nonpoly_scheme.auth_mon_id 
_pdbx_nonpoly_scheme.pdb_strand_id 
_pdbx_nonpoly_scheme.pdb_ins_code 
B 2 GOL 1   1166 1166 GOL GOL A . 
C 2 GOL 1   1167 1167 GOL GOL A . 
D 3 HOH 1   2001 2001 HOH HOH A . 
D 3 HOH 2   2002 2002 HOH HOH A . 
D 3 HOH 3   2003 2003 HOH HOH A . 
D 3 HOH 4   2004 2004 HOH HOH A . 
D 3 HOH 5   2005 2005 HOH HOH A . 
D 3 HOH 6   2006 2006 HOH HOH A . 
D 3 HOH 7   2007 2007 HOH HOH A . 
D 3 HOH 8   2008 2008 HOH HOH A . 
D 3 HOH 9   2009 2009 HOH HOH A . 
D 3 HOH 10  2010 2010 HOH HOH A . 
D 3 HOH 11  2011 2011 HOH HOH A . 
D 3 HOH 12  2012 2012 HOH HOH A . 
D 3 HOH 13  2013 2013 HOH HOH A . 
D 3 HOH 14  2014 2014 HOH HOH A . 
D 3 HOH 15  2015 2015 HOH HOH A . 
D 3 HOH 16  2016 2016 HOH HOH A . 
D 3 HOH 17  2017 2017 HOH HOH A . 
D 3 HOH 18  2018 2018 HOH HOH A . 
D 3 HOH 19  2019 2019 HOH HOH A . 
D 3 HOH 20  2020 2020 HOH HOH A . 
D 3 HOH 21  2021 2021 HOH HOH A . 
D 3 HOH 22  2022 2022 HOH HOH A . 
D 3 HOH 23  2023 2023 HOH HOH A . 
D 3 HOH 24  2024 2024 HOH HOH A . 
D 3 HOH 25  2025 2025 HOH HOH A . 
D 3 HOH 26  2026 2026 HOH HOH A . 
D 3 HOH 27  2027 2027 HOH HOH A . 
D 3 HOH 28  2028 2028 HOH HOH A . 
D 3 HOH 29  2029 2029 HOH HOH A . 
D 3 HOH 30  2030 2030 HOH HOH A . 
D 3 HOH 31  2031 2031 HOH HOH A . 
D 3 HOH 32  2032 2032 HOH HOH A . 
D 3 HOH 33  2033 2033 HOH HOH A . 
D 3 HOH 34  2034 2034 HOH HOH A . 
D 3 HOH 35  2035 2035 HOH HOH A . 
D 3 HOH 36  2036 2036 HOH HOH A . 
D 3 HOH 37  2037 2037 HOH HOH A . 
D 3 HOH 38  2038 2038 HOH HOH A . 
D 3 HOH 39  2039 2039 HOH HOH A . 
D 3 HOH 40  2040 2040 HOH HOH A . 
D 3 HOH 41  2041 2041 HOH HOH A . 
D 3 HOH 42  2042 2042 HOH HOH A . 
D 3 HOH 43  2043 2043 HOH HOH A . 
D 3 HOH 44  2044 2044 HOH HOH A . 
D 3 HOH 45  2045 2045 HOH HOH A . 
D 3 HOH 46  2046 2046 HOH HOH A . 
D 3 HOH 47  2047 2047 HOH HOH A . 
D 3 HOH 48  2048 2048 HOH HOH A . 
D 3 HOH 49  2049 2049 HOH HOH A . 
D 3 HOH 50  2050 2050 HOH HOH A . 
D 3 HOH 51  2051 2051 HOH HOH A . 
D 3 HOH 52  2052 2052 HOH HOH A . 
D 3 HOH 53  2053 2053 HOH HOH A . 
D 3 HOH 54  2054 2054 HOH HOH A . 
D 3 HOH 55  2055 2055 HOH HOH A . 
D 3 HOH 56  2056 2056 HOH HOH A . 
D 3 HOH 57  2057 2057 HOH HOH A . 
D 3 HOH 58  2058 2058 HOH HOH A . 
D 3 HOH 59  2059 2059 HOH HOH A . 
D 3 HOH 60  2060 2060 HOH HOH A . 
D 3 HOH 61  2061 2061 HOH HOH A . 
D 3 HOH 62  2062 2062 HOH HOH A . 
D 3 HOH 63  2063 2063 HOH HOH A . 
D 3 HOH 64  2064 2064 HOH HOH A . 
D 3 HOH 65  2065 2065 HOH HOH A . 
D 3 HOH 66  2066 2066 HOH HOH A . 
D 3 HOH 67  2067 2067 HOH HOH A . 
D 3 HOH 68  2068 2068 HOH HOH A . 
D 3 HOH 69  2069 2069 HOH HOH A . 
D 3 HOH 70  2070 2070 HOH HOH A . 
D 3 HOH 71  2071 2071 HOH HOH A . 
D 3 HOH 72  2072 2072 HOH HOH A . 
D 3 HOH 73  2073 2073 HOH HOH A . 
D 3 HOH 74  2074 2074 HOH HOH A . 
D 3 HOH 75  2075 2075 HOH HOH A . 
D 3 HOH 76  2076 2076 HOH HOH A . 
D 3 HOH 77  2077 2077 HOH HOH A . 
D 3 HOH 78  2078 2078 HOH HOH A . 
D 3 HOH 79  2079 2079 HOH HOH A . 
D 3 HOH 80  2080 2080 HOH HOH A . 
D 3 HOH 81  2081 2081 HOH HOH A . 
D 3 HOH 82  2082 2082 HOH HOH A . 
D 3 HOH 83  2083 2083 HOH HOH A . 
D 3 HOH 84  2084 2084 HOH HOH A . 
D 3 HOH 85  2085 2085 HOH HOH A . 
D 3 HOH 86  2086 2086 HOH HOH A . 
D 3 HOH 87  2087 2087 HOH HOH A . 
D 3 HOH 88  2088 2088 HOH HOH A . 
D 3 HOH 89  2089 2089 HOH HOH A . 
D 3 HOH 90  2090 2090 HOH HOH A . 
D 3 HOH 91  2091 2091 HOH HOH A . 
D 3 HOH 92  2092 2092 HOH HOH A . 
D 3 HOH 93  2093 2093 HOH HOH A . 
D 3 HOH 94  2094 2094 HOH HOH A . 
D 3 HOH 95  2095 2095 HOH HOH A . 
D 3 HOH 96  2096 2096 HOH HOH A . 
D 3 HOH 97  2097 2097 HOH HOH A . 
D 3 HOH 98  2098 2098 HOH HOH A . 
D 3 HOH 99  2099 2099 HOH HOH A . 
D 3 HOH 100 2100 2100 HOH HOH A . 
D 3 HOH 101 2101 2101 HOH HOH A . 
D 3 HOH 102 2102 2102 HOH HOH A . 
D 3 HOH 103 2103 2103 HOH HOH A . 
D 3 HOH 104 2104 2104 HOH HOH A . 
D 3 HOH 105 2105 2105 HOH HOH A . 
D 3 HOH 106 2106 2106 HOH HOH A . 
D 3 HOH 107 2107 2107 HOH HOH A . 
D 3 HOH 108 2108 2108 HOH HOH A . 
D 3 HOH 109 2109 2109 HOH HOH A . 
D 3 HOH 110 2110 2110 HOH HOH A . 
D 3 HOH 111 2111 2111 HOH HOH A . 
D 3 HOH 112 2112 2112 HOH HOH A . 
D 3 HOH 113 2113 2113 HOH HOH A . 
D 3 HOH 114 2114 2114 HOH HOH A . 
D 3 HOH 115 2115 2115 HOH HOH A . 
D 3 HOH 116 2116 2116 HOH HOH A . 
D 3 HOH 117 2117 2117 HOH HOH A . 
D 3 HOH 118 2118 2118 HOH HOH A . 
# 
_pdbx_struct_assembly.id                   1 
_pdbx_struct_assembly.details              software_defined_assembly 
_pdbx_struct_assembly.method_details       PISA 
_pdbx_struct_assembly.oligomeric_details   monomeric 
_pdbx_struct_assembly.oligomeric_count     1 
# 
_pdbx_struct_assembly_gen.assembly_id       1 
_pdbx_struct_assembly_gen.oper_expression   1 
_pdbx_struct_assembly_gen.asym_id_list      A,B,C,D 
# 
_pdbx_struct_oper_list.id                   1 
_pdbx_struct_oper_list.type                 'identity operation' 
_pdbx_struct_oper_list.name                 1_555 
_pdbx_struct_oper_list.symmetry_operation   x,y,z 
_pdbx_struct_oper_list.matrix[1][1]         1.0000000000 
_pdbx_struct_oper_list.matrix[1][2]         0.0000000000 
_pdbx_struct_oper_list.matrix[1][3]         0.0000000000 
_pdbx_struct_oper_list.vector[1]            0.0000000000 
_pdbx_struct_oper_list.matrix[2][1]         0.0000000000 
_pdbx_struct_oper_list.matrix[2][2]         1.0000000000 
_pdbx_struct_oper_list.matrix[2][3]         0.0000000000 
_pdbx_struct_oper_list.vector[2]            0.0000000000 
_pdbx_struct_oper_list.matrix[3][1]         0.0000000000 
_pdbx_struct_oper_list.matrix[3][2]         0.0000000000 
_pdbx_struct_oper_list.matrix[3][3]         1.0000000000 
_pdbx_struct_oper_list.vector[3]            0.0000000000 
# 
loop_
_pdbx_audit_revision_history.ordinal 
_pdbx_audit_revision_history.data_content_type 
_pdbx_audit_revision_history.major_revision 
_pdbx_audit_revision_history.minor_revision 
_pdbx_audit_revision_history.revision_date 
1 'Structure model' 1 0 2013-04-17 
2 'Structure model' 1 1 2013-06-12 
3 'Structure model' 1 2 2023-12-20 
# 
_pdbx_audit_revision_details.ordinal             1 
_pdbx_audit_revision_details.revision_ordinal    1 
_pdbx_audit_revision_details.data_content_type   'Structure model' 
_pdbx_audit_revision_details.provider            repository 
_pdbx_audit_revision_details.type                'Initial release' 
_pdbx_audit_revision_details.description         ? 
_pdbx_audit_revision_details.details             ? 
# 
loop_
_pdbx_audit_revision_group.ordinal 
_pdbx_audit_revision_group.revision_ordinal 
_pdbx_audit_revision_group.data_content_type 
_pdbx_audit_revision_group.group 
1 2 'Structure model' 'Database references'    
2 3 'Structure model' 'Data collection'        
3 3 'Structure model' 'Database references'    
4 3 'Structure model' 'Derived calculations'   
5 3 'Structure model' Other                    
6 3 'Structure model' 'Refinement description' 
# 
loop_
_pdbx_audit_revision_category.ordinal 
_pdbx_audit_revision_category.revision_ordinal 
_pdbx_audit_revision_category.data_content_type 
_pdbx_audit_revision_category.category 
1 3 'Structure model' chem_comp_atom                
2 3 'Structure model' chem_comp_bond                
3 3 'Structure model' database_2                    
4 3 'Structure model' pdbx_database_status          
5 3 'Structure model' pdbx_initial_refinement_model 
6 3 'Structure model' struct_site                   
# 
loop_
_pdbx_audit_revision_item.ordinal 
_pdbx_audit_revision_item.revision_ordinal 
_pdbx_audit_revision_item.data_content_type 
_pdbx_audit_revision_item.item 
1 3 'Structure model' '_database_2.pdbx_DOI'                 
2 3 'Structure model' '_database_2.pdbx_database_accession'  
3 3 'Structure model' '_pdbx_database_status.status_code_sf' 
4 3 'Structure model' '_struct_site.pdbx_auth_asym_id'       
5 3 'Structure model' '_struct_site.pdbx_auth_comp_id'       
6 3 'Structure model' '_struct_site.pdbx_auth_seq_id'        
# 
loop_
_software.name 
_software.classification 
_software.version 
_software.citation_id 
_software.pdbx_ordinal 
PHENIX refinement       '(PHENIX.REFINE)' ? 1 
MOSFLM 'data reduction' .                 ? 2 
SCALA  'data scaling'   .                 ? 3 
PHASER phasing          .                 ? 4 
# 
_pdbx_entry_details.entry_id                 4BHB 
_pdbx_entry_details.compound_details         ? 
_pdbx_entry_details.source_details           ? 
_pdbx_entry_details.nonpolymer_details       ? 
_pdbx_entry_details.sequence_details         'ILE 2 HAS BEEN REPLACED BY VAL' 
_pdbx_entry_details.has_ligand_of_interest   ? 
# 
loop_
_pdbx_validate_close_contact.id 
_pdbx_validate_close_contact.PDB_model_num 
_pdbx_validate_close_contact.auth_atom_id_1 
_pdbx_validate_close_contact.auth_asym_id_1 
_pdbx_validate_close_contact.auth_comp_id_1 
_pdbx_validate_close_contact.auth_seq_id_1 
_pdbx_validate_close_contact.PDB_ins_code_1 
_pdbx_validate_close_contact.label_alt_id_1 
_pdbx_validate_close_contact.auth_atom_id_2 
_pdbx_validate_close_contact.auth_asym_id_2 
_pdbx_validate_close_contact.auth_comp_id_2 
_pdbx_validate_close_contact.auth_seq_id_2 
_pdbx_validate_close_contact.PDB_ins_code_2 
_pdbx_validate_close_contact.label_alt_id_2 
_pdbx_validate_close_contact.dist 
1 1 O   A HOH 2071 ? ? O A HOH 2077 ? ? 1.88 
2 1 O   A HOH 2024 ? ? O A HOH 2025 ? ? 2.04 
3 1 O   A HOH 2095 ? ? O A HOH 2096 ? ? 2.07 
4 1 O   A HOH 2026 ? ? O A HOH 2031 ? ? 2.08 
5 1 O   A HOH 2024 ? ? O A HOH 2028 ? ? 2.12 
6 1 OD2 A ASP 165  ? ? O A HOH 2116 ? ? 2.18 
# 
loop_
_pdbx_validate_symm_contact.id 
_pdbx_validate_symm_contact.PDB_model_num 
_pdbx_validate_symm_contact.auth_atom_id_1 
_pdbx_validate_symm_contact.auth_asym_id_1 
_pdbx_validate_symm_contact.auth_comp_id_1 
_pdbx_validate_symm_contact.auth_seq_id_1 
_pdbx_validate_symm_contact.PDB_ins_code_1 
_pdbx_validate_symm_contact.label_alt_id_1 
_pdbx_validate_symm_contact.site_symmetry_1 
_pdbx_validate_symm_contact.auth_atom_id_2 
_pdbx_validate_symm_contact.auth_asym_id_2 
_pdbx_validate_symm_contact.auth_comp_id_2 
_pdbx_validate_symm_contact.auth_seq_id_2 
_pdbx_validate_symm_contact.PDB_ins_code_2 
_pdbx_validate_symm_contact.label_alt_id_2 
_pdbx_validate_symm_contact.site_symmetry_2 
_pdbx_validate_symm_contact.dist 
1 1 O A HOH 2053 ? ? 1_555 O A HOH 2058 ? ? 2_665 1.95 
2 1 O A HOH 2025 ? ? 1_555 O A HOH 2069 ? ? 4_456 1.96 
3 1 O A HOH 2025 ? ? 1_555 O A HOH 2096 ? ? 4_456 2.15 
# 
loop_
_pdbx_validate_torsion.id 
_pdbx_validate_torsion.PDB_model_num 
_pdbx_validate_torsion.auth_comp_id 
_pdbx_validate_torsion.auth_asym_id 
_pdbx_validate_torsion.auth_seq_id 
_pdbx_validate_torsion.PDB_ins_code 
_pdbx_validate_torsion.label_alt_id 
_pdbx_validate_torsion.phi 
_pdbx_validate_torsion.psi 
1 1 ASP A 43  ? ? -153.21 83.21  
2 1 PRO A 44  ? ? -57.87  0.45   
3 1 ILE A 122 ? ? 64.45   -63.73 
# 
loop_
_chem_comp_atom.comp_id 
_chem_comp_atom.atom_id 
_chem_comp_atom.type_symbol 
_chem_comp_atom.pdbx_aromatic_flag 
_chem_comp_atom.pdbx_stereo_config 
_chem_comp_atom.pdbx_ordinal 
ALA N    N N N 1   
ALA CA   C N S 2   
ALA C    C N N 3   
ALA O    O N N 4   
ALA CB   C N N 5   
ALA OXT  O N N 6   
ALA H    H N N 7   
ALA H2   H N N 8   
ALA HA   H N N 9   
ALA HB1  H N N 10  
ALA HB2  H N N 11  
ALA HB3  H N N 12  
ALA HXT  H N N 13  
ARG N    N N N 14  
ARG CA   C N S 15  
ARG C    C N N 16  
ARG O    O N N 17  
ARG CB   C N N 18  
ARG CG   C N N 19  
ARG CD   C N N 20  
ARG NE   N N N 21  
ARG CZ   C N N 22  
ARG NH1  N N N 23  
ARG NH2  N N N 24  
ARG OXT  O N N 25  
ARG H    H N N 26  
ARG H2   H N N 27  
ARG HA   H N N 28  
ARG HB2  H N N 29  
ARG HB3  H N N 30  
ARG HG2  H N N 31  
ARG HG3  H N N 32  
ARG HD2  H N N 33  
ARG HD3  H N N 34  
ARG HE   H N N 35  
ARG HH11 H N N 36  
ARG HH12 H N N 37  
ARG HH21 H N N 38  
ARG HH22 H N N 39  
ARG HXT  H N N 40  
ASN N    N N N 41  
ASN CA   C N S 42  
ASN C    C N N 43  
ASN O    O N N 44  
ASN CB   C N N 45  
ASN CG   C N N 46  
ASN OD1  O N N 47  
ASN ND2  N N N 48  
ASN OXT  O N N 49  
ASN H    H N N 50  
ASN H2   H N N 51  
ASN HA   H N N 52  
ASN HB2  H N N 53  
ASN HB3  H N N 54  
ASN HD21 H N N 55  
ASN HD22 H N N 56  
ASN HXT  H N N 57  
ASP N    N N N 58  
ASP CA   C N S 59  
ASP C    C N N 60  
ASP O    O N N 61  
ASP CB   C N N 62  
ASP CG   C N N 63  
ASP OD1  O N N 64  
ASP OD2  O N N 65  
ASP OXT  O N N 66  
ASP H    H N N 67  
ASP H2   H N N 68  
ASP HA   H N N 69  
ASP HB2  H N N 70  
ASP HB3  H N N 71  
ASP HD2  H N N 72  
ASP HXT  H N N 73  
CYS N    N N N 74  
CYS CA   C N R 75  
CYS C    C N N 76  
CYS O    O N N 77  
CYS CB   C N N 78  
CYS SG   S N N 79  
CYS OXT  O N N 80  
CYS H    H N N 81  
CYS H2   H N N 82  
CYS HA   H N N 83  
CYS HB2  H N N 84  
CYS HB3  H N N 85  
CYS HG   H N N 86  
CYS HXT  H N N 87  
GLN N    N N N 88  
GLN CA   C N S 89  
GLN C    C N N 90  
GLN O    O N N 91  
GLN CB   C N N 92  
GLN CG   C N N 93  
GLN CD   C N N 94  
GLN OE1  O N N 95  
GLN NE2  N N N 96  
GLN OXT  O N N 97  
GLN H    H N N 98  
GLN H2   H N N 99  
GLN HA   H N N 100 
GLN HB2  H N N 101 
GLN HB3  H N N 102 
GLN HG2  H N N 103 
GLN HG3  H N N 104 
GLN HE21 H N N 105 
GLN HE22 H N N 106 
GLN HXT  H N N 107 
GLU N    N N N 108 
GLU CA   C N S 109 
GLU C    C N N 110 
GLU O    O N N 111 
GLU CB   C N N 112 
GLU CG   C N N 113 
GLU CD   C N N 114 
GLU OE1  O N N 115 
GLU OE2  O N N 116 
GLU OXT  O N N 117 
GLU H    H N N 118 
GLU H2   H N N 119 
GLU HA   H N N 120 
GLU HB2  H N N 121 
GLU HB3  H N N 122 
GLU HG2  H N N 123 
GLU HG3  H N N 124 
GLU HE2  H N N 125 
GLU HXT  H N N 126 
GLY N    N N N 127 
GLY CA   C N N 128 
GLY C    C N N 129 
GLY O    O N N 130 
GLY OXT  O N N 131 
GLY H    H N N 132 
GLY H2   H N N 133 
GLY HA2  H N N 134 
GLY HA3  H N N 135 
GLY HXT  H N N 136 
GOL C1   C N N 137 
GOL O1   O N N 138 
GOL C2   C N N 139 
GOL O2   O N N 140 
GOL C3   C N N 141 
GOL O3   O N N 142 
GOL H11  H N N 143 
GOL H12  H N N 144 
GOL HO1  H N N 145 
GOL H2   H N N 146 
GOL HO2  H N N 147 
GOL H31  H N N 148 
GOL H32  H N N 149 
GOL HO3  H N N 150 
HIS N    N N N 151 
HIS CA   C N S 152 
HIS C    C N N 153 
HIS O    O N N 154 
HIS CB   C N N 155 
HIS CG   C Y N 156 
HIS ND1  N Y N 157 
HIS CD2  C Y N 158 
HIS CE1  C Y N 159 
HIS NE2  N Y N 160 
HIS OXT  O N N 161 
HIS H    H N N 162 
HIS H2   H N N 163 
HIS HA   H N N 164 
HIS HB2  H N N 165 
HIS HB3  H N N 166 
HIS HD1  H N N 167 
HIS HD2  H N N 168 
HIS HE1  H N N 169 
HIS HE2  H N N 170 
HIS HXT  H N N 171 
HOH O    O N N 172 
HOH H1   H N N 173 
HOH H2   H N N 174 
ILE N    N N N 175 
ILE CA   C N S 176 
ILE C    C N N 177 
ILE O    O N N 178 
ILE CB   C N S 179 
ILE CG1  C N N 180 
ILE CG2  C N N 181 
ILE CD1  C N N 182 
ILE OXT  O N N 183 
ILE H    H N N 184 
ILE H2   H N N 185 
ILE HA   H N N 186 
ILE HB   H N N 187 
ILE HG12 H N N 188 
ILE HG13 H N N 189 
ILE HG21 H N N 190 
ILE HG22 H N N 191 
ILE HG23 H N N 192 
ILE HD11 H N N 193 
ILE HD12 H N N 194 
ILE HD13 H N N 195 
ILE HXT  H N N 196 
LEU N    N N N 197 
LEU CA   C N S 198 
LEU C    C N N 199 
LEU O    O N N 200 
LEU CB   C N N 201 
LEU CG   C N N 202 
LEU CD1  C N N 203 
LEU CD2  C N N 204 
LEU OXT  O N N 205 
LEU H    H N N 206 
LEU H2   H N N 207 
LEU HA   H N N 208 
LEU HB2  H N N 209 
LEU HB3  H N N 210 
LEU HG   H N N 211 
LEU HD11 H N N 212 
LEU HD12 H N N 213 
LEU HD13 H N N 214 
LEU HD21 H N N 215 
LEU HD22 H N N 216 
LEU HD23 H N N 217 
LEU HXT  H N N 218 
LYS N    N N N 219 
LYS CA   C N S 220 
LYS C    C N N 221 
LYS O    O N N 222 
LYS CB   C N N 223 
LYS CG   C N N 224 
LYS CD   C N N 225 
LYS CE   C N N 226 
LYS NZ   N N N 227 
LYS OXT  O N N 228 
LYS H    H N N 229 
LYS H2   H N N 230 
LYS HA   H N N 231 
LYS HB2  H N N 232 
LYS HB3  H N N 233 
LYS HG2  H N N 234 
LYS HG3  H N N 235 
LYS HD2  H N N 236 
LYS HD3  H N N 237 
LYS HE2  H N N 238 
LYS HE3  H N N 239 
LYS HZ1  H N N 240 
LYS HZ2  H N N 241 
LYS HZ3  H N N 242 
LYS HXT  H N N 243 
MET N    N N N 244 
MET CA   C N S 245 
MET C    C N N 246 
MET O    O N N 247 
MET CB   C N N 248 
MET CG   C N N 249 
MET SD   S N N 250 
MET CE   C N N 251 
MET OXT  O N N 252 
MET H    H N N 253 
MET H2   H N N 254 
MET HA   H N N 255 
MET HB2  H N N 256 
MET HB3  H N N 257 
MET HG2  H N N 258 
MET HG3  H N N 259 
MET HE1  H N N 260 
MET HE2  H N N 261 
MET HE3  H N N 262 
MET HXT  H N N 263 
PHE N    N N N 264 
PHE CA   C N S 265 
PHE C    C N N 266 
PHE O    O N N 267 
PHE CB   C N N 268 
PHE CG   C Y N 269 
PHE CD1  C Y N 270 
PHE CD2  C Y N 271 
PHE CE1  C Y N 272 
PHE CE2  C Y N 273 
PHE CZ   C Y N 274 
PHE OXT  O N N 275 
PHE H    H N N 276 
PHE H2   H N N 277 
PHE HA   H N N 278 
PHE HB2  H N N 279 
PHE HB3  H N N 280 
PHE HD1  H N N 281 
PHE HD2  H N N 282 
PHE HE1  H N N 283 
PHE HE2  H N N 284 
PHE HZ   H N N 285 
PHE HXT  H N N 286 
PRO N    N N N 287 
PRO CA   C N S 288 
PRO C    C N N 289 
PRO O    O N N 290 
PRO CB   C N N 291 
PRO CG   C N N 292 
PRO CD   C N N 293 
PRO OXT  O N N 294 
PRO H    H N N 295 
PRO HA   H N N 296 
PRO HB2  H N N 297 
PRO HB3  H N N 298 
PRO HG2  H N N 299 
PRO HG3  H N N 300 
PRO HD2  H N N 301 
PRO HD3  H N N 302 
PRO HXT  H N N 303 
SER N    N N N 304 
SER CA   C N S 305 
SER C    C N N 306 
SER O    O N N 307 
SER CB   C N N 308 
SER OG   O N N 309 
SER OXT  O N N 310 
SER H    H N N 311 
SER H2   H N N 312 
SER HA   H N N 313 
SER HB2  H N N 314 
SER HB3  H N N 315 
SER HG   H N N 316 
SER HXT  H N N 317 
THR N    N N N 318 
THR CA   C N S 319 
THR C    C N N 320 
THR O    O N N 321 
THR CB   C N R 322 
THR OG1  O N N 323 
THR CG2  C N N 324 
THR OXT  O N N 325 
THR H    H N N 326 
THR H2   H N N 327 
THR HA   H N N 328 
THR HB   H N N 329 
THR HG1  H N N 330 
THR HG21 H N N 331 
THR HG22 H N N 332 
THR HG23 H N N 333 
THR HXT  H N N 334 
TRP N    N N N 335 
TRP CA   C N S 336 
TRP C    C N N 337 
TRP O    O N N 338 
TRP CB   C N N 339 
TRP CG   C Y N 340 
TRP CD1  C Y N 341 
TRP CD2  C Y N 342 
TRP NE1  N Y N 343 
TRP CE2  C Y N 344 
TRP CE3  C Y N 345 
TRP CZ2  C Y N 346 
TRP CZ3  C Y N 347 
TRP CH2  C Y N 348 
TRP OXT  O N N 349 
TRP H    H N N 350 
TRP H2   H N N 351 
TRP HA   H N N 352 
TRP HB2  H N N 353 
TRP HB3  H N N 354 
TRP HD1  H N N 355 
TRP HE1  H N N 356 
TRP HE3  H N N 357 
TRP HZ2  H N N 358 
TRP HZ3  H N N 359 
TRP HH2  H N N 360 
TRP HXT  H N N 361 
TYR N    N N N 362 
TYR CA   C N S 363 
TYR C    C N N 364 
TYR O    O N N 365 
TYR CB   C N N 366 
TYR CG   C Y N 367 
TYR CD1  C Y N 368 
TYR CD2  C Y N 369 
TYR CE1  C Y N 370 
TYR CE2  C Y N 371 
TYR CZ   C Y N 372 
TYR OH   O N N 373 
TYR OXT  O N N 374 
TYR H    H N N 375 
TYR H2   H N N 376 
TYR HA   H N N 377 
TYR HB2  H N N 378 
TYR HB3  H N N 379 
TYR HD1  H N N 380 
TYR HD2  H N N 381 
TYR HE1  H N N 382 
TYR HE2  H N N 383 
TYR HH   H N N 384 
TYR HXT  H N N 385 
VAL N    N N N 386 
VAL CA   C N S 387 
VAL C    C N N 388 
VAL O    O N N 389 
VAL CB   C N N 390 
VAL CG1  C N N 391 
VAL CG2  C N N 392 
VAL OXT  O N N 393 
VAL H    H N N 394 
VAL H2   H N N 395 
VAL HA   H N N 396 
VAL HB   H N N 397 
VAL HG11 H N N 398 
VAL HG12 H N N 399 
VAL HG13 H N N 400 
VAL HG21 H N N 401 
VAL HG22 H N N 402 
VAL HG23 H N N 403 
VAL HXT  H N N 404 
# 
loop_
_chem_comp_bond.comp_id 
_chem_comp_bond.atom_id_1 
_chem_comp_bond.atom_id_2 
_chem_comp_bond.value_order 
_chem_comp_bond.pdbx_aromatic_flag 
_chem_comp_bond.pdbx_stereo_config 
_chem_comp_bond.pdbx_ordinal 
ALA N   CA   sing N N 1   
ALA N   H    sing N N 2   
ALA N   H2   sing N N 3   
ALA CA  C    sing N N 4   
ALA CA  CB   sing N N 5   
ALA CA  HA   sing N N 6   
ALA C   O    doub N N 7   
ALA C   OXT  sing N N 8   
ALA CB  HB1  sing N N 9   
ALA CB  HB2  sing N N 10  
ALA CB  HB3  sing N N 11  
ALA OXT HXT  sing N N 12  
ARG N   CA   sing N N 13  
ARG N   H    sing N N 14  
ARG N   H2   sing N N 15  
ARG CA  C    sing N N 16  
ARG CA  CB   sing N N 17  
ARG CA  HA   sing N N 18  
ARG C   O    doub N N 19  
ARG C   OXT  sing N N 20  
ARG CB  CG   sing N N 21  
ARG CB  HB2  sing N N 22  
ARG CB  HB3  sing N N 23  
ARG CG  CD   sing N N 24  
ARG CG  HG2  sing N N 25  
ARG CG  HG3  sing N N 26  
ARG CD  NE   sing N N 27  
ARG CD  HD2  sing N N 28  
ARG CD  HD3  sing N N 29  
ARG NE  CZ   sing N N 30  
ARG NE  HE   sing N N 31  
ARG CZ  NH1  sing N N 32  
ARG CZ  NH2  doub N N 33  
ARG NH1 HH11 sing N N 34  
ARG NH1 HH12 sing N N 35  
ARG NH2 HH21 sing N N 36  
ARG NH2 HH22 sing N N 37  
ARG OXT HXT  sing N N 38  
ASN N   CA   sing N N 39  
ASN N   H    sing N N 40  
ASN N   H2   sing N N 41  
ASN CA  C    sing N N 42  
ASN CA  CB   sing N N 43  
ASN CA  HA   sing N N 44  
ASN C   O    doub N N 45  
ASN C   OXT  sing N N 46  
ASN CB  CG   sing N N 47  
ASN CB  HB2  sing N N 48  
ASN CB  HB3  sing N N 49  
ASN CG  OD1  doub N N 50  
ASN CG  ND2  sing N N 51  
ASN ND2 HD21 sing N N 52  
ASN ND2 HD22 sing N N 53  
ASN OXT HXT  sing N N 54  
ASP N   CA   sing N N 55  
ASP N   H    sing N N 56  
ASP N   H2   sing N N 57  
ASP CA  C    sing N N 58  
ASP CA  CB   sing N N 59  
ASP CA  HA   sing N N 60  
ASP C   O    doub N N 61  
ASP C   OXT  sing N N 62  
ASP CB  CG   sing N N 63  
ASP CB  HB2  sing N N 64  
ASP CB  HB3  sing N N 65  
ASP CG  OD1  doub N N 66  
ASP CG  OD2  sing N N 67  
ASP OD2 HD2  sing N N 68  
ASP OXT HXT  sing N N 69  
CYS N   CA   sing N N 70  
CYS N   H    sing N N 71  
CYS N   H2   sing N N 72  
CYS CA  C    sing N N 73  
CYS CA  CB   sing N N 74  
CYS CA  HA   sing N N 75  
CYS C   O    doub N N 76  
CYS C   OXT  sing N N 77  
CYS CB  SG   sing N N 78  
CYS CB  HB2  sing N N 79  
CYS CB  HB3  sing N N 80  
CYS SG  HG   sing N N 81  
CYS OXT HXT  sing N N 82  
GLN N   CA   sing N N 83  
GLN N   H    sing N N 84  
GLN N   H2   sing N N 85  
GLN CA  C    sing N N 86  
GLN CA  CB   sing N N 87  
GLN CA  HA   sing N N 88  
GLN C   O    doub N N 89  
GLN C   OXT  sing N N 90  
GLN CB  CG   sing N N 91  
GLN CB  HB2  sing N N 92  
GLN CB  HB3  sing N N 93  
GLN CG  CD   sing N N 94  
GLN CG  HG2  sing N N 95  
GLN CG  HG3  sing N N 96  
GLN CD  OE1  doub N N 97  
GLN CD  NE2  sing N N 98  
GLN NE2 HE21 sing N N 99  
GLN NE2 HE22 sing N N 100 
GLN OXT HXT  sing N N 101 
GLU N   CA   sing N N 102 
GLU N   H    sing N N 103 
GLU N   H2   sing N N 104 
GLU CA  C    sing N N 105 
GLU CA  CB   sing N N 106 
GLU CA  HA   sing N N 107 
GLU C   O    doub N N 108 
GLU C   OXT  sing N N 109 
GLU CB  CG   sing N N 110 
GLU CB  HB2  sing N N 111 
GLU CB  HB3  sing N N 112 
GLU CG  CD   sing N N 113 
GLU CG  HG2  sing N N 114 
GLU CG  HG3  sing N N 115 
GLU CD  OE1  doub N N 116 
GLU CD  OE2  sing N N 117 
GLU OE2 HE2  sing N N 118 
GLU OXT HXT  sing N N 119 
GLY N   CA   sing N N 120 
GLY N   H    sing N N 121 
GLY N   H2   sing N N 122 
GLY CA  C    sing N N 123 
GLY CA  HA2  sing N N 124 
GLY CA  HA3  sing N N 125 
GLY C   O    doub N N 126 
GLY C   OXT  sing N N 127 
GLY OXT HXT  sing N N 128 
GOL C1  O1   sing N N 129 
GOL C1  C2   sing N N 130 
GOL C1  H11  sing N N 131 
GOL C1  H12  sing N N 132 
GOL O1  HO1  sing N N 133 
GOL C2  O2   sing N N 134 
GOL C2  C3   sing N N 135 
GOL C2  H2   sing N N 136 
GOL O2  HO2  sing N N 137 
GOL C3  O3   sing N N 138 
GOL C3  H31  sing N N 139 
GOL C3  H32  sing N N 140 
GOL O3  HO3  sing N N 141 
HIS N   CA   sing N N 142 
HIS N   H    sing N N 143 
HIS N   H2   sing N N 144 
HIS CA  C    sing N N 145 
HIS CA  CB   sing N N 146 
HIS CA  HA   sing N N 147 
HIS C   O    doub N N 148 
HIS C   OXT  sing N N 149 
HIS CB  CG   sing N N 150 
HIS CB  HB2  sing N N 151 
HIS CB  HB3  sing N N 152 
HIS CG  ND1  sing Y N 153 
HIS CG  CD2  doub Y N 154 
HIS ND1 CE1  doub Y N 155 
HIS ND1 HD1  sing N N 156 
HIS CD2 NE2  sing Y N 157 
HIS CD2 HD2  sing N N 158 
HIS CE1 NE2  sing Y N 159 
HIS CE1 HE1  sing N N 160 
HIS NE2 HE2  sing N N 161 
HIS OXT HXT  sing N N 162 
HOH O   H1   sing N N 163 
HOH O   H2   sing N N 164 
ILE N   CA   sing N N 165 
ILE N   H    sing N N 166 
ILE N   H2   sing N N 167 
ILE CA  C    sing N N 168 
ILE CA  CB   sing N N 169 
ILE CA  HA   sing N N 170 
ILE C   O    doub N N 171 
ILE C   OXT  sing N N 172 
ILE CB  CG1  sing N N 173 
ILE CB  CG2  sing N N 174 
ILE CB  HB   sing N N 175 
ILE CG1 CD1  sing N N 176 
ILE CG1 HG12 sing N N 177 
ILE CG1 HG13 sing N N 178 
ILE CG2 HG21 sing N N 179 
ILE CG2 HG22 sing N N 180 
ILE CG2 HG23 sing N N 181 
ILE CD1 HD11 sing N N 182 
ILE CD1 HD12 sing N N 183 
ILE CD1 HD13 sing N N 184 
ILE OXT HXT  sing N N 185 
LEU N   CA   sing N N 186 
LEU N   H    sing N N 187 
LEU N   H2   sing N N 188 
LEU CA  C    sing N N 189 
LEU CA  CB   sing N N 190 
LEU CA  HA   sing N N 191 
LEU C   O    doub N N 192 
LEU C   OXT  sing N N 193 
LEU CB  CG   sing N N 194 
LEU CB  HB2  sing N N 195 
LEU CB  HB3  sing N N 196 
LEU CG  CD1  sing N N 197 
LEU CG  CD2  sing N N 198 
LEU CG  HG   sing N N 199 
LEU CD1 HD11 sing N N 200 
LEU CD1 HD12 sing N N 201 
LEU CD1 HD13 sing N N 202 
LEU CD2 HD21 sing N N 203 
LEU CD2 HD22 sing N N 204 
LEU CD2 HD23 sing N N 205 
LEU OXT HXT  sing N N 206 
LYS N   CA   sing N N 207 
LYS N   H    sing N N 208 
LYS N   H2   sing N N 209 
LYS CA  C    sing N N 210 
LYS CA  CB   sing N N 211 
LYS CA  HA   sing N N 212 
LYS C   O    doub N N 213 
LYS C   OXT  sing N N 214 
LYS CB  CG   sing N N 215 
LYS CB  HB2  sing N N 216 
LYS CB  HB3  sing N N 217 
LYS CG  CD   sing N N 218 
LYS CG  HG2  sing N N 219 
LYS CG  HG3  sing N N 220 
LYS CD  CE   sing N N 221 
LYS CD  HD2  sing N N 222 
LYS CD  HD3  sing N N 223 
LYS CE  NZ   sing N N 224 
LYS CE  HE2  sing N N 225 
LYS CE  HE3  sing N N 226 
LYS NZ  HZ1  sing N N 227 
LYS NZ  HZ2  sing N N 228 
LYS NZ  HZ3  sing N N 229 
LYS OXT HXT  sing N N 230 
MET N   CA   sing N N 231 
MET N   H    sing N N 232 
MET N   H2   sing N N 233 
MET CA  C    sing N N 234 
MET CA  CB   sing N N 235 
MET CA  HA   sing N N 236 
MET C   O    doub N N 237 
MET C   OXT  sing N N 238 
MET CB  CG   sing N N 239 
MET CB  HB2  sing N N 240 
MET CB  HB3  sing N N 241 
MET CG  SD   sing N N 242 
MET CG  HG2  sing N N 243 
MET CG  HG3  sing N N 244 
MET SD  CE   sing N N 245 
MET CE  HE1  sing N N 246 
MET CE  HE2  sing N N 247 
MET CE  HE3  sing N N 248 
MET OXT HXT  sing N N 249 
PHE N   CA   sing N N 250 
PHE N   H    sing N N 251 
PHE N   H2   sing N N 252 
PHE CA  C    sing N N 253 
PHE CA  CB   sing N N 254 
PHE CA  HA   sing N N 255 
PHE C   O    doub N N 256 
PHE C   OXT  sing N N 257 
PHE CB  CG   sing N N 258 
PHE CB  HB2  sing N N 259 
PHE CB  HB3  sing N N 260 
PHE CG  CD1  doub Y N 261 
PHE CG  CD2  sing Y N 262 
PHE CD1 CE1  sing Y N 263 
PHE CD1 HD1  sing N N 264 
PHE CD2 CE2  doub Y N 265 
PHE CD2 HD2  sing N N 266 
PHE CE1 CZ   doub Y N 267 
PHE CE1 HE1  sing N N 268 
PHE CE2 CZ   sing Y N 269 
PHE CE2 HE2  sing N N 270 
PHE CZ  HZ   sing N N 271 
PHE OXT HXT  sing N N 272 
PRO N   CA   sing N N 273 
PRO N   CD   sing N N 274 
PRO N   H    sing N N 275 
PRO CA  C    sing N N 276 
PRO CA  CB   sing N N 277 
PRO CA  HA   sing N N 278 
PRO C   O    doub N N 279 
PRO C   OXT  sing N N 280 
PRO CB  CG   sing N N 281 
PRO CB  HB2  sing N N 282 
PRO CB  HB3  sing N N 283 
PRO CG  CD   sing N N 284 
PRO CG  HG2  sing N N 285 
PRO CG  HG3  sing N N 286 
PRO CD  HD2  sing N N 287 
PRO CD  HD3  sing N N 288 
PRO OXT HXT  sing N N 289 
SER N   CA   sing N N 290 
SER N   H    sing N N 291 
SER N   H2   sing N N 292 
SER CA  C    sing N N 293 
SER CA  CB   sing N N 294 
SER CA  HA   sing N N 295 
SER C   O    doub N N 296 
SER C   OXT  sing N N 297 
SER CB  OG   sing N N 298 
SER CB  HB2  sing N N 299 
SER CB  HB3  sing N N 300 
SER OG  HG   sing N N 301 
SER OXT HXT  sing N N 302 
THR N   CA   sing N N 303 
THR N   H    sing N N 304 
THR N   H2   sing N N 305 
THR CA  C    sing N N 306 
THR CA  CB   sing N N 307 
THR CA  HA   sing N N 308 
THR C   O    doub N N 309 
THR C   OXT  sing N N 310 
THR CB  OG1  sing N N 311 
THR CB  CG2  sing N N 312 
THR CB  HB   sing N N 313 
THR OG1 HG1  sing N N 314 
THR CG2 HG21 sing N N 315 
THR CG2 HG22 sing N N 316 
THR CG2 HG23 sing N N 317 
THR OXT HXT  sing N N 318 
TRP N   CA   sing N N 319 
TRP N   H    sing N N 320 
TRP N   H2   sing N N 321 
TRP CA  C    sing N N 322 
TRP CA  CB   sing N N 323 
TRP CA  HA   sing N N 324 
TRP C   O    doub N N 325 
TRP C   OXT  sing N N 326 
TRP CB  CG   sing N N 327 
TRP CB  HB2  sing N N 328 
TRP CB  HB3  sing N N 329 
TRP CG  CD1  doub Y N 330 
TRP CG  CD2  sing Y N 331 
TRP CD1 NE1  sing Y N 332 
TRP CD1 HD1  sing N N 333 
TRP CD2 CE2  doub Y N 334 
TRP CD2 CE3  sing Y N 335 
TRP NE1 CE2  sing Y N 336 
TRP NE1 HE1  sing N N 337 
TRP CE2 CZ2  sing Y N 338 
TRP CE3 CZ3  doub Y N 339 
TRP CE3 HE3  sing N N 340 
TRP CZ2 CH2  doub Y N 341 
TRP CZ2 HZ2  sing N N 342 
TRP CZ3 CH2  sing Y N 343 
TRP CZ3 HZ3  sing N N 344 
TRP CH2 HH2  sing N N 345 
TRP OXT HXT  sing N N 346 
TYR N   CA   sing N N 347 
TYR N   H    sing N N 348 
TYR N   H2   sing N N 349 
TYR CA  C    sing N N 350 
TYR CA  CB   sing N N 351 
TYR CA  HA   sing N N 352 
TYR C   O    doub N N 353 
TYR C   OXT  sing N N 354 
TYR CB  CG   sing N N 355 
TYR CB  HB2  sing N N 356 
TYR CB  HB3  sing N N 357 
TYR CG  CD1  doub Y N 358 
TYR CG  CD2  sing Y N 359 
TYR CD1 CE1  sing Y N 360 
TYR CD1 HD1  sing N N 361 
TYR CD2 CE2  doub Y N 362 
TYR CD2 HD2  sing N N 363 
TYR CE1 CZ   doub Y N 364 
TYR CE1 HE1  sing N N 365 
TYR CE2 CZ   sing Y N 366 
TYR CE2 HE2  sing N N 367 
TYR CZ  OH   sing N N 368 
TYR OH  HH   sing N N 369 
TYR OXT HXT  sing N N 370 
VAL N   CA   sing N N 371 
VAL N   H    sing N N 372 
VAL N   H2   sing N N 373 
VAL CA  C    sing N N 374 
VAL CA  CB   sing N N 375 
VAL CA  HA   sing N N 376 
VAL C   O    doub N N 377 
VAL C   OXT  sing N N 378 
VAL CB  CG1  sing N N 379 
VAL CB  CG2  sing N N 380 
VAL CB  HB   sing N N 381 
VAL CG1 HG11 sing N N 382 
VAL CG1 HG12 sing N N 383 
VAL CG1 HG13 sing N N 384 
VAL CG2 HG21 sing N N 385 
VAL CG2 HG22 sing N N 386 
VAL CG2 HG23 sing N N 387 
VAL OXT HXT  sing N N 388 
# 
loop_
_pdbx_entity_nonpoly.entity_id 
_pdbx_entity_nonpoly.name 
_pdbx_entity_nonpoly.comp_id 
2 GLYCEROL GOL 
3 water    HOH 
# 
_pdbx_initial_refinement_model.id               1 
_pdbx_initial_refinement_model.entity_id_list   ? 
_pdbx_initial_refinement_model.type             'experimental model' 
_pdbx_initial_refinement_model.source_name      PDB 
_pdbx_initial_refinement_model.accession_code   1SFE 
_pdbx_initial_refinement_model.details          'PDB ENTRY 1SFE' 
# 
